data_2ROW
#
_entry.id   2ROW
#
loop_
_entity.id
_entity.type
_entity.pdbx_description
1 polymer 'Rho-associated protein kinase 2'
2 non-polymer 'ZINC ION'
#
_entity_poly.entity_id   1
_entity_poly.type   'polypeptide(L)'
_entity_poly.pdbx_seq_one_letter_code
;ESKKEPEFPVEPVGEKSNYICHKGHEFIPTLYHFPTNCEACMKPLWHMFKPPPALECRRCHIKCHKDHMDKKEEIIAPCK
VYYD
;
_entity_poly.pdbx_strand_id   A
#
loop_
_chem_comp.id
_chem_comp.type
_chem_comp.name
_chem_comp.formula
ZN non-polymer 'ZINC ION' 'Zn 2'
#
# COMPACT_ATOMS: atom_id res chain seq x y z
N GLU A 1 20.75 23.92 7.82
CA GLU A 1 19.45 23.44 8.36
C GLU A 1 19.20 21.98 8.00
N SER A 2 19.80 21.55 6.89
CA SER A 2 19.63 20.16 6.44
C SER A 2 20.90 19.36 6.71
N LYS A 3 20.89 18.61 7.81
CA LYS A 3 22.05 17.79 8.18
C LYS A 3 21.61 16.38 8.56
N LYS A 4 20.53 15.91 7.95
CA LYS A 4 20.01 14.58 8.24
C LYS A 4 19.52 13.90 6.97
N GLU A 5 20.35 13.02 6.40
CA GLU A 5 20.00 12.31 5.19
C GLU A 5 18.89 11.28 5.45
N PRO A 6 17.86 11.25 4.60
CA PRO A 6 16.74 10.31 4.74
C PRO A 6 17.11 8.89 4.34
N GLU A 7 16.11 8.04 4.20
CA GLU A 7 16.34 6.65 3.81
C GLU A 7 15.58 6.31 2.53
N PHE A 8 15.74 7.16 1.51
CA PHE A 8 15.08 6.95 0.23
C PHE A 8 13.56 6.95 0.41
N PRO A 9 12.96 8.12 0.69
CA PRO A 9 11.52 8.24 0.88
C PRO A 9 10.76 8.24 -0.44
N VAL A 10 9.43 8.28 -0.35
CA VAL A 10 8.58 8.29 -1.54
C VAL A 10 7.35 9.15 -1.32
N GLU A 11 7.25 10.23 -2.10
CA GLU A 11 6.11 11.14 -1.99
C GLU A 11 5.04 10.81 -3.03
N PRO A 12 3.97 10.10 -2.62
CA PRO A 12 2.87 9.73 -3.53
C PRO A 12 2.06 10.94 -3.99
N VAL A 13 0.90 10.67 -4.58
CA VAL A 13 0.04 11.74 -5.07
C VAL A 13 -0.46 12.60 -3.91
N GLY A 14 -0.06 13.86 -3.92
CA GLY A 14 -0.49 14.77 -2.86
C GLY A 14 -1.79 15.48 -3.18
N GLU A 15 -2.15 15.51 -4.46
CA GLU A 15 -3.37 16.18 -4.89
C GLU A 15 -4.59 15.63 -4.14
N LYS A 16 -4.80 14.32 -4.24
CA LYS A 16 -5.92 13.68 -3.57
C LYS A 16 -5.52 12.28 -3.09
N SER A 17 -4.98 12.22 -1.88
CA SER A 17 -4.56 10.94 -1.31
C SER A 17 -5.65 10.36 -0.40
N ASN A 18 -6.48 9.50 -0.96
CA ASN A 18 -7.56 8.88 -0.21
C ASN A 18 -7.02 7.73 0.65
N TYR A 19 -7.88 7.14 1.48
CA TYR A 19 -7.47 6.04 2.34
C TYR A 19 -8.50 4.92 2.32
N ILE A 20 -8.07 3.73 1.90
CA ILE A 20 -8.94 2.57 1.83
C ILE A 20 -9.16 1.99 3.23
N CYS A 21 -10.36 2.22 3.76
CA CYS A 21 -10.70 1.73 5.10
C CYS A 21 -10.98 0.23 5.07
N HIS A 22 -10.44 -0.48 6.05
CA HIS A 22 -10.62 -1.92 6.14
C HIS A 22 -10.47 -2.39 7.58
N LYS A 23 -10.52 -3.71 7.79
CA LYS A 23 -10.40 -4.29 9.12
C LYS A 23 -9.15 -3.75 9.84
N GLY A 24 -9.32 -2.67 10.58
CA GLY A 24 -8.20 -2.09 11.30
C GLY A 24 -7.08 -1.65 10.38
N HIS A 25 -7.36 -1.57 9.08
CA HIS A 25 -6.35 -1.17 8.11
C HIS A 25 -6.83 -0.01 7.24
N GLU A 26 -5.95 0.96 7.05
CA GLU A 26 -6.25 2.13 6.23
C GLU A 26 -5.21 2.27 5.12
N PHE A 27 -5.37 1.46 4.07
CA PHE A 27 -4.44 1.48 2.95
C PHE A 27 -4.54 2.79 2.17
N ILE A 28 -3.49 3.07 1.40
CA ILE A 28 -3.45 4.29 0.62
C ILE A 28 -3.05 4.00 -0.83
N PRO A 29 -3.79 4.57 -1.80
CA PRO A 29 -3.52 4.36 -3.22
C PRO A 29 -2.22 5.02 -3.65
N THR A 30 -1.25 4.21 -4.05
CA THR A 30 0.03 4.72 -4.49
C THR A 30 0.75 3.71 -5.36
N LEU A 31 1.78 4.17 -6.07
CA LEU A 31 2.56 3.30 -6.95
C LEU A 31 3.97 3.12 -6.40
N TYR A 32 4.62 2.05 -6.81
CA TYR A 32 5.98 1.76 -6.35
C TYR A 32 6.86 1.29 -7.49
N HIS A 33 7.61 2.22 -8.08
CA HIS A 33 8.51 1.89 -9.18
C HIS A 33 9.65 0.99 -8.71
N PHE A 34 9.84 0.90 -7.41
CA PHE A 34 10.89 0.08 -6.84
C PHE A 34 10.33 -1.25 -6.34
N PRO A 35 11.21 -2.22 -6.04
CA PRO A 35 10.80 -3.54 -5.57
C PRO A 35 10.04 -3.48 -4.23
N THR A 36 8.72 -3.53 -4.30
CA THR A 36 7.89 -3.50 -3.10
C THR A 36 7.19 -4.84 -2.91
N ASN A 37 7.15 -5.32 -1.67
CA ASN A 37 6.53 -6.60 -1.38
C ASN A 37 5.14 -6.42 -0.79
N CYS A 38 4.18 -7.21 -1.30
CA CYS A 38 2.81 -7.15 -0.81
C CYS A 38 2.70 -7.86 0.54
N GLU A 39 1.81 -7.37 1.40
CA GLU A 39 1.63 -7.97 2.72
C GLU A 39 0.63 -9.13 2.68
N ALA A 40 -0.37 -9.02 1.81
CA ALA A 40 -1.38 -10.07 1.69
C ALA A 40 -0.77 -11.39 1.23
N CYS A 41 -0.68 -11.59 -0.09
CA CYS A 41 -0.13 -12.82 -0.64
C CYS A 41 1.40 -12.79 -0.61
N MET A 42 2.02 -13.73 -1.31
CA MET A 42 3.48 -13.81 -1.36
C MET A 42 3.99 -13.59 -2.78
N LYS A 43 3.66 -12.42 -3.34
CA LYS A 43 4.09 -12.07 -4.69
C LYS A 43 4.72 -10.69 -4.71
N PRO A 44 5.54 -10.40 -5.74
CA PRO A 44 6.21 -9.10 -5.87
C PRO A 44 5.24 -7.98 -6.24
N LEU A 45 5.40 -6.84 -5.59
CA LEU A 45 4.56 -5.68 -5.83
C LEU A 45 5.39 -4.51 -6.36
N TRP A 46 5.30 -4.25 -7.66
CA TRP A 46 6.04 -3.17 -8.29
C TRP A 46 5.99 -3.27 -9.81
N HIS A 47 6.67 -2.35 -10.49
CA HIS A 47 6.71 -2.34 -11.95
C HIS A 47 7.55 -1.17 -12.46
N MET A 48 8.44 -1.44 -13.39
CA MET A 48 9.30 -0.42 -13.96
C MET A 48 8.58 0.35 -15.06
N PHE A 49 7.82 -0.36 -15.89
CA PHE A 49 7.09 0.27 -16.97
C PHE A 49 5.78 0.87 -16.48
N LYS A 50 4.80 0.01 -16.21
CA LYS A 50 3.50 0.45 -15.73
C LYS A 50 3.23 -0.04 -14.31
N PRO A 51 3.53 0.80 -13.30
CA PRO A 51 3.32 0.44 -11.89
C PRO A 51 1.84 0.28 -11.55
N PRO A 52 1.44 -0.90 -11.04
CA PRO A 52 0.05 -1.17 -10.68
C PRO A 52 -0.38 -0.40 -9.44
N PRO A 53 -1.68 -0.07 -9.33
CA PRO A 53 -2.21 0.66 -8.17
C PRO A 53 -2.01 -0.11 -6.88
N ALA A 54 -0.90 0.16 -6.20
CA ALA A 54 -0.58 -0.52 -4.95
C ALA A 54 -1.14 0.26 -3.75
N LEU A 55 -1.61 -0.47 -2.74
CA LEU A 55 -2.16 0.15 -1.56
C LEU A 55 -1.20 0.05 -0.38
N GLU A 56 -0.67 1.18 0.05
CA GLU A 56 0.27 1.23 1.16
C GLU A 56 -0.44 1.61 2.46
N CYS A 57 -0.06 0.95 3.55
CA CYS A 57 -0.66 1.24 4.85
C CYS A 57 -0.04 2.48 5.46
N ARG A 58 -0.89 3.36 6.00
CA ARG A 58 -0.42 4.58 6.63
C ARG A 58 -0.25 4.39 8.13
N ARG A 59 0.08 3.17 8.54
CA ARG A 59 0.27 2.86 9.95
C ARG A 59 1.52 2.00 10.16
N CYS A 60 1.44 0.73 9.79
CA CYS A 60 2.58 -0.18 9.93
C CYS A 60 3.52 -0.10 8.73
N HIS A 61 3.12 0.64 7.70
CA HIS A 61 3.94 0.80 6.50
C HIS A 61 4.05 -0.51 5.72
N ILE A 62 3.02 -0.78 4.93
CA ILE A 62 2.99 -1.99 4.12
C ILE A 62 2.43 -1.66 2.74
N LYS A 63 2.23 -2.69 1.91
CA LYS A 63 1.71 -2.48 0.57
C LYS A 63 0.90 -3.69 0.10
N CYS A 64 -0.12 -3.42 -0.70
CA CYS A 64 -0.97 -4.48 -1.23
C CYS A 64 -1.67 -4.02 -2.50
N HIS A 65 -1.45 -4.73 -3.60
CA HIS A 65 -2.08 -4.38 -4.89
C HIS A 65 -3.54 -3.98 -4.68
N LYS A 66 -3.94 -2.89 -5.30
CA LYS A 66 -5.31 -2.43 -5.22
C LYS A 66 -6.23 -3.59 -5.59
N ASP A 67 -5.74 -4.47 -6.47
CA ASP A 67 -6.49 -5.63 -6.92
C ASP A 67 -7.07 -6.43 -5.75
N HIS A 68 -6.24 -6.70 -4.73
CA HIS A 68 -6.72 -7.47 -3.57
C HIS A 68 -8.01 -6.89 -3.01
N MET A 69 -8.01 -5.59 -2.75
CA MET A 69 -9.18 -4.91 -2.20
C MET A 69 -10.36 -4.99 -3.16
N ASP A 70 -10.09 -4.70 -4.44
CA ASP A 70 -11.13 -4.74 -5.46
C ASP A 70 -11.73 -6.13 -5.59
N LYS A 71 -10.91 -7.14 -5.30
CA LYS A 71 -11.35 -8.54 -5.39
C LYS A 71 -11.84 -9.05 -4.04
N LYS A 72 -11.44 -8.38 -2.97
CA LYS A 72 -11.84 -8.77 -1.63
C LYS A 72 -11.28 -10.15 -1.28
N GLU A 73 -9.98 -10.20 -1.01
CA GLU A 73 -9.32 -11.46 -0.66
C GLU A 73 -9.11 -11.58 0.84
N GLU A 74 -9.56 -12.69 1.42
CA GLU A 74 -9.42 -12.92 2.85
C GLU A 74 -7.95 -12.87 3.27
N ILE A 75 -7.06 -13.10 2.31
CA ILE A 75 -5.62 -13.08 2.57
C ILE A 75 -5.21 -11.84 3.36
N ILE A 76 -5.88 -10.72 3.11
CA ILE A 76 -5.58 -9.47 3.79
C ILE A 76 -5.90 -9.58 5.28
N ALA A 77 -5.00 -9.07 6.12
CA ALA A 77 -5.20 -9.10 7.56
C ALA A 77 -5.25 -7.70 8.13
N PRO A 78 -5.73 -7.57 9.38
CA PRO A 78 -5.84 -6.28 10.07
C PRO A 78 -4.47 -5.70 10.42
N CYS A 79 -4.41 -4.39 10.61
CA CYS A 79 -3.16 -3.73 10.96
C CYS A 79 -2.66 -4.24 12.30
N LYS A 80 -1.33 -4.30 12.46
CA LYS A 80 -0.73 -4.78 13.69
C LYS A 80 -0.35 -3.63 14.62
N VAL A 81 0.19 -2.56 14.06
CA VAL A 81 0.60 -1.40 14.85
C VAL A 81 -0.60 -0.77 15.57
N TYR A 82 -1.80 -1.02 15.05
CA TYR A 82 -3.01 -0.47 15.65
C TYR A 82 -3.54 -1.39 16.75
N TYR A 83 -2.68 -1.72 17.70
CA TYR A 83 -3.06 -2.59 18.81
C TYR A 83 -1.90 -2.79 19.77
N ASP A 84 -0.73 -3.14 19.22
CA ASP A 84 0.46 -3.35 20.02
C ASP A 84 0.84 -2.10 20.80
ZN ZN B . -0.91 -1.58 8.71
ZN ZN C . -0.59 -9.78 -2.90
N GLU A 1 7.84 19.83 -17.73
CA GLU A 1 6.47 19.25 -17.55
C GLU A 1 6.44 17.78 -17.94
N SER A 2 6.90 17.48 -19.15
CA SER A 2 6.92 16.12 -19.65
C SER A 2 5.51 15.54 -19.72
N LYS A 3 4.90 15.60 -20.89
CA LYS A 3 3.55 15.09 -21.09
C LYS A 3 2.56 15.82 -20.19
N LYS A 4 1.27 15.57 -20.40
CA LYS A 4 0.23 16.19 -19.61
C LYS A 4 -1.09 15.42 -19.72
N GLU A 5 -1.41 14.65 -18.69
CA GLU A 5 -2.64 13.87 -18.68
C GLU A 5 -3.82 14.72 -18.24
N PRO A 6 -4.92 14.73 -19.03
CA PRO A 6 -6.12 15.50 -18.71
C PRO A 6 -6.67 15.16 -17.33
N GLU A 7 -7.27 16.15 -16.68
CA GLU A 7 -7.85 15.96 -15.36
C GLU A 7 -6.77 15.62 -14.34
N PHE A 8 -6.78 16.33 -13.22
CA PHE A 8 -5.79 16.12 -12.16
C PHE A 8 -6.39 15.32 -11.02
N PRO A 9 -6.45 13.98 -11.15
CA PRO A 9 -7.01 13.10 -10.11
C PRO A 9 -6.19 13.13 -8.83
N VAL A 10 -6.55 12.28 -7.87
CA VAL A 10 -5.85 12.21 -6.60
C VAL A 10 -4.47 11.59 -6.77
N GLU A 11 -3.45 12.44 -6.82
CA GLU A 11 -2.07 11.97 -6.99
C GLU A 11 -1.45 11.61 -5.64
N PRO A 12 -1.14 10.33 -5.41
CA PRO A 12 -0.53 9.86 -4.16
C PRO A 12 0.77 10.58 -3.84
N VAL A 13 1.29 10.36 -2.65
CA VAL A 13 2.54 10.98 -2.23
C VAL A 13 2.44 12.51 -2.28
N GLY A 14 1.24 13.03 -2.10
CA GLY A 14 1.03 14.46 -2.15
C GLY A 14 0.15 14.96 -1.01
N GLU A 15 -0.50 16.09 -1.23
CA GLU A 15 -1.38 16.67 -0.22
C GLU A 15 -2.72 15.92 -0.16
N LYS A 16 -3.17 15.44 -1.31
CA LYS A 16 -4.44 14.71 -1.39
C LYS A 16 -4.19 13.24 -1.69
N SER A 17 -4.76 12.37 -0.86
CA SER A 17 -4.61 10.93 -1.05
C SER A 17 -5.67 10.17 -0.27
N ASN A 18 -6.56 9.49 -0.99
CA ASN A 18 -7.63 8.72 -0.37
C ASN A 18 -7.06 7.63 0.54
N TYR A 19 -7.94 6.94 1.25
CA TYR A 19 -7.51 5.87 2.16
C TYR A 19 -8.54 4.75 2.22
N ILE A 20 -8.11 3.56 1.81
CA ILE A 20 -8.98 2.39 1.81
C ILE A 20 -9.16 1.87 3.24
N CYS A 21 -10.33 2.11 3.81
CA CYS A 21 -10.64 1.67 5.16
C CYS A 21 -10.98 0.18 5.18
N HIS A 22 -10.46 -0.53 6.17
CA HIS A 22 -10.70 -1.96 6.29
C HIS A 22 -10.51 -2.42 7.73
N LYS A 23 -10.49 -3.75 7.92
CA LYS A 23 -10.33 -4.34 9.25
C LYS A 23 -9.08 -3.78 9.93
N GLY A 24 -9.23 -2.68 10.65
CA GLY A 24 -8.10 -2.08 11.34
C GLY A 24 -7.01 -1.62 10.40
N HIS A 25 -7.31 -1.59 9.10
CA HIS A 25 -6.32 -1.17 8.12
C HIS A 25 -6.82 -0.03 7.25
N GLU A 26 -5.93 0.94 7.00
CA GLU A 26 -6.26 2.10 6.17
C GLU A 26 -5.23 2.25 5.06
N PHE A 27 -5.36 1.42 4.02
CA PHE A 27 -4.44 1.44 2.89
C PHE A 27 -4.58 2.73 2.09
N ILE A 28 -3.55 3.03 1.32
CA ILE A 28 -3.54 4.24 0.51
C ILE A 28 -3.20 3.94 -0.94
N PRO A 29 -4.00 4.46 -1.88
CA PRO A 29 -3.79 4.23 -3.32
C PRO A 29 -2.54 4.93 -3.81
N THR A 30 -1.54 4.16 -4.19
CA THR A 30 -0.29 4.71 -4.69
C THR A 30 0.46 3.72 -5.57
N LEU A 31 1.51 4.19 -6.24
CA LEU A 31 2.32 3.36 -7.10
C LEU A 31 3.73 3.21 -6.53
N TYR A 32 4.41 2.14 -6.94
CA TYR A 32 5.77 1.88 -6.46
C TYR A 32 6.69 1.50 -7.60
N HIS A 33 7.58 2.41 -7.98
CA HIS A 33 8.51 2.16 -9.06
C HIS A 33 9.70 1.32 -8.59
N PHE A 34 9.76 1.06 -7.28
CA PHE A 34 10.85 0.26 -6.72
C PHE A 34 10.34 -1.09 -6.24
N PRO A 35 11.25 -2.01 -5.90
CA PRO A 35 10.89 -3.35 -5.43
C PRO A 35 10.14 -3.32 -4.10
N THR A 36 8.83 -3.58 -4.16
CA THR A 36 8.00 -3.60 -2.96
C THR A 36 7.32 -4.96 -2.80
N ASN A 37 7.23 -5.43 -1.57
CA ASN A 37 6.61 -6.72 -1.28
C ASN A 37 5.21 -6.55 -0.71
N CYS A 38 4.30 -7.42 -1.13
CA CYS A 38 2.92 -7.36 -0.65
C CYS A 38 2.78 -8.16 0.64
N GLU A 39 1.87 -7.71 1.51
CA GLU A 39 1.63 -8.37 2.78
C GLU A 39 0.59 -9.49 2.65
N ALA A 40 -0.43 -9.25 1.83
CA ALA A 40 -1.49 -10.23 1.62
C ALA A 40 -0.92 -11.56 1.12
N CYS A 41 -0.72 -11.67 -0.20
CA CYS A 41 -0.19 -12.90 -0.79
C CYS A 41 1.33 -12.92 -0.70
N MET A 42 1.95 -13.81 -1.48
CA MET A 42 3.41 -13.94 -1.48
C MET A 42 3.98 -13.65 -2.86
N LYS A 43 3.53 -12.55 -3.47
CA LYS A 43 4.00 -12.17 -4.80
C LYS A 43 4.66 -10.79 -4.77
N PRO A 44 5.49 -10.48 -5.77
CA PRO A 44 6.20 -9.20 -5.85
C PRO A 44 5.25 -8.04 -6.16
N LEU A 45 5.50 -6.89 -5.52
CA LEU A 45 4.67 -5.72 -5.73
C LEU A 45 5.53 -4.54 -6.23
N TRP A 46 5.47 -4.30 -7.54
CA TRP A 46 6.23 -3.21 -8.15
C TRP A 46 6.19 -3.30 -9.67
N HIS A 47 6.89 -2.38 -10.33
CA HIS A 47 6.94 -2.34 -11.78
C HIS A 47 7.84 -1.20 -12.25
N MET A 48 8.58 -1.44 -13.34
CA MET A 48 9.47 -0.43 -13.89
C MET A 48 8.77 0.42 -14.95
N PHE A 49 7.99 -0.23 -15.80
CA PHE A 49 7.28 0.46 -16.86
C PHE A 49 5.98 1.07 -16.34
N LYS A 50 4.95 0.24 -16.18
CA LYS A 50 3.66 0.69 -15.70
C LYS A 50 3.35 0.14 -14.31
N PRO A 51 3.65 0.91 -13.25
CA PRO A 51 3.41 0.47 -11.86
C PRO A 51 1.91 0.34 -11.56
N PRO A 52 1.49 -0.84 -11.07
CA PRO A 52 0.08 -1.08 -10.74
C PRO A 52 -0.35 -0.34 -9.48
N PRO A 53 -1.67 -0.07 -9.34
CA PRO A 53 -2.21 0.64 -8.18
C PRO A 53 -2.01 -0.15 -6.89
N ALA A 54 -0.90 0.12 -6.20
CA ALA A 54 -0.59 -0.55 -4.96
C ALA A 54 -1.13 0.22 -3.76
N LEU A 55 -1.68 -0.51 -2.80
CA LEU A 55 -2.24 0.11 -1.60
C LEU A 55 -1.28 0.02 -0.43
N GLU A 56 -0.72 1.15 -0.03
CA GLU A 56 0.23 1.20 1.07
C GLU A 56 -0.47 1.59 2.37
N CYS A 57 -0.08 0.95 3.46
CA CYS A 57 -0.67 1.24 4.76
C CYS A 57 -0.03 2.48 5.37
N ARG A 58 -0.86 3.38 5.89
CA ARG A 58 -0.38 4.60 6.50
C ARG A 58 -0.21 4.43 8.01
N ARG A 59 0.11 3.21 8.43
CA ARG A 59 0.30 2.90 9.85
C ARG A 59 1.55 2.04 10.05
N CYS A 60 1.47 0.76 9.68
CA CYS A 60 2.60 -0.15 9.83
C CYS A 60 3.54 -0.09 8.62
N HIS A 61 3.14 0.65 7.59
CA HIS A 61 3.95 0.77 6.38
C HIS A 61 4.04 -0.54 5.63
N ILE A 62 3.00 -0.83 4.85
CA ILE A 62 2.93 -2.04 4.05
C ILE A 62 2.35 -1.72 2.68
N LYS A 63 2.22 -2.73 1.82
CA LYS A 63 1.68 -2.52 0.49
C LYS A 63 0.92 -3.75 0.01
N CYS A 64 -0.15 -3.52 -0.75
CA CYS A 64 -0.95 -4.60 -1.29
C CYS A 64 -1.76 -4.14 -2.50
N HIS A 65 -1.43 -4.69 -3.67
CA HIS A 65 -2.12 -4.34 -4.92
C HIS A 65 -3.58 -3.98 -4.69
N LYS A 66 -4.01 -2.89 -5.31
CA LYS A 66 -5.39 -2.47 -5.22
C LYS A 66 -6.30 -3.65 -5.57
N ASP A 67 -5.79 -4.51 -6.45
CA ASP A 67 -6.52 -5.69 -6.89
C ASP A 67 -7.08 -6.48 -5.70
N HIS A 68 -6.25 -6.73 -4.69
CA HIS A 68 -6.71 -7.49 -3.51
C HIS A 68 -8.00 -6.89 -2.95
N MET A 69 -7.97 -5.59 -2.68
CA MET A 69 -9.13 -4.90 -2.12
C MET A 69 -10.30 -4.94 -3.11
N ASP A 70 -10.03 -4.54 -4.35
CA ASP A 70 -11.06 -4.53 -5.39
C ASP A 70 -11.68 -5.91 -5.56
N LYS A 71 -10.89 -6.94 -5.28
CA LYS A 71 -11.36 -8.32 -5.40
C LYS A 71 -11.88 -8.85 -4.06
N LYS A 72 -11.51 -8.17 -2.97
CA LYS A 72 -11.94 -8.59 -1.64
C LYS A 72 -11.36 -9.95 -1.28
N GLU A 73 -10.10 -9.97 -0.88
CA GLU A 73 -9.43 -11.21 -0.52
C GLU A 73 -9.21 -11.29 0.99
N GLU A 74 -9.75 -12.34 1.60
CA GLU A 74 -9.61 -12.54 3.04
C GLU A 74 -8.15 -12.60 3.45
N ILE A 75 -7.28 -12.94 2.49
CA ILE A 75 -5.86 -13.05 2.74
C ILE A 75 -5.32 -11.83 3.50
N ILE A 76 -5.97 -10.69 3.31
CA ILE A 76 -5.57 -9.46 3.98
C ILE A 76 -5.93 -9.50 5.46
N ALA A 77 -4.95 -9.19 6.31
CA ALA A 77 -5.15 -9.19 7.75
C ALA A 77 -5.17 -7.77 8.30
N PRO A 78 -5.66 -7.61 9.54
CA PRO A 78 -5.74 -6.30 10.19
C PRO A 78 -4.36 -5.71 10.46
N CYS A 79 -4.30 -4.38 10.60
CA CYS A 79 -3.04 -3.69 10.86
C CYS A 79 -2.39 -4.23 12.13
N LYS A 80 -1.07 -4.26 12.15
CA LYS A 80 -0.33 -4.76 13.31
C LYS A 80 -0.05 -3.65 14.33
N VAL A 81 0.32 -2.47 13.84
CA VAL A 81 0.61 -1.35 14.73
C VAL A 81 -0.66 -0.81 15.41
N TYR A 82 -1.82 -1.30 14.99
CA TYR A 82 -3.09 -0.86 15.57
C TYR A 82 -3.02 -0.86 17.10
N TYR A 83 -2.20 -1.75 17.65
CA TYR A 83 -2.05 -1.86 19.09
C TYR A 83 -0.71 -1.28 19.55
N ASP A 84 0.37 -1.89 19.08
CA ASP A 84 1.72 -1.44 19.44
C ASP A 84 1.93 0.00 18.99
ZN ZN B . -0.88 -1.54 8.66
ZN ZN C . -0.55 -9.71 -2.92
N GLU A 1 25.27 -0.53 4.07
CA GLU A 1 24.83 -0.40 5.49
C GLU A 1 24.68 -1.76 6.15
N SER A 2 25.27 -1.92 7.32
CA SER A 2 25.19 -3.18 8.06
C SER A 2 24.24 -3.06 9.24
N LYS A 3 23.91 -4.20 9.84
CA LYS A 3 23.01 -4.23 10.98
C LYS A 3 21.64 -3.66 10.62
N LYS A 4 20.69 -4.56 10.34
CA LYS A 4 19.34 -4.15 9.97
C LYS A 4 19.36 -3.32 8.69
N GLU A 5 18.80 -3.89 7.62
CA GLU A 5 18.75 -3.21 6.34
C GLU A 5 17.73 -2.08 6.35
N PRO A 6 18.03 -0.94 5.72
CA PRO A 6 17.12 0.20 5.67
C PRO A 6 15.97 -0.01 4.69
N GLU A 7 15.21 1.06 4.43
CA GLU A 7 14.08 0.99 3.52
C GLU A 7 13.43 2.35 3.36
N PHE A 8 13.88 3.11 2.36
CA PHE A 8 13.34 4.44 2.10
C PHE A 8 12.49 4.45 0.83
N PRO A 9 11.16 4.23 0.96
CA PRO A 9 10.26 4.22 -0.19
C PRO A 9 10.09 5.60 -0.80
N VAL A 10 9.20 5.70 -1.80
CA VAL A 10 8.95 6.95 -2.47
C VAL A 10 7.79 7.70 -1.81
N GLU A 11 7.84 9.04 -1.87
CA GLU A 11 6.81 9.87 -1.28
C GLU A 11 5.62 10.02 -2.22
N PRO A 12 4.47 9.40 -1.89
CA PRO A 12 3.27 9.48 -2.72
C PRO A 12 2.61 10.85 -2.68
N VAL A 13 1.56 11.03 -3.48
CA VAL A 13 0.85 12.31 -3.53
C VAL A 13 0.21 12.63 -2.18
N GLY A 14 0.80 13.58 -1.46
CA GLY A 14 0.28 13.96 -0.17
C GLY A 14 -0.82 15.00 -0.27
N GLU A 15 -0.79 15.78 -1.33
CA GLU A 15 -1.79 16.83 -1.55
C GLU A 15 -3.20 16.23 -1.61
N LYS A 16 -3.30 15.03 -2.16
CA LYS A 16 -4.59 14.36 -2.28
C LYS A 16 -4.41 12.85 -2.37
N SER A 17 -4.65 12.16 -1.26
CA SER A 17 -4.52 10.70 -1.21
C SER A 17 -5.54 10.09 -0.26
N ASN A 18 -6.58 9.50 -0.83
CA ASN A 18 -7.63 8.86 -0.03
C ASN A 18 -7.07 7.73 0.81
N TYR A 19 -7.90 7.15 1.66
CA TYR A 19 -7.48 6.05 2.52
C TYR A 19 -8.50 4.92 2.50
N ILE A 20 -8.06 3.75 2.03
CA ILE A 20 -8.92 2.58 1.96
C ILE A 20 -9.10 1.95 3.33
N CYS A 21 -10.32 2.05 3.87
CA CYS A 21 -10.63 1.49 5.17
C CYS A 21 -10.90 0.00 5.05
N HIS A 22 -10.33 -0.78 5.96
CA HIS A 22 -10.51 -2.23 5.95
C HIS A 22 -10.04 -2.85 7.26
N LYS A 23 -11.00 -3.32 8.05
CA LYS A 23 -10.73 -3.98 9.35
C LYS A 23 -9.46 -3.43 10.01
N GLY A 24 -9.57 -2.29 10.67
CA GLY A 24 -8.43 -1.70 11.36
C GLY A 24 -7.30 -1.30 10.42
N HIS A 25 -7.55 -1.31 9.12
CA HIS A 25 -6.53 -0.94 8.16
C HIS A 25 -6.98 0.21 7.26
N GLU A 26 -6.09 1.19 7.10
CA GLU A 26 -6.37 2.35 6.26
C GLU A 26 -5.31 2.48 5.17
N PHE A 27 -5.35 1.57 4.21
CA PHE A 27 -4.39 1.58 3.11
C PHE A 27 -4.51 2.85 2.29
N ILE A 28 -3.45 3.16 1.55
CA ILE A 28 -3.43 4.37 0.73
C ILE A 28 -3.04 4.04 -0.71
N PRO A 29 -3.79 4.60 -1.68
CA PRO A 29 -3.52 4.36 -3.10
C PRO A 29 -2.23 5.02 -3.57
N THR A 30 -1.27 4.20 -3.96
CA THR A 30 0.01 4.70 -4.43
C THR A 30 0.68 3.70 -5.36
N LEU A 31 1.69 4.16 -6.09
CA LEU A 31 2.42 3.30 -7.03
C LEU A 31 3.87 3.12 -6.58
N TYR A 32 4.46 2.00 -6.95
CA TYR A 32 5.84 1.71 -6.59
C TYR A 32 6.65 1.26 -7.80
N HIS A 33 7.58 2.11 -8.24
CA HIS A 33 8.42 1.80 -9.39
C HIS A 33 9.58 0.89 -9.00
N PHE A 34 9.81 0.73 -7.70
CA PHE A 34 10.88 -0.12 -7.21
C PHE A 34 10.33 -1.44 -6.67
N PRO A 35 11.22 -2.39 -6.36
CA PRO A 35 10.81 -3.70 -5.84
C PRO A 35 10.09 -3.60 -4.50
N THR A 36 8.78 -3.86 -4.51
CA THR A 36 7.98 -3.81 -3.29
C THR A 36 7.28 -5.16 -3.07
N ASN A 37 7.43 -5.70 -1.87
CA ASN A 37 6.83 -6.99 -1.53
C ASN A 37 5.48 -6.79 -0.86
N CYS A 38 4.41 -7.18 -1.55
CA CYS A 38 3.06 -7.07 -1.02
C CYS A 38 2.96 -7.81 0.32
N GLU A 39 2.02 -7.39 1.15
CA GLU A 39 1.83 -8.01 2.47
C GLU A 39 0.84 -9.17 2.39
N ALA A 40 -0.19 -9.02 1.56
CA ALA A 40 -1.21 -10.05 1.41
C ALA A 40 -0.60 -11.38 0.97
N CYS A 41 -0.46 -11.58 -0.34
CA CYS A 41 0.10 -12.81 -0.88
C CYS A 41 1.62 -12.80 -0.81
N MET A 42 2.25 -13.73 -1.52
CA MET A 42 3.71 -13.83 -1.53
C MET A 42 4.30 -13.21 -2.80
N LYS A 43 3.52 -13.20 -3.88
CA LYS A 43 3.97 -12.64 -5.14
C LYS A 43 4.52 -11.23 -4.96
N PRO A 44 5.45 -10.81 -5.85
CA PRO A 44 6.06 -9.48 -5.78
C PRO A 44 5.07 -8.36 -6.14
N LEU A 45 5.49 -7.13 -5.88
CA LEU A 45 4.65 -5.97 -6.17
C LEU A 45 5.50 -4.79 -6.63
N TRP A 46 5.46 -4.50 -7.93
CA TRP A 46 6.23 -3.40 -8.51
C TRP A 46 6.14 -3.40 -10.03
N HIS A 47 6.83 -2.45 -10.65
CA HIS A 47 6.86 -2.33 -12.11
C HIS A 47 7.72 -1.14 -12.53
N MET A 48 8.53 -1.35 -13.57
CA MET A 48 9.42 -0.30 -14.06
C MET A 48 8.69 0.59 -15.08
N PHE A 49 7.85 -0.02 -15.90
CA PHE A 49 7.10 0.73 -16.90
C PHE A 49 5.79 1.27 -16.34
N LYS A 50 4.81 0.38 -16.20
CA LYS A 50 3.51 0.77 -15.67
C LYS A 50 3.27 0.16 -14.29
N PRO A 51 3.56 0.91 -13.21
CA PRO A 51 3.36 0.43 -11.84
C PRO A 51 1.89 0.25 -11.49
N PRO A 52 1.52 -0.93 -10.96
CA PRO A 52 0.13 -1.22 -10.60
C PRO A 52 -0.33 -0.45 -9.36
N PRO A 53 -1.64 -0.15 -9.26
CA PRO A 53 -2.20 0.58 -8.13
C PRO A 53 -2.05 -0.17 -6.82
N ALA A 54 -0.97 0.10 -6.09
CA ALA A 54 -0.72 -0.57 -4.82
C ALA A 54 -1.31 0.24 -3.67
N LEU A 55 -1.56 -0.43 -2.55
CA LEU A 55 -2.13 0.21 -1.38
C LEU A 55 -1.17 0.15 -0.20
N GLU A 56 -0.67 1.31 0.22
CA GLU A 56 0.27 1.38 1.33
C GLU A 56 -0.43 1.81 2.61
N CYS A 57 -0.18 1.08 3.70
CA CYS A 57 -0.79 1.39 4.98
C CYS A 57 -0.13 2.63 5.59
N ARG A 58 -0.95 3.52 6.13
CA ARG A 58 -0.45 4.74 6.75
C ARG A 58 -0.28 4.57 8.25
N ARG A 59 -0.01 3.33 8.67
CA ARG A 59 0.18 3.02 10.09
C ARG A 59 1.41 2.13 10.29
N CYS A 60 1.30 0.85 9.94
CA CYS A 60 2.40 -0.09 10.10
C CYS A 60 3.30 -0.10 8.86
N HIS A 61 2.89 0.61 7.81
CA HIS A 61 3.66 0.68 6.57
C HIS A 61 3.70 -0.67 5.86
N ILE A 62 2.70 -0.92 5.03
CA ILE A 62 2.61 -2.16 4.27
C ILE A 62 1.92 -1.92 2.94
N LYS A 63 2.48 -2.46 1.86
CA LYS A 63 1.91 -2.27 0.54
C LYS A 63 1.24 -3.55 0.03
N CYS A 64 0.14 -3.36 -0.69
CA CYS A 64 -0.61 -4.48 -1.26
C CYS A 64 -1.41 -4.00 -2.48
N HIS A 65 -1.27 -4.73 -3.59
CA HIS A 65 -1.98 -4.36 -4.82
C HIS A 65 -3.43 -4.01 -4.55
N LYS A 66 -3.88 -2.91 -5.13
CA LYS A 66 -5.27 -2.50 -4.99
C LYS A 66 -6.17 -3.67 -5.35
N ASP A 67 -5.69 -4.51 -6.27
CA ASP A 67 -6.42 -5.67 -6.72
C ASP A 67 -6.94 -6.51 -5.56
N HIS A 68 -6.09 -6.77 -4.58
CA HIS A 68 -6.51 -7.59 -3.42
C HIS A 68 -7.78 -7.04 -2.80
N MET A 69 -7.78 -5.75 -2.49
CA MET A 69 -8.94 -5.10 -1.89
C MET A 69 -10.13 -5.14 -2.84
N ASP A 70 -9.89 -4.77 -4.10
CA ASP A 70 -10.93 -4.76 -5.11
C ASP A 70 -11.51 -6.16 -5.31
N LYS A 71 -10.67 -7.17 -5.10
CA LYS A 71 -11.09 -8.56 -5.26
C LYS A 71 -11.71 -9.11 -3.98
N LYS A 72 -11.48 -8.42 -2.87
CA LYS A 72 -12.02 -8.84 -1.58
C LYS A 72 -11.41 -10.17 -1.16
N GLU A 73 -10.12 -10.33 -1.42
CA GLU A 73 -9.41 -11.56 -1.07
C GLU A 73 -9.38 -11.75 0.44
N GLU A 74 -9.47 -13.00 0.87
CA GLU A 74 -9.45 -13.34 2.29
C GLU A 74 -8.01 -13.58 2.74
N ILE A 75 -7.11 -12.72 2.29
CA ILE A 75 -5.70 -12.84 2.63
C ILE A 75 -5.23 -11.64 3.45
N ILE A 76 -5.88 -10.50 3.26
CA ILE A 76 -5.52 -9.29 3.99
C ILE A 76 -5.97 -9.37 5.44
N ALA A 77 -5.14 -8.87 6.34
CA ALA A 77 -5.45 -8.89 7.77
C ALA A 77 -5.46 -7.48 8.35
N PRO A 78 -6.03 -7.31 9.54
CA PRO A 78 -6.11 -6.01 10.22
C PRO A 78 -4.72 -5.45 10.54
N CYS A 79 -4.65 -4.14 10.71
CA CYS A 79 -3.39 -3.48 11.02
C CYS A 79 -2.80 -4.03 12.32
N LYS A 80 -1.47 -4.09 12.39
CA LYS A 80 -0.79 -4.61 13.56
C LYS A 80 -0.46 -3.51 14.57
N VAL A 81 0.02 -2.37 14.06
CA VAL A 81 0.36 -1.25 14.93
C VAL A 81 -0.86 -0.67 15.63
N TYR A 82 -2.05 -1.02 15.15
CA TYR A 82 -3.30 -0.54 15.73
C TYR A 82 -3.32 -0.76 17.24
N TYR A 83 -2.60 -1.79 17.69
CA TYR A 83 -2.54 -2.10 19.12
C TYR A 83 -1.50 -1.24 19.82
N ASP A 84 -0.24 -1.38 19.42
CA ASP A 84 0.85 -0.61 20.01
C ASP A 84 0.63 0.87 19.82
ZN ZN B . -1.10 -1.38 8.91
ZN ZN C . -0.30 -9.76 -3.10
N GLU A 1 -5.88 9.35 18.31
CA GLU A 1 -6.42 9.34 16.92
C GLU A 1 -5.46 8.61 15.98
N SER A 2 -4.17 8.88 16.12
CA SER A 2 -3.16 8.26 15.28
C SER A 2 -2.38 7.21 16.05
N LYS A 3 -2.18 7.45 17.34
CA LYS A 3 -1.44 6.52 18.19
C LYS A 3 -0.01 6.33 17.68
N LYS A 4 0.95 6.88 18.40
CA LYS A 4 2.35 6.77 18.03
C LYS A 4 2.60 7.38 16.66
N GLU A 5 3.23 8.55 16.64
CA GLU A 5 3.51 9.25 15.39
C GLU A 5 4.61 8.53 14.61
N PRO A 6 4.56 8.59 13.27
CA PRO A 6 5.55 7.94 12.41
C PRO A 6 6.86 8.71 12.36
N GLU A 7 7.72 8.34 11.41
CA GLU A 7 9.01 9.00 11.24
C GLU A 7 9.32 9.21 9.77
N PHE A 8 9.12 10.44 9.30
CA PHE A 8 9.38 10.79 7.91
C PHE A 8 8.50 9.95 6.98
N PRO A 9 7.27 10.41 6.70
CA PRO A 9 6.34 9.70 5.82
C PRO A 9 6.77 9.75 4.36
N VAL A 10 5.94 9.20 3.48
CA VAL A 10 6.22 9.19 2.06
C VAL A 10 5.14 9.91 1.26
N GLU A 11 5.55 10.63 0.22
CA GLU A 11 4.62 11.37 -0.61
C GLU A 11 4.25 10.56 -1.86
N PRO A 12 3.06 9.93 -1.86
CA PRO A 12 2.60 9.13 -3.00
C PRO A 12 2.27 9.99 -4.22
N VAL A 13 1.62 9.39 -5.20
CA VAL A 13 1.25 10.10 -6.42
C VAL A 13 -0.02 10.93 -6.21
N GLY A 14 0.16 12.23 -6.07
CA GLY A 14 -0.97 13.12 -5.87
C GLY A 14 -1.03 13.68 -4.46
N GLU A 15 -1.31 14.97 -4.35
CA GLU A 15 -1.40 15.63 -3.05
C GLU A 15 -2.52 15.02 -2.21
N LYS A 16 -3.75 15.11 -2.72
CA LYS A 16 -4.91 14.57 -2.01
C LYS A 16 -4.97 13.05 -2.15
N SER A 17 -4.35 12.34 -1.21
CA SER A 17 -4.33 10.88 -1.24
C SER A 17 -5.43 10.31 -0.34
N ASN A 18 -6.34 9.56 -0.96
CA ASN A 18 -7.43 8.95 -0.23
C ASN A 18 -6.94 7.80 0.64
N TYR A 19 -7.83 7.23 1.45
CA TYR A 19 -7.46 6.13 2.33
C TYR A 19 -8.49 5.01 2.27
N ILE A 20 -8.05 3.83 1.82
CA ILE A 20 -8.93 2.67 1.72
C ILE A 20 -9.18 2.08 3.10
N CYS A 21 -10.42 2.22 3.57
CA CYS A 21 -10.81 1.69 4.87
C CYS A 21 -10.99 0.18 4.84
N HIS A 22 -10.53 -0.48 5.89
CA HIS A 22 -10.64 -1.94 5.99
C HIS A 22 -10.52 -2.39 7.44
N LYS A 23 -10.64 -3.70 7.67
CA LYS A 23 -10.56 -4.25 9.01
C LYS A 23 -9.34 -3.70 9.76
N GLY A 24 -9.55 -2.64 10.53
CA GLY A 24 -8.47 -2.03 11.28
C GLY A 24 -7.33 -1.58 10.39
N HIS A 25 -7.58 -1.50 9.09
CA HIS A 25 -6.55 -1.07 8.14
C HIS A 25 -7.02 0.09 7.28
N GLU A 26 -6.11 1.05 7.07
CA GLU A 26 -6.38 2.22 6.26
C GLU A 26 -5.31 2.36 5.18
N PHE A 27 -5.43 1.55 4.14
CA PHE A 27 -4.48 1.55 3.04
C PHE A 27 -4.54 2.86 2.25
N ILE A 28 -3.48 3.14 1.51
CA ILE A 28 -3.40 4.36 0.72
C ILE A 28 -2.99 4.05 -0.72
N PRO A 29 -3.69 4.63 -1.70
CA PRO A 29 -3.40 4.42 -3.12
C PRO A 29 -2.09 5.08 -3.55
N THR A 30 -1.13 4.26 -3.97
CA THR A 30 0.15 4.77 -4.42
C THR A 30 0.82 3.78 -5.36
N LEU A 31 1.82 4.25 -6.09
CA LEU A 31 2.55 3.42 -7.04
C LEU A 31 3.97 3.17 -6.55
N TYR A 32 4.57 2.07 -7.01
CA TYR A 32 5.93 1.73 -6.61
C TYR A 32 6.74 1.24 -7.80
N HIS A 33 7.51 2.13 -8.40
CA HIS A 33 8.34 1.79 -9.55
C HIS A 33 9.49 0.86 -9.13
N PHE A 34 9.73 0.77 -7.83
CA PHE A 34 10.80 -0.09 -7.32
C PHE A 34 10.22 -1.38 -6.73
N PRO A 35 11.06 -2.42 -6.59
CA PRO A 35 10.63 -3.71 -6.05
C PRO A 35 10.02 -3.59 -4.65
N THR A 36 8.71 -3.80 -4.57
CA THR A 36 7.99 -3.73 -3.30
C THR A 36 7.29 -5.06 -3.03
N ASN A 37 7.44 -5.56 -1.81
CA ASN A 37 6.83 -6.83 -1.44
C ASN A 37 5.47 -6.62 -0.77
N CYS A 38 4.41 -7.08 -1.42
CA CYS A 38 3.06 -6.96 -0.88
C CYS A 38 2.98 -7.68 0.46
N GLU A 39 1.94 -7.37 1.23
CA GLU A 39 1.75 -7.98 2.54
C GLU A 39 0.78 -9.16 2.49
N ALA A 40 -0.22 -9.05 1.62
CA ALA A 40 -1.23 -10.10 1.48
C ALA A 40 -0.60 -11.42 1.02
N CYS A 41 -0.44 -11.58 -0.28
CA CYS A 41 0.14 -12.79 -0.84
C CYS A 41 1.67 -12.76 -0.75
N MET A 42 2.31 -13.69 -1.44
CA MET A 42 3.77 -13.77 -1.44
C MET A 42 4.36 -13.15 -2.70
N LYS A 43 3.57 -13.12 -3.77
CA LYS A 43 4.03 -12.56 -5.04
C LYS A 43 4.56 -11.14 -4.84
N PRO A 44 5.46 -10.68 -5.73
CA PRO A 44 6.04 -9.34 -5.64
C PRO A 44 5.04 -8.25 -6.00
N LEU A 45 5.43 -7.00 -5.77
CA LEU A 45 4.58 -5.86 -6.06
C LEU A 45 5.41 -4.69 -6.59
N TRP A 46 5.39 -4.50 -7.91
CA TRP A 46 6.14 -3.41 -8.54
C TRP A 46 6.00 -3.45 -10.05
N HIS A 47 6.71 -2.55 -10.73
CA HIS A 47 6.69 -2.46 -12.19
C HIS A 47 7.60 -1.35 -12.68
N MET A 48 8.31 -1.61 -13.78
CA MET A 48 9.23 -0.64 -14.33
C MET A 48 8.53 0.29 -15.32
N PHE A 49 7.65 -0.29 -16.14
CA PHE A 49 6.91 0.48 -17.13
C PHE A 49 5.70 1.16 -16.51
N LYS A 50 4.64 0.38 -16.28
CA LYS A 50 3.41 0.92 -15.70
C LYS A 50 3.16 0.31 -14.32
N PRO A 51 3.56 1.02 -13.25
CA PRO A 51 3.37 0.54 -11.87
C PRO A 51 1.88 0.39 -11.52
N PRO A 52 1.45 -0.80 -11.11
CA PRO A 52 0.06 -1.07 -10.75
C PRO A 52 -0.37 -0.30 -9.49
N PRO A 53 -1.67 -0.04 -9.34
CA PRO A 53 -2.19 0.68 -8.18
C PRO A 53 -2.02 -0.10 -6.87
N ALA A 54 -0.92 0.17 -6.18
CA ALA A 54 -0.64 -0.50 -4.92
C ALA A 54 -1.22 0.27 -3.74
N LEU A 55 -1.46 -0.42 -2.63
CA LEU A 55 -2.02 0.20 -1.45
C LEU A 55 -1.06 0.12 -0.27
N GLU A 56 -0.60 1.28 0.19
CA GLU A 56 0.33 1.35 1.32
C GLU A 56 -0.40 1.72 2.60
N CYS A 57 -0.06 1.03 3.70
CA CYS A 57 -0.67 1.30 4.99
C CYS A 57 -0.09 2.55 5.61
N ARG A 58 -0.94 3.40 6.16
CA ARG A 58 -0.50 4.63 6.79
C ARG A 58 -0.39 4.44 8.30
N ARG A 59 -0.11 3.21 8.71
CA ARG A 59 0.03 2.89 10.13
C ARG A 59 1.26 2.00 10.38
N CYS A 60 1.16 0.73 9.99
CA CYS A 60 2.26 -0.22 10.18
C CYS A 60 3.20 -0.23 8.96
N HIS A 61 2.82 0.51 7.92
CA HIS A 61 3.63 0.58 6.70
C HIS A 61 3.68 -0.77 5.99
N ILE A 62 2.73 -0.99 5.10
CA ILE A 62 2.65 -2.23 4.33
C ILE A 62 1.99 -1.98 2.98
N LYS A 63 2.53 -2.59 1.93
CA LYS A 63 1.99 -2.40 0.59
C LYS A 63 1.17 -3.60 0.15
N CYS A 64 0.13 -3.34 -0.64
CA CYS A 64 -0.74 -4.40 -1.14
C CYS A 64 -1.47 -3.92 -2.41
N HIS A 65 -1.30 -4.66 -3.50
CA HIS A 65 -1.95 -4.29 -4.76
C HIS A 65 -3.40 -3.95 -4.55
N LYS A 66 -3.84 -2.87 -5.18
CA LYS A 66 -5.23 -2.46 -5.08
C LYS A 66 -6.13 -3.64 -5.41
N ASP A 67 -5.63 -4.52 -6.28
CA ASP A 67 -6.36 -5.71 -6.69
C ASP A 67 -6.87 -6.51 -5.50
N HIS A 68 -6.00 -6.74 -4.50
CA HIS A 68 -6.42 -7.51 -3.32
C HIS A 68 -7.69 -6.94 -2.70
N MET A 69 -7.66 -5.64 -2.40
CA MET A 69 -8.82 -4.97 -1.80
C MET A 69 -9.99 -4.96 -2.77
N ASP A 70 -9.72 -4.63 -4.03
CA ASP A 70 -10.76 -4.58 -5.04
C ASP A 70 -11.42 -5.95 -5.21
N LYS A 71 -10.65 -7.01 -4.98
CA LYS A 71 -11.16 -8.36 -5.10
C LYS A 71 -11.69 -8.88 -3.76
N LYS A 72 -11.38 -8.18 -2.68
CA LYS A 72 -11.83 -8.57 -1.35
C LYS A 72 -11.20 -9.90 -0.94
N GLU A 73 -9.94 -10.09 -1.33
CA GLU A 73 -9.22 -11.31 -1.01
C GLU A 73 -9.24 -11.59 0.50
N GLU A 74 -9.36 -12.86 0.85
CA GLU A 74 -9.37 -13.28 2.25
C GLU A 74 -7.97 -13.61 2.72
N ILE A 75 -6.99 -12.85 2.24
CA ILE A 75 -5.60 -13.06 2.59
C ILE A 75 -5.06 -11.91 3.45
N ILE A 76 -5.72 -10.76 3.35
CA ILE A 76 -5.32 -9.58 4.12
C ILE A 76 -5.75 -9.70 5.58
N ALA A 77 -4.97 -9.11 6.47
CA ALA A 77 -5.28 -9.15 7.89
C ALA A 77 -5.36 -7.74 8.48
N PRO A 78 -5.95 -7.61 9.67
CA PRO A 78 -6.08 -6.32 10.34
C PRO A 78 -4.74 -5.72 10.73
N CYS A 79 -4.67 -4.39 10.73
CA CYS A 79 -3.43 -3.70 11.08
C CYS A 79 -2.93 -4.15 12.45
N LYS A 80 -1.61 -4.19 12.62
CA LYS A 80 -1.01 -4.62 13.88
C LYS A 80 -0.76 -3.44 14.80
N VAL A 81 -0.28 -2.34 14.23
CA VAL A 81 0.00 -1.14 15.01
C VAL A 81 -1.27 -0.55 15.62
N TYR A 82 -2.40 -0.79 14.97
CA TYR A 82 -3.68 -0.28 15.45
C TYR A 82 -3.97 -0.77 16.86
N TYR A 83 -3.47 -1.96 17.18
CA TYR A 83 -3.68 -2.55 18.50
C TYR A 83 -2.60 -2.10 19.48
N ASP A 84 -1.35 -2.44 19.17
CA ASP A 84 -0.23 -2.07 20.03
C ASP A 84 -0.13 -0.55 20.15
ZN ZN B . -1.14 -1.61 8.84
ZN ZN C . -0.22 -9.71 -3.00
N GLU A 1 29.00 2.30 3.96
CA GLU A 1 27.72 1.71 3.48
C GLU A 1 26.55 2.12 4.37
N SER A 2 25.34 1.75 3.95
CA SER A 2 24.15 2.08 4.71
C SER A 2 23.98 3.59 4.84
N LYS A 3 23.00 4.14 4.12
CA LYS A 3 22.74 5.57 4.16
C LYS A 3 21.64 5.91 5.16
N LYS A 4 21.26 7.18 5.22
CA LYS A 4 20.23 7.62 6.14
C LYS A 4 18.85 7.58 5.48
N GLU A 5 17.82 7.87 6.26
CA GLU A 5 16.44 7.87 5.75
C GLU A 5 16.18 9.11 4.90
N PRO A 6 15.51 8.95 3.75
CA PRO A 6 15.20 10.06 2.85
C PRO A 6 14.10 10.96 3.41
N GLU A 7 13.71 11.97 2.64
CA GLU A 7 12.67 12.91 3.06
C GLU A 7 11.31 12.51 2.48
N PHE A 8 10.65 11.57 3.15
CA PHE A 8 9.34 11.10 2.71
C PHE A 8 9.41 10.55 1.28
N PRO A 9 9.86 9.29 1.12
CA PRO A 9 9.97 8.66 -0.20
C PRO A 9 8.60 8.32 -0.79
N VAL A 10 8.60 7.52 -1.85
CA VAL A 10 7.37 7.09 -2.53
C VAL A 10 6.39 8.26 -2.68
N GLU A 11 6.45 8.93 -3.83
CA GLU A 11 5.57 10.06 -4.10
C GLU A 11 4.34 9.62 -4.90
N PRO A 12 3.19 9.42 -4.23
CA PRO A 12 1.96 9.00 -4.89
C PRO A 12 1.43 10.06 -5.86
N VAL A 13 0.38 9.71 -6.60
CA VAL A 13 -0.22 10.63 -7.56
C VAL A 13 -1.39 11.38 -6.94
N GLY A 14 -1.27 12.71 -6.90
CA GLY A 14 -2.32 13.52 -6.33
C GLY A 14 -2.10 13.82 -4.86
N GLU A 15 -2.16 15.11 -4.50
CA GLU A 15 -1.95 15.52 -3.12
C GLU A 15 -3.01 14.91 -2.21
N LYS A 16 -4.25 14.82 -2.71
CA LYS A 16 -5.34 14.25 -1.94
C LYS A 16 -5.40 12.74 -2.12
N SER A 17 -4.69 12.02 -1.27
CA SER A 17 -4.67 10.56 -1.33
C SER A 17 -5.66 9.95 -0.35
N ASN A 18 -6.72 9.37 -0.88
CA ASN A 18 -7.74 8.73 -0.04
C ASN A 18 -7.15 7.60 0.78
N TYR A 19 -7.96 7.03 1.66
CA TYR A 19 -7.50 5.94 2.52
C TYR A 19 -8.51 4.79 2.53
N ILE A 20 -8.06 3.63 2.04
CA ILE A 20 -8.92 2.45 2.00
C ILE A 20 -9.07 1.82 3.38
N CYS A 21 -10.27 1.93 3.93
CA CYS A 21 -10.56 1.37 5.25
C CYS A 21 -10.83 -0.13 5.14
N HIS A 22 -10.23 -0.89 6.04
CA HIS A 22 -10.40 -2.34 6.04
C HIS A 22 -9.90 -2.97 7.33
N LYS A 23 -10.83 -3.47 8.14
CA LYS A 23 -10.51 -4.12 9.42
C LYS A 23 -9.24 -3.57 10.06
N GLY A 24 -9.36 -2.41 10.71
CA GLY A 24 -8.22 -1.81 11.37
C GLY A 24 -7.11 -1.40 10.42
N HIS A 25 -7.39 -1.41 9.13
CA HIS A 25 -6.38 -1.02 8.14
C HIS A 25 -6.85 0.11 7.25
N GLU A 26 -5.97 1.10 7.06
CA GLU A 26 -6.28 2.25 6.23
C GLU A 26 -5.24 2.40 5.12
N PHE A 27 -5.30 1.49 4.15
CA PHE A 27 -4.36 1.51 3.03
C PHE A 27 -4.49 2.79 2.23
N ILE A 28 -3.46 3.10 1.46
CA ILE A 28 -3.45 4.31 0.65
C ILE A 28 -3.08 4.01 -0.79
N PRO A 29 -3.85 4.54 -1.75
CA PRO A 29 -3.61 4.31 -3.18
C PRO A 29 -2.34 5.02 -3.66
N THR A 30 -1.36 4.22 -4.06
CA THR A 30 -0.10 4.76 -4.55
C THR A 30 0.60 3.77 -5.48
N LEU A 31 1.63 4.24 -6.18
CA LEU A 31 2.38 3.40 -7.09
C LEU A 31 3.79 3.15 -6.57
N TYR A 32 4.41 2.07 -7.02
CA TYR A 32 5.75 1.72 -6.59
C TYR A 32 6.62 1.29 -7.77
N HIS A 33 7.60 2.12 -8.11
CA HIS A 33 8.50 1.83 -9.22
C HIS A 33 9.68 0.95 -8.78
N PHE A 34 9.86 0.82 -7.48
CA PHE A 34 10.94 0.01 -6.93
C PHE A 34 10.42 -1.31 -6.37
N PRO A 35 11.33 -2.27 -6.12
CA PRO A 35 10.96 -3.58 -5.59
C PRO A 35 10.25 -3.50 -4.25
N THR A 36 8.94 -3.66 -4.26
CA THR A 36 8.14 -3.63 -3.04
C THR A 36 7.42 -4.96 -2.83
N ASN A 37 7.34 -5.41 -1.59
CA ASN A 37 6.69 -6.68 -1.27
C ASN A 37 5.29 -6.47 -0.72
N CYS A 38 4.39 -7.40 -1.04
CA CYS A 38 3.01 -7.32 -0.57
C CYS A 38 2.84 -8.16 0.68
N GLU A 39 2.01 -7.69 1.60
CA GLU A 39 1.76 -8.39 2.85
C GLU A 39 0.71 -9.49 2.68
N ALA A 40 -0.29 -9.23 1.84
CA ALA A 40 -1.35 -10.19 1.58
C ALA A 40 -0.78 -11.52 1.09
N CYS A 41 -0.59 -11.63 -0.22
CA CYS A 41 -0.05 -12.85 -0.81
C CYS A 41 1.47 -12.90 -0.69
N MET A 42 2.09 -13.86 -1.38
CA MET A 42 3.54 -14.00 -1.34
C MET A 42 4.18 -13.31 -2.54
N LYS A 43 3.42 -13.15 -3.61
CA LYS A 43 3.93 -12.51 -4.82
C LYS A 43 4.49 -11.12 -4.50
N PRO A 44 5.40 -10.61 -5.36
CA PRO A 44 6.01 -9.29 -5.16
C PRO A 44 5.03 -8.15 -5.43
N LEU A 45 5.56 -6.94 -5.52
CA LEU A 45 4.74 -5.76 -5.77
C LEU A 45 5.59 -4.61 -6.30
N TRP A 46 5.49 -4.35 -7.60
CA TRP A 46 6.24 -3.27 -8.24
C TRP A 46 6.12 -3.35 -9.76
N HIS A 47 6.72 -2.37 -10.43
CA HIS A 47 6.70 -2.31 -11.89
C HIS A 47 7.42 -1.07 -12.40
N MET A 48 8.36 -1.25 -13.32
CA MET A 48 9.11 -0.14 -13.87
C MET A 48 8.33 0.55 -15.00
N PHE A 49 7.82 -0.26 -15.93
CA PHE A 49 7.05 0.26 -17.05
C PHE A 49 5.74 0.89 -16.58
N LYS A 50 4.79 0.05 -16.19
CA LYS A 50 3.50 0.52 -15.72
C LYS A 50 3.21 0.02 -14.30
N PRO A 51 3.54 0.84 -13.29
CA PRO A 51 3.32 0.48 -11.88
C PRO A 51 1.83 0.36 -11.55
N PRO A 52 1.39 -0.83 -11.10
CA PRO A 52 -0.01 -1.08 -10.76
C PRO A 52 -0.44 -0.32 -9.51
N PRO A 53 -1.74 -0.02 -9.37
CA PRO A 53 -2.27 0.70 -8.22
C PRO A 53 -2.10 -0.08 -6.91
N ALA A 54 -1.02 0.21 -6.20
CA ALA A 54 -0.74 -0.48 -4.94
C ALA A 54 -1.35 0.29 -3.76
N LEU A 55 -1.57 -0.43 -2.67
CA LEU A 55 -2.14 0.18 -1.47
C LEU A 55 -1.15 0.13 -0.30
N GLU A 56 -0.64 1.29 0.07
CA GLU A 56 0.32 1.39 1.17
C GLU A 56 -0.37 1.79 2.46
N CYS A 57 -0.05 1.08 3.55
CA CYS A 57 -0.64 1.37 4.84
C CYS A 57 0.00 2.61 5.46
N ARG A 58 -0.83 3.49 6.00
CA ARG A 58 -0.33 4.71 6.63
C ARG A 58 -0.17 4.52 8.14
N ARG A 59 0.11 3.29 8.55
CA ARG A 59 0.30 2.97 9.95
C ARG A 59 1.54 2.08 10.16
N CYS A 60 1.40 0.79 9.87
CA CYS A 60 2.50 -0.15 10.02
C CYS A 60 3.40 -0.16 8.78
N HIS A 61 2.96 0.53 7.73
CA HIS A 61 3.72 0.60 6.48
C HIS A 61 3.73 -0.74 5.76
N ILE A 62 2.80 -0.92 4.84
CA ILE A 62 2.70 -2.15 4.07
C ILE A 62 1.97 -1.91 2.75
N LYS A 63 2.53 -2.43 1.66
CA LYS A 63 1.91 -2.25 0.35
C LYS A 63 1.16 -3.50 -0.08
N CYS A 64 0.07 -3.29 -0.81
CA CYS A 64 -0.75 -4.39 -1.31
C CYS A 64 -1.56 -3.95 -2.52
N HIS A 65 -1.32 -4.59 -3.66
CA HIS A 65 -2.03 -4.25 -4.90
C HIS A 65 -3.48 -3.93 -4.65
N LYS A 66 -3.94 -2.83 -5.23
CA LYS A 66 -5.33 -2.44 -5.11
C LYS A 66 -6.22 -3.61 -5.48
N ASP A 67 -5.71 -4.45 -6.39
CA ASP A 67 -6.43 -5.62 -6.86
C ASP A 67 -6.98 -6.45 -5.69
N HIS A 68 -6.16 -6.68 -4.68
CA HIS A 68 -6.60 -7.47 -3.52
C HIS A 68 -7.89 -6.91 -2.94
N MET A 69 -7.90 -5.60 -2.68
CA MET A 69 -9.08 -4.94 -2.12
C MET A 69 -10.25 -5.00 -3.08
N ASP A 70 -10.02 -4.65 -4.33
CA ASP A 70 -11.06 -4.66 -5.36
C ASP A 70 -11.65 -6.07 -5.51
N LYS A 71 -10.82 -7.07 -5.25
CA LYS A 71 -11.26 -8.46 -5.36
C LYS A 71 -11.83 -8.98 -4.04
N LYS A 72 -11.56 -8.25 -2.95
CA LYS A 72 -12.04 -8.65 -1.63
C LYS A 72 -11.40 -9.96 -1.19
N GLU A 73 -10.12 -10.13 -1.52
CA GLU A 73 -9.39 -11.33 -1.17
C GLU A 73 -9.42 -11.56 0.34
N GLU A 74 -9.55 -12.82 0.73
CA GLU A 74 -9.58 -13.19 2.15
C GLU A 74 -8.18 -13.51 2.64
N ILE A 75 -7.21 -12.70 2.21
CA ILE A 75 -5.82 -12.89 2.59
C ILE A 75 -5.32 -11.71 3.43
N ILE A 76 -5.84 -10.52 3.14
CA ILE A 76 -5.45 -9.32 3.85
C ILE A 76 -5.85 -9.41 5.32
N ALA A 77 -4.96 -8.96 6.21
CA ALA A 77 -5.23 -8.98 7.63
C ALA A 77 -5.25 -7.57 8.21
N PRO A 78 -5.79 -7.41 9.43
CA PRO A 78 -5.86 -6.11 10.11
C PRO A 78 -4.48 -5.53 10.38
N CYS A 79 -4.43 -4.22 10.58
CA CYS A 79 -3.16 -3.54 10.85
C CYS A 79 -2.51 -4.09 12.12
N LYS A 80 -1.18 -4.11 12.12
CA LYS A 80 -0.43 -4.62 13.26
C LYS A 80 -0.20 -3.54 14.31
N VAL A 81 0.13 -2.32 13.86
CA VAL A 81 0.37 -1.21 14.78
C VAL A 81 -0.94 -0.61 15.26
N TYR A 82 -1.84 -0.31 14.32
CA TYR A 82 -3.14 0.28 14.65
C TYR A 82 -2.99 1.54 15.47
N TYR A 83 -2.80 1.39 16.79
CA TYR A 83 -2.64 2.53 17.68
C TYR A 83 -1.42 3.34 17.31
N ASP A 84 -0.24 2.82 17.63
CA ASP A 84 1.02 3.50 17.33
C ASP A 84 1.16 3.72 15.83
ZN ZN B . -0.94 -1.46 8.74
ZN ZN C . -0.42 -9.64 -2.93
N GLU A 1 19.74 26.84 17.86
CA GLU A 1 19.81 25.38 17.56
C GLU A 1 21.09 25.03 16.81
N SER A 2 21.35 23.73 16.68
CA SER A 2 22.54 23.27 15.99
C SER A 2 22.35 21.84 15.47
N LYS A 3 21.82 20.98 16.33
CA LYS A 3 21.57 19.58 15.95
C LYS A 3 20.61 19.50 14.77
N LYS A 4 20.40 18.29 14.27
CA LYS A 4 19.50 18.07 13.13
C LYS A 4 19.30 16.58 12.89
N GLU A 5 18.11 16.09 13.21
CA GLU A 5 17.79 14.67 13.02
C GLU A 5 17.35 14.41 11.58
N PRO A 6 17.61 13.19 11.07
CA PRO A 6 17.24 12.81 9.71
C PRO A 6 15.74 12.51 9.57
N GLU A 7 15.11 13.15 8.59
CA GLU A 7 13.68 12.95 8.35
C GLU A 7 13.37 13.04 6.87
N PHE A 8 13.59 11.95 6.15
CA PHE A 8 13.33 11.91 4.71
C PHE A 8 12.12 11.03 4.41
N PRO A 9 10.92 11.61 4.44
CA PRO A 9 9.67 10.88 4.16
C PRO A 9 9.52 10.54 2.68
N VAL A 10 8.52 9.73 2.36
CA VAL A 10 8.25 9.34 0.99
C VAL A 10 6.95 9.94 0.49
N GLU A 11 7.06 10.87 -0.46
CA GLU A 11 5.88 11.53 -1.03
C GLU A 11 5.36 10.75 -2.24
N PRO A 12 4.23 10.04 -2.10
CA PRO A 12 3.64 9.27 -3.19
C PRO A 12 3.10 10.17 -4.31
N VAL A 13 2.50 9.55 -5.32
CA VAL A 13 1.94 10.28 -6.44
C VAL A 13 0.63 10.96 -6.07
N GLY A 14 0.63 12.29 -6.07
CA GLY A 14 -0.58 13.03 -5.73
C GLY A 14 -0.60 13.45 -4.27
N GLU A 15 -0.88 14.72 -4.03
CA GLU A 15 -0.94 15.26 -2.68
C GLU A 15 -2.13 14.70 -1.93
N LYS A 16 -3.31 14.84 -2.51
CA LYS A 16 -4.54 14.34 -1.90
C LYS A 16 -4.74 12.86 -2.20
N SER A 17 -4.45 12.02 -1.21
CA SER A 17 -4.59 10.57 -1.37
C SER A 17 -5.59 10.00 -0.35
N ASN A 18 -6.66 9.41 -0.85
CA ASN A 18 -7.68 8.82 0.01
C ASN A 18 -7.10 7.65 0.81
N TYR A 19 -7.90 7.10 1.71
CA TYR A 19 -7.45 5.98 2.54
C TYR A 19 -8.48 4.84 2.50
N ILE A 20 -8.05 3.69 2.01
CA ILE A 20 -8.92 2.52 1.92
C ILE A 20 -9.10 1.88 3.30
N CYS A 21 -10.30 2.00 3.84
CA CYS A 21 -10.61 1.42 5.15
C CYS A 21 -10.85 -0.08 5.02
N HIS A 22 -10.24 -0.85 5.92
CA HIS A 22 -10.38 -2.30 5.90
C HIS A 22 -9.90 -2.91 7.20
N LYS A 23 -10.84 -3.41 8.01
CA LYS A 23 -10.55 -4.06 9.29
C LYS A 23 -9.29 -3.49 9.95
N GLY A 24 -9.43 -2.34 10.61
CA GLY A 24 -8.31 -1.73 11.28
C GLY A 24 -7.18 -1.33 10.36
N HIS A 25 -7.43 -1.35 9.05
CA HIS A 25 -6.41 -0.97 8.08
C HIS A 25 -6.87 0.16 7.18
N GLU A 26 -6.01 1.15 7.01
CA GLU A 26 -6.31 2.31 6.16
C GLU A 26 -5.26 2.43 5.06
N PHE A 27 -5.33 1.52 4.09
CA PHE A 27 -4.39 1.53 2.97
C PHE A 27 -4.48 2.82 2.19
N ILE A 28 -3.44 3.12 1.43
CA ILE A 28 -3.40 4.34 0.63
C ILE A 28 -3.01 4.04 -0.81
N PRO A 29 -3.76 4.59 -1.78
CA PRO A 29 -3.50 4.37 -3.20
C PRO A 29 -2.22 5.05 -3.66
N THR A 30 -1.25 4.24 -4.04
CA THR A 30 0.03 4.77 -4.51
C THR A 30 0.73 3.78 -5.44
N LEU A 31 1.75 4.24 -6.14
CA LEU A 31 2.50 3.39 -7.06
C LEU A 31 3.92 3.16 -6.53
N TYR A 32 4.55 2.09 -7.00
CA TYR A 32 5.90 1.75 -6.58
C TYR A 32 6.77 1.35 -7.77
N HIS A 33 7.75 2.20 -8.08
CA HIS A 33 8.66 1.94 -9.19
C HIS A 33 9.80 1.01 -8.78
N PHE A 34 9.96 0.81 -7.48
CA PHE A 34 11.01 -0.06 -6.97
C PHE A 34 10.43 -1.37 -6.45
N PRO A 35 11.28 -2.38 -6.22
CA PRO A 35 10.85 -3.69 -5.73
C PRO A 35 10.19 -3.63 -4.36
N THR A 36 8.86 -3.71 -4.33
CA THR A 36 8.11 -3.67 -3.08
C THR A 36 7.39 -5.00 -2.87
N ASN A 37 7.36 -5.47 -1.63
CA ASN A 37 6.71 -6.74 -1.31
C ASN A 37 5.31 -6.52 -0.72
N CYS A 38 4.39 -7.42 -1.08
CA CYS A 38 3.03 -7.34 -0.59
C CYS A 38 2.87 -8.18 0.68
N GLU A 39 2.14 -7.65 1.65
CA GLU A 39 1.92 -8.34 2.92
C GLU A 39 0.91 -9.48 2.77
N ALA A 40 -0.09 -9.26 1.93
CA ALA A 40 -1.13 -10.26 1.70
C ALA A 40 -0.54 -11.56 1.16
N CYS A 41 -0.44 -11.67 -0.17
CA CYS A 41 0.11 -12.87 -0.79
C CYS A 41 1.64 -12.85 -0.77
N MET A 42 2.25 -13.73 -1.57
CA MET A 42 3.70 -13.82 -1.63
C MET A 42 4.24 -13.15 -2.89
N LYS A 43 3.39 -13.05 -3.91
CA LYS A 43 3.79 -12.42 -5.17
C LYS A 43 4.39 -11.04 -4.94
N PRO A 44 5.31 -10.61 -5.82
CA PRO A 44 5.96 -9.31 -5.71
C PRO A 44 5.00 -8.15 -5.97
N LEU A 45 5.43 -6.94 -5.61
CA LEU A 45 4.62 -5.74 -5.80
C LEU A 45 5.47 -4.59 -6.32
N TRP A 46 5.38 -4.32 -7.62
CA TRP A 46 6.14 -3.24 -8.24
C TRP A 46 6.07 -3.31 -9.76
N HIS A 47 6.75 -2.39 -10.43
CA HIS A 47 6.77 -2.35 -11.89
C HIS A 47 7.63 -1.19 -12.38
N MET A 48 8.22 -1.35 -13.56
CA MET A 48 9.07 -0.32 -14.14
C MET A 48 8.33 0.46 -15.22
N PHE A 49 7.67 -0.26 -16.12
CA PHE A 49 6.93 0.36 -17.20
C PHE A 49 5.66 1.03 -16.69
N LYS A 50 4.68 0.21 -16.30
CA LYS A 50 3.42 0.71 -15.79
C LYS A 50 3.15 0.18 -14.39
N PRO A 51 3.51 0.94 -13.34
CA PRO A 51 3.30 0.54 -11.95
C PRO A 51 1.82 0.38 -11.62
N PRO A 52 1.42 -0.79 -11.08
CA PRO A 52 0.03 -1.05 -10.72
C PRO A 52 -0.40 -0.29 -9.47
N PRO A 53 -1.71 -0.02 -9.32
CA PRO A 53 -2.25 0.70 -8.16
C PRO A 53 -2.06 -0.08 -6.87
N ALA A 54 -0.94 0.16 -6.19
CA ALA A 54 -0.65 -0.51 -4.93
C ALA A 54 -1.18 0.28 -3.75
N LEU A 55 -1.60 -0.43 -2.70
CA LEU A 55 -2.13 0.22 -1.51
C LEU A 55 -1.17 0.10 -0.35
N GLU A 56 -0.66 1.25 0.11
CA GLU A 56 0.29 1.29 1.22
C GLU A 56 -0.42 1.70 2.51
N CYS A 57 -0.13 0.98 3.60
CA CYS A 57 -0.72 1.28 4.89
C CYS A 57 -0.10 2.53 5.49
N ARG A 58 -0.95 3.38 6.06
CA ARG A 58 -0.48 4.63 6.68
C ARG A 58 -0.33 4.44 8.19
N ARG A 59 0.03 3.23 8.60
CA ARG A 59 0.22 2.93 10.02
C ARG A 59 1.45 2.06 10.23
N CYS A 60 1.33 0.76 9.94
CA CYS A 60 2.44 -0.18 10.10
C CYS A 60 3.35 -0.17 8.86
N HIS A 61 2.89 0.47 7.80
CA HIS A 61 3.67 0.54 6.55
C HIS A 61 3.68 -0.81 5.85
N ILE A 62 2.73 -1.00 4.93
CA ILE A 62 2.63 -2.25 4.17
C ILE A 62 1.92 -2.00 2.84
N LYS A 63 2.50 -2.52 1.76
CA LYS A 63 1.90 -2.33 0.45
C LYS A 63 1.13 -3.57 0.01
N CYS A 64 0.05 -3.35 -0.73
CA CYS A 64 -0.77 -4.44 -1.23
C CYS A 64 -1.57 -3.99 -2.44
N HIS A 65 -1.31 -4.61 -3.60
CA HIS A 65 -2.01 -4.27 -4.84
C HIS A 65 -3.47 -3.94 -4.60
N LYS A 66 -3.92 -2.85 -5.19
CA LYS A 66 -5.31 -2.45 -5.08
C LYS A 66 -6.19 -3.63 -5.46
N ASP A 67 -5.67 -4.46 -6.36
CA ASP A 67 -6.40 -5.64 -6.83
C ASP A 67 -6.95 -6.47 -5.67
N HIS A 68 -6.13 -6.72 -4.65
CA HIS A 68 -6.59 -7.51 -3.51
C HIS A 68 -7.89 -6.95 -2.94
N MET A 69 -7.90 -5.64 -2.69
CA MET A 69 -9.09 -4.97 -2.15
C MET A 69 -10.26 -5.08 -3.11
N ASP A 70 -10.02 -4.74 -4.37
CA ASP A 70 -11.05 -4.78 -5.40
C ASP A 70 -11.62 -6.19 -5.53
N LYS A 71 -10.79 -7.19 -5.27
CA LYS A 71 -11.21 -8.59 -5.36
C LYS A 71 -11.77 -9.08 -4.03
N LYS A 72 -11.49 -8.35 -2.95
CA LYS A 72 -11.97 -8.72 -1.63
C LYS A 72 -11.37 -10.07 -1.20
N GLU A 73 -10.06 -10.20 -1.35
CA GLU A 73 -9.38 -11.43 -0.98
C GLU A 73 -9.40 -11.63 0.53
N GLU A 74 -9.53 -12.89 0.95
CA GLU A 74 -9.56 -13.22 2.37
C GLU A 74 -8.15 -13.51 2.87
N ILE A 75 -7.20 -12.67 2.45
CA ILE A 75 -5.81 -12.82 2.83
C ILE A 75 -5.32 -11.62 3.63
N ILE A 76 -5.80 -10.44 3.26
CA ILE A 76 -5.42 -9.21 3.95
C ILE A 76 -5.89 -9.23 5.40
N ALA A 77 -4.96 -9.00 6.32
CA ALA A 77 -5.29 -8.99 7.74
C ALA A 77 -5.31 -7.57 8.30
N PRO A 78 -5.89 -7.38 9.49
CA PRO A 78 -5.97 -6.07 10.13
C PRO A 78 -4.60 -5.51 10.48
N CYS A 79 -4.53 -4.19 10.66
CA CYS A 79 -3.28 -3.53 11.00
C CYS A 79 -2.73 -4.04 12.33
N LYS A 80 -1.41 -4.10 12.44
CA LYS A 80 -0.76 -4.59 13.65
C LYS A 80 -0.49 -3.45 14.63
N VAL A 81 0.08 -2.36 14.14
CA VAL A 81 0.39 -1.21 14.99
C VAL A 81 -0.87 -0.60 15.57
N TYR A 82 -1.94 -0.59 14.79
CA TYR A 82 -3.21 -0.03 15.24
C TYR A 82 -3.76 -0.79 16.43
N TYR A 83 -3.46 -2.09 16.50
CA TYR A 83 -3.92 -2.92 17.59
C TYR A 83 -2.88 -3.00 18.70
N ASP A 84 -1.78 -3.70 18.44
CA ASP A 84 -0.71 -3.85 19.41
C ASP A 84 -0.12 -2.50 19.78
ZN ZN B . -0.98 -1.48 8.85
ZN ZN C . -0.42 -9.68 -2.90
N GLU A 1 -1.34 19.45 -20.81
CA GLU A 1 -2.19 20.26 -21.72
C GLU A 1 -2.18 21.74 -21.32
N SER A 2 -2.70 22.57 -22.20
CA SER A 2 -2.76 24.01 -21.95
C SER A 2 -1.36 24.59 -21.77
N LYS A 3 -0.38 23.97 -22.43
CA LYS A 3 0.99 24.42 -22.33
C LYS A 3 1.49 24.41 -20.88
N LYS A 4 2.78 24.63 -20.70
CA LYS A 4 3.37 24.65 -19.36
C LYS A 4 3.15 23.32 -18.65
N GLU A 5 4.18 22.49 -18.63
CA GLU A 5 4.10 21.18 -17.98
C GLU A 5 4.31 21.31 -16.47
N PRO A 6 3.54 20.55 -15.67
CA PRO A 6 3.64 20.59 -14.21
C PRO A 6 5.07 20.35 -13.73
N GLU A 7 5.25 20.32 -12.41
CA GLU A 7 6.56 20.09 -11.82
C GLU A 7 6.46 20.02 -10.30
N PHE A 8 5.39 19.40 -9.81
CA PHE A 8 5.18 19.26 -8.37
C PHE A 8 4.14 18.18 -8.07
N PRO A 9 4.58 16.91 -8.01
CA PRO A 9 3.68 15.78 -7.74
C PRO A 9 3.19 15.77 -6.29
N VAL A 10 2.44 14.74 -5.94
CA VAL A 10 1.91 14.60 -4.59
C VAL A 10 2.60 13.48 -3.83
N GLU A 11 2.58 13.56 -2.51
CA GLU A 11 3.20 12.54 -1.67
C GLU A 11 2.18 11.51 -1.20
N PRO A 12 2.10 10.35 -1.88
CA PRO A 12 1.15 9.29 -1.53
C PRO A 12 1.41 8.73 -0.14
N VAL A 13 0.40 8.06 0.42
CA VAL A 13 0.52 7.45 1.74
C VAL A 13 0.92 8.50 2.79
N GLY A 14 0.39 9.70 2.65
CA GLY A 14 0.70 10.76 3.60
C GLY A 14 -0.53 11.53 4.03
N GLU A 15 -0.48 12.85 3.87
CA GLU A 15 -1.60 13.71 4.26
C GLU A 15 -2.73 13.62 3.24
N LYS A 16 -2.38 13.83 1.97
CA LYS A 16 -3.37 13.77 0.89
C LYS A 16 -3.68 12.33 0.51
N SER A 17 -4.31 12.15 -0.65
CA SER A 17 -4.67 10.82 -1.13
C SER A 17 -5.69 10.16 -0.19
N ASN A 18 -6.66 9.48 -0.78
CA ASN A 18 -7.69 8.82 -0.01
C ASN A 18 -7.11 7.66 0.81
N TYR A 19 -7.93 7.06 1.64
CA TYR A 19 -7.49 5.95 2.48
C TYR A 19 -8.51 4.81 2.47
N ILE A 20 -8.07 3.65 1.99
CA ILE A 20 -8.93 2.47 1.93
C ILE A 20 -9.09 1.85 3.30
N CYS A 21 -10.30 1.94 3.85
CA CYS A 21 -10.59 1.37 5.16
C CYS A 21 -10.85 -0.12 5.05
N HIS A 22 -10.22 -0.89 5.93
CA HIS A 22 -10.37 -2.35 5.92
C HIS A 22 -9.86 -2.96 7.22
N LYS A 23 -10.78 -3.48 8.02
CA LYS A 23 -10.47 -4.12 9.30
C LYS A 23 -9.23 -3.53 9.97
N GLY A 24 -9.40 -2.39 10.63
CA GLY A 24 -8.30 -1.75 11.31
C GLY A 24 -7.16 -1.34 10.38
N HIS A 25 -7.41 -1.37 9.08
CA HIS A 25 -6.38 -0.99 8.11
C HIS A 25 -6.84 0.14 7.21
N GLU A 26 -5.97 1.13 7.03
CA GLU A 26 -6.29 2.29 6.18
C GLU A 26 -5.25 2.42 5.08
N PHE A 27 -5.31 1.52 4.11
CA PHE A 27 -4.39 1.53 2.99
C PHE A 27 -4.50 2.83 2.19
N ILE A 28 -3.46 3.13 1.42
CA ILE A 28 -3.45 4.36 0.62
C ILE A 28 -3.10 4.05 -0.84
N PRO A 29 -3.89 4.59 -1.78
CA PRO A 29 -3.65 4.38 -3.21
C PRO A 29 -2.39 5.06 -3.69
N THR A 30 -1.41 4.25 -4.09
CA THR A 30 -0.15 4.79 -4.57
C THR A 30 0.56 3.77 -5.48
N LEU A 31 1.56 4.24 -6.21
CA LEU A 31 2.32 3.38 -7.10
C LEU A 31 3.75 3.18 -6.59
N TYR A 32 4.33 2.03 -6.94
CA TYR A 32 5.69 1.72 -6.51
C TYR A 32 6.56 1.32 -7.69
N HIS A 33 7.49 2.21 -8.06
CA HIS A 33 8.40 1.95 -9.17
C HIS A 33 9.56 1.05 -8.75
N PHE A 34 9.68 0.82 -7.43
CA PHE A 34 10.76 -0.02 -6.91
C PHE A 34 10.21 -1.35 -6.41
N PRO A 35 11.09 -2.32 -6.16
CA PRO A 35 10.69 -3.65 -5.67
C PRO A 35 10.00 -3.60 -4.31
N THR A 36 8.67 -3.71 -4.31
CA THR A 36 7.90 -3.68 -3.08
C THR A 36 7.22 -5.03 -2.85
N ASN A 37 7.37 -5.57 -1.65
CA ASN A 37 6.77 -6.86 -1.33
C ASN A 37 5.41 -6.67 -0.66
N CYS A 38 4.38 -7.27 -1.25
CA CYS A 38 3.03 -7.17 -0.71
C CYS A 38 2.90 -8.00 0.57
N GLU A 39 1.98 -7.60 1.44
CA GLU A 39 1.76 -8.30 2.70
C GLU A 39 0.76 -9.44 2.53
N ALA A 40 -0.18 -9.26 1.61
CA ALA A 40 -1.21 -10.26 1.36
C ALA A 40 -0.62 -11.55 0.81
N CYS A 41 -0.54 -11.66 -0.52
CA CYS A 41 0.00 -12.86 -1.16
C CYS A 41 1.52 -12.86 -1.13
N MET A 42 2.13 -13.78 -1.87
CA MET A 42 3.58 -13.90 -1.93
C MET A 42 4.12 -13.20 -3.17
N LYS A 43 3.29 -13.09 -4.21
CA LYS A 43 3.70 -12.44 -5.46
C LYS A 43 4.30 -11.07 -5.19
N PRO A 44 5.21 -10.61 -6.06
CA PRO A 44 5.86 -9.31 -5.91
C PRO A 44 4.92 -8.15 -6.19
N LEU A 45 5.26 -6.98 -5.64
CA LEU A 45 4.45 -5.78 -5.83
C LEU A 45 5.31 -4.63 -6.36
N TRP A 46 5.23 -4.39 -7.67
CA TRP A 46 6.01 -3.31 -8.30
C TRP A 46 5.94 -3.41 -9.81
N HIS A 47 6.62 -2.47 -10.48
CA HIS A 47 6.65 -2.44 -11.94
C HIS A 47 7.45 -1.24 -12.43
N MET A 48 8.43 -1.49 -13.29
CA MET A 48 9.27 -0.42 -13.83
C MET A 48 8.55 0.31 -14.95
N PHE A 49 7.96 -0.45 -15.87
CA PHE A 49 7.26 0.14 -17.00
C PHE A 49 5.96 0.81 -16.56
N LYS A 50 5.00 0.00 -16.13
CA LYS A 50 3.71 0.52 -15.68
C LYS A 50 3.38 0.02 -14.28
N PRO A 51 3.72 0.81 -13.24
CA PRO A 51 3.45 0.43 -11.84
C PRO A 51 1.95 0.38 -11.55
N PRO A 52 1.44 -0.78 -11.11
CA PRO A 52 0.02 -0.96 -10.80
C PRO A 52 -0.38 -0.22 -9.53
N PRO A 53 -1.68 0.10 -9.38
CA PRO A 53 -2.19 0.81 -8.20
C PRO A 53 -2.02 0.00 -6.93
N ALA A 54 -0.92 0.23 -6.23
CA ALA A 54 -0.64 -0.47 -4.98
C ALA A 54 -1.20 0.30 -3.80
N LEU A 55 -1.52 -0.41 -2.73
CA LEU A 55 -2.07 0.21 -1.53
C LEU A 55 -1.12 0.08 -0.34
N GLU A 56 -0.63 1.22 0.15
CA GLU A 56 0.28 1.23 1.28
C GLU A 56 -0.43 1.65 2.56
N CYS A 57 -0.11 0.97 3.65
CA CYS A 57 -0.71 1.27 4.94
C CYS A 57 -0.08 2.53 5.55
N ARG A 58 -0.92 3.41 6.08
CA ARG A 58 -0.45 4.65 6.68
C ARG A 58 -0.27 4.49 8.18
N ARG A 59 0.08 3.28 8.61
CA ARG A 59 0.27 2.98 10.02
C ARG A 59 1.50 2.10 10.23
N CYS A 60 1.35 0.79 9.99
CA CYS A 60 2.47 -0.15 10.15
C CYS A 60 3.36 -0.17 8.91
N HIS A 61 2.92 0.49 7.85
CA HIS A 61 3.69 0.55 6.60
C HIS A 61 3.69 -0.80 5.89
N ILE A 62 2.74 -1.00 4.98
CA ILE A 62 2.63 -2.23 4.22
C ILE A 62 1.95 -1.98 2.89
N LYS A 63 2.52 -2.50 1.81
CA LYS A 63 1.95 -2.31 0.49
C LYS A 63 1.15 -3.52 0.04
N CYS A 64 0.11 -3.28 -0.73
CA CYS A 64 -0.75 -4.34 -1.25
C CYS A 64 -1.51 -3.88 -2.49
N HIS A 65 -1.27 -4.55 -3.61
CA HIS A 65 -1.93 -4.20 -4.88
C HIS A 65 -3.40 -3.88 -4.66
N LYS A 66 -3.86 -2.81 -5.28
CA LYS A 66 -5.25 -2.42 -5.18
C LYS A 66 -6.13 -3.62 -5.53
N ASP A 67 -5.61 -4.48 -6.40
CA ASP A 67 -6.32 -5.66 -6.85
C ASP A 67 -6.84 -6.49 -5.66
N HIS A 68 -5.99 -6.70 -4.65
CA HIS A 68 -6.42 -7.48 -3.47
C HIS A 68 -7.70 -6.91 -2.87
N MET A 69 -7.74 -5.59 -2.68
CA MET A 69 -8.91 -4.94 -2.12
C MET A 69 -10.11 -5.05 -3.05
N ASP A 70 -9.89 -4.69 -4.32
CA ASP A 70 -10.96 -4.75 -5.33
C ASP A 70 -11.51 -6.16 -5.45
N LYS A 71 -10.66 -7.16 -5.21
CA LYS A 71 -11.07 -8.55 -5.29
C LYS A 71 -11.67 -9.04 -3.97
N LYS A 72 -11.37 -8.33 -2.89
CA LYS A 72 -11.88 -8.70 -1.57
C LYS A 72 -11.34 -10.05 -1.14
N GLU A 73 -10.03 -10.22 -1.25
CA GLU A 73 -9.38 -11.47 -0.86
C GLU A 73 -9.35 -11.63 0.65
N GLU A 74 -9.44 -12.88 1.10
CA GLU A 74 -9.41 -13.17 2.53
C GLU A 74 -7.99 -13.45 2.98
N ILE A 75 -7.04 -12.69 2.44
CA ILE A 75 -5.63 -12.85 2.76
C ILE A 75 -5.11 -11.65 3.52
N ILE A 76 -5.71 -10.49 3.29
CA ILE A 76 -5.31 -9.25 3.96
C ILE A 76 -5.77 -9.25 5.42
N ALA A 77 -4.84 -8.99 6.33
CA ALA A 77 -5.16 -8.95 7.74
C ALA A 77 -5.20 -7.52 8.27
N PRO A 78 -5.80 -7.33 9.45
CA PRO A 78 -5.91 -6.00 10.07
C PRO A 78 -4.55 -5.44 10.48
N CYS A 79 -4.52 -4.15 10.75
CA CYS A 79 -3.28 -3.48 11.17
C CYS A 79 -2.87 -3.95 12.57
N LYS A 80 -1.56 -4.02 12.79
CA LYS A 80 -1.04 -4.46 14.09
C LYS A 80 -0.66 -3.26 14.96
N VAL A 81 -0.02 -2.27 14.37
CA VAL A 81 0.40 -1.08 15.09
C VAL A 81 -0.79 -0.35 15.71
N TYR A 82 -1.98 -0.62 15.18
CA TYR A 82 -3.20 0.02 15.67
C TYR A 82 -3.33 -0.14 17.19
N TYR A 83 -2.92 -1.29 17.70
CA TYR A 83 -2.99 -1.55 19.13
C TYR A 83 -1.75 -1.03 19.84
N ASP A 84 -0.58 -1.48 19.40
CA ASP A 84 0.68 -1.06 19.99
C ASP A 84 0.86 0.45 19.87
ZN ZN B . -0.96 -1.46 8.90
ZN ZN C . -0.24 -9.70 -3.13
N GLU A 1 6.33 0.34 -32.92
CA GLU A 1 5.44 -0.82 -32.66
C GLU A 1 4.57 -0.59 -31.44
N SER A 2 3.33 -0.18 -31.66
CA SER A 2 2.39 0.07 -30.57
C SER A 2 2.91 1.18 -29.66
N LYS A 3 2.26 2.33 -29.69
CA LYS A 3 2.67 3.46 -28.86
C LYS A 3 1.46 4.34 -28.51
N LYS A 4 1.13 4.38 -27.23
CA LYS A 4 -0.01 5.19 -26.77
C LYS A 4 0.43 6.14 -25.67
N GLU A 5 -0.32 7.23 -25.51
CA GLU A 5 -0.02 8.23 -24.49
C GLU A 5 -0.25 7.68 -23.09
N PRO A 6 0.54 8.14 -22.10
CA PRO A 6 0.42 7.68 -20.71
C PRO A 6 -0.76 8.33 -19.99
N GLU A 7 -1.08 7.81 -18.81
CA GLU A 7 -2.18 8.34 -18.02
C GLU A 7 -2.08 7.88 -16.57
N PHE A 8 -1.40 8.68 -15.75
CA PHE A 8 -1.23 8.35 -14.34
C PHE A 8 -1.65 9.52 -13.45
N PRO A 9 -2.97 9.76 -13.34
CA PRO A 9 -3.51 10.86 -12.52
C PRO A 9 -3.43 10.55 -11.03
N VAL A 10 -4.03 11.43 -10.22
CA VAL A 10 -4.04 11.26 -8.78
C VAL A 10 -2.68 10.84 -8.24
N GLU A 11 -1.81 11.81 -7.97
CA GLU A 11 -0.48 11.54 -7.46
C GLU A 11 -0.52 11.26 -5.96
N PRO A 12 -0.12 10.04 -5.53
CA PRO A 12 -0.13 9.67 -4.12
C PRO A 12 0.98 10.35 -3.33
N VAL A 13 0.98 10.14 -2.01
CA VAL A 13 1.99 10.72 -1.14
C VAL A 13 2.15 12.22 -1.39
N GLY A 14 1.07 12.85 -1.85
CA GLY A 14 1.11 14.28 -2.12
C GLY A 14 0.14 15.07 -1.25
N GLU A 15 -0.52 16.05 -1.86
CA GLU A 15 -1.47 16.89 -1.14
C GLU A 15 -2.77 16.12 -0.88
N LYS A 16 -3.19 15.34 -1.86
CA LYS A 16 -4.43 14.56 -1.73
C LYS A 16 -4.14 13.06 -1.85
N SER A 17 -4.70 12.30 -0.93
CA SER A 17 -4.51 10.85 -0.91
C SER A 17 -5.59 10.16 -0.08
N ASN A 18 -6.45 9.41 -0.75
CA ASN A 18 -7.53 8.69 -0.07
C ASN A 18 -6.97 7.57 0.80
N TYR A 19 -7.85 6.92 1.55
CA TYR A 19 -7.44 5.83 2.44
C TYR A 19 -8.46 4.70 2.42
N ILE A 20 -8.03 3.54 1.95
CA ILE A 20 -8.88 2.37 1.89
C ILE A 20 -9.07 1.75 3.27
N CYS A 21 -10.28 1.88 3.82
CA CYS A 21 -10.58 1.33 5.13
C CYS A 21 -10.84 -0.17 5.03
N HIS A 22 -10.23 -0.93 5.93
CA HIS A 22 -10.40 -2.38 5.93
C HIS A 22 -9.89 -2.99 7.23
N LYS A 23 -10.82 -3.48 8.05
CA LYS A 23 -10.50 -4.11 9.33
C LYS A 23 -9.24 -3.54 9.97
N GLY A 24 -9.38 -2.39 10.63
CA GLY A 24 -8.24 -1.77 11.29
C GLY A 24 -7.13 -1.36 10.34
N HIS A 25 -7.40 -1.39 9.04
CA HIS A 25 -6.39 -1.01 8.06
C HIS A 25 -6.87 0.12 7.16
N GLU A 26 -6.00 1.11 6.98
CA GLU A 26 -6.31 2.25 6.13
C GLU A 26 -5.25 2.39 5.03
N PHE A 27 -5.29 1.48 4.07
CA PHE A 27 -4.35 1.49 2.96
C PHE A 27 -4.46 2.78 2.16
N ILE A 28 -3.42 3.09 1.41
CA ILE A 28 -3.40 4.30 0.60
C ILE A 28 -3.09 3.99 -0.86
N PRO A 29 -3.90 4.53 -1.79
CA PRO A 29 -3.69 4.31 -3.22
C PRO A 29 -2.45 5.01 -3.74
N THR A 30 -1.44 4.23 -4.10
CA THR A 30 -0.20 4.78 -4.61
C THR A 30 0.51 3.77 -5.52
N LEU A 31 1.57 4.23 -6.18
CA LEU A 31 2.33 3.37 -7.08
C LEU A 31 3.74 3.16 -6.54
N TYR A 32 4.36 2.06 -6.97
CA TYR A 32 5.72 1.74 -6.53
C TYR A 32 6.59 1.32 -7.71
N HIS A 33 7.51 2.20 -8.11
CA HIS A 33 8.41 1.92 -9.22
C HIS A 33 9.57 1.02 -8.80
N PHE A 34 9.81 0.95 -7.50
CA PHE A 34 10.90 0.13 -6.97
C PHE A 34 10.36 -1.21 -6.45
N PRO A 35 11.26 -2.15 -6.15
CA PRO A 35 10.88 -3.48 -5.64
C PRO A 35 10.22 -3.41 -4.28
N THR A 36 8.91 -3.67 -4.25
CA THR A 36 8.15 -3.65 -3.01
C THR A 36 7.42 -4.98 -2.81
N ASN A 37 7.41 -5.46 -1.57
CA ASN A 37 6.76 -6.74 -1.27
C ASN A 37 5.36 -6.52 -0.72
N CYS A 38 4.45 -7.42 -1.09
CA CYS A 38 3.06 -7.34 -0.64
C CYS A 38 2.87 -8.14 0.65
N GLU A 39 1.95 -7.70 1.49
CA GLU A 39 1.67 -8.38 2.75
C GLU A 39 0.65 -9.49 2.57
N ALA A 40 -0.37 -9.23 1.77
CA ALA A 40 -1.42 -10.21 1.52
C ALA A 40 -0.85 -11.53 1.03
N CYS A 41 -0.58 -11.61 -0.28
CA CYS A 41 -0.03 -12.83 -0.87
C CYS A 41 1.49 -12.84 -0.74
N MET A 42 2.13 -13.74 -1.49
CA MET A 42 3.58 -13.86 -1.46
C MET A 42 4.22 -13.20 -2.68
N LYS A 43 3.45 -13.09 -3.76
CA LYS A 43 3.95 -12.48 -4.99
C LYS A 43 4.53 -11.09 -4.73
N PRO A 44 5.42 -10.63 -5.62
CA PRO A 44 6.06 -9.30 -5.48
C PRO A 44 5.08 -8.16 -5.76
N LEU A 45 5.55 -6.94 -5.57
CA LEU A 45 4.72 -5.75 -5.80
C LEU A 45 5.57 -4.59 -6.29
N TRP A 46 5.52 -4.34 -7.60
CA TRP A 46 6.28 -3.25 -8.21
C TRP A 46 6.19 -3.30 -9.73
N HIS A 47 6.87 -2.38 -10.39
CA HIS A 47 6.89 -2.32 -11.85
C HIS A 47 7.78 -1.19 -12.34
N MET A 48 8.45 -1.40 -13.48
CA MET A 48 9.33 -0.40 -14.04
C MET A 48 8.62 0.44 -15.10
N PHE A 49 7.82 -0.22 -15.93
CA PHE A 49 7.08 0.47 -16.98
C PHE A 49 5.79 1.10 -16.44
N LYS A 50 4.78 0.26 -16.24
CA LYS A 50 3.50 0.73 -15.72
C LYS A 50 3.23 0.18 -14.32
N PRO A 51 3.56 0.95 -13.27
CA PRO A 51 3.34 0.53 -11.89
C PRO A 51 1.86 0.39 -11.55
N PRO A 52 1.43 -0.80 -11.10
CA PRO A 52 0.03 -1.04 -10.74
C PRO A 52 -0.39 -0.29 -9.48
N PRO A 53 -1.70 0.00 -9.34
CA PRO A 53 -2.22 0.72 -8.17
C PRO A 53 -2.04 -0.07 -6.88
N ALA A 54 -0.94 0.19 -6.19
CA ALA A 54 -0.64 -0.48 -4.94
C ALA A 54 -1.20 0.28 -3.74
N LEU A 55 -1.62 -0.46 -2.72
CA LEU A 55 -2.18 0.15 -1.52
C LEU A 55 -1.20 0.06 -0.35
N GLU A 56 -0.67 1.21 0.06
CA GLU A 56 0.28 1.26 1.17
C GLU A 56 -0.40 1.70 2.45
N CYS A 57 -0.16 0.96 3.53
CA CYS A 57 -0.75 1.27 4.82
C CYS A 57 -0.10 2.52 5.42
N ARG A 58 -0.93 3.39 5.98
CA ARG A 58 -0.43 4.63 6.59
C ARG A 58 -0.27 4.46 8.10
N ARG A 59 0.07 3.24 8.52
CA ARG A 59 0.27 2.94 9.94
C ARG A 59 1.51 2.07 10.14
N CYS A 60 1.40 0.78 9.82
CA CYS A 60 2.51 -0.14 9.95
C CYS A 60 3.40 -0.15 8.72
N HIS A 61 2.93 0.49 7.65
CA HIS A 61 3.68 0.56 6.39
C HIS A 61 3.71 -0.79 5.69
N ILE A 62 2.72 -1.02 4.83
CA ILE A 62 2.62 -2.27 4.07
C ILE A 62 1.90 -2.04 2.76
N LYS A 63 2.47 -2.54 1.67
CA LYS A 63 1.85 -2.37 0.37
C LYS A 63 1.12 -3.63 -0.08
N CYS A 64 0.01 -3.43 -0.80
CA CYS A 64 -0.79 -4.54 -1.30
C CYS A 64 -1.62 -4.10 -2.48
N HIS A 65 -1.30 -4.61 -3.68
CA HIS A 65 -2.02 -4.25 -4.91
C HIS A 65 -3.47 -3.93 -4.65
N LYS A 66 -3.94 -2.85 -5.26
CA LYS A 66 -5.32 -2.44 -5.14
C LYS A 66 -6.22 -3.63 -5.51
N ASP A 67 -5.72 -4.47 -6.41
CA ASP A 67 -6.44 -5.65 -6.87
C ASP A 67 -6.99 -6.45 -5.69
N HIS A 68 -6.16 -6.68 -4.68
CA HIS A 68 -6.59 -7.46 -3.51
C HIS A 68 -7.88 -6.89 -2.93
N MET A 69 -7.88 -5.58 -2.69
CA MET A 69 -9.06 -4.91 -2.13
C MET A 69 -10.25 -5.03 -3.07
N ASP A 70 -10.04 -4.66 -4.33
CA ASP A 70 -11.10 -4.72 -5.33
C ASP A 70 -11.70 -6.13 -5.42
N LYS A 71 -10.88 -7.13 -5.10
CA LYS A 71 -11.33 -8.52 -5.13
C LYS A 71 -11.84 -8.97 -3.77
N LYS A 72 -11.49 -8.23 -2.73
CA LYS A 72 -11.91 -8.55 -1.36
C LYS A 72 -11.29 -9.87 -0.90
N GLU A 73 -9.99 -10.00 -1.13
CA GLU A 73 -9.26 -11.20 -0.73
C GLU A 73 -9.09 -11.26 0.79
N GLU A 74 -9.57 -12.36 1.38
CA GLU A 74 -9.48 -12.54 2.83
C GLU A 74 -8.02 -12.59 3.27
N ILE A 75 -7.13 -12.93 2.34
CA ILE A 75 -5.71 -13.02 2.63
C ILE A 75 -5.21 -11.78 3.39
N ILE A 76 -5.86 -10.65 3.16
CA ILE A 76 -5.50 -9.41 3.83
C ILE A 76 -5.95 -9.41 5.28
N ALA A 77 -5.03 -9.06 6.18
CA ALA A 77 -5.35 -9.02 7.61
C ALA A 77 -5.34 -7.58 8.13
N PRO A 78 -5.90 -7.37 9.33
CA PRO A 78 -5.95 -6.05 9.96
C PRO A 78 -4.57 -5.51 10.31
N CYS A 79 -4.50 -4.21 10.59
CA CYS A 79 -3.24 -3.58 10.95
C CYS A 79 -2.73 -4.12 12.27
N LYS A 80 -1.41 -4.21 12.41
CA LYS A 80 -0.80 -4.73 13.63
C LYS A 80 -0.43 -3.61 14.59
N VAL A 81 0.10 -2.51 14.05
CA VAL A 81 0.51 -1.38 14.89
C VAL A 81 -0.68 -0.78 15.63
N TYR A 82 -1.89 -0.99 15.09
CA TYR A 82 -3.11 -0.47 15.70
C TYR A 82 -3.24 -0.95 17.14
N TYR A 83 -2.73 -2.14 17.42
CA TYR A 83 -2.78 -2.71 18.76
C TYR A 83 -1.47 -2.50 19.50
N ASP A 84 -0.36 -2.87 18.85
CA ASP A 84 0.95 -2.73 19.46
C ASP A 84 1.25 -1.26 19.77
ZN ZN B . -0.97 -1.47 8.78
ZN ZN C . -0.40 -9.62 -2.97
N GLU A 1 25.04 18.93 0.67
CA GLU A 1 24.18 20.13 0.80
C GLU A 1 22.93 20.00 -0.08
N SER A 2 23.14 19.72 -1.36
CA SER A 2 22.03 19.58 -2.30
C SER A 2 21.50 18.15 -2.30
N LYS A 3 22.29 17.22 -2.83
CA LYS A 3 21.90 15.82 -2.89
C LYS A 3 22.18 15.12 -1.56
N LYS A 4 21.16 14.45 -1.03
CA LYS A 4 21.29 13.74 0.23
C LYS A 4 21.21 12.23 0.02
N GLU A 5 21.51 11.48 1.08
CA GLU A 5 21.47 10.01 1.01
C GLU A 5 20.05 9.52 0.74
N PRO A 6 19.89 8.50 -0.12
CA PRO A 6 18.58 7.94 -0.45
C PRO A 6 17.81 7.50 0.79
N GLU A 7 16.60 8.00 0.94
CA GLU A 7 15.77 7.67 2.10
C GLU A 7 14.29 7.59 1.70
N PHE A 8 13.86 6.41 1.26
CA PHE A 8 12.47 6.21 0.86
C PHE A 8 12.10 7.15 -0.29
N PRO A 9 12.48 6.80 -1.53
CA PRO A 9 12.18 7.61 -2.72
C PRO A 9 10.72 7.56 -3.11
N VAL A 10 10.40 8.08 -4.29
CA VAL A 10 9.03 8.10 -4.80
C VAL A 10 8.03 8.47 -3.71
N GLU A 11 7.95 9.76 -3.39
CA GLU A 11 7.03 10.24 -2.38
C GLU A 11 5.62 10.39 -2.95
N PRO A 12 4.64 9.63 -2.41
CA PRO A 12 3.26 9.69 -2.89
C PRO A 12 2.61 11.04 -2.63
N VAL A 13 1.48 11.30 -3.29
CA VAL A 13 0.77 12.55 -3.14
C VAL A 13 0.15 12.67 -1.75
N GLY A 14 0.90 13.27 -0.83
CA GLY A 14 0.40 13.44 0.53
C GLY A 14 -0.41 14.71 0.71
N GLU A 15 -0.69 15.40 -0.40
CA GLU A 15 -1.46 16.64 -0.35
C GLU A 15 -2.95 16.35 -0.14
N LYS A 16 -3.41 15.22 -0.68
CA LYS A 16 -4.80 14.83 -0.56
C LYS A 16 -5.02 13.40 -1.06
N SER A 17 -4.28 12.46 -0.49
CA SER A 17 -4.39 11.06 -0.87
C SER A 17 -5.49 10.36 -0.08
N ASN A 18 -6.37 9.67 -0.79
CA ASN A 18 -7.47 8.95 -0.16
C ASN A 18 -6.94 7.83 0.73
N TYR A 19 -7.84 7.18 1.46
CA TYR A 19 -7.46 6.09 2.35
C TYR A 19 -8.49 4.97 2.32
N ILE A 20 -8.06 3.79 1.89
CA ILE A 20 -8.94 2.63 1.83
C ILE A 20 -9.17 2.05 3.22
N CYS A 21 -10.39 2.20 3.71
CA CYS A 21 -10.76 1.69 5.03
C CYS A 21 -11.01 0.19 4.99
N HIS A 22 -10.52 -0.52 6.01
CA HIS A 22 -10.69 -1.96 6.09
C HIS A 22 -10.56 -2.43 7.54
N LYS A 23 -10.57 -3.75 7.74
CA LYS A 23 -10.44 -4.33 9.07
C LYS A 23 -9.25 -3.75 9.81
N GLY A 24 -9.47 -2.68 10.56
CA GLY A 24 -8.39 -2.06 11.31
C GLY A 24 -7.26 -1.58 10.41
N HIS A 25 -7.52 -1.52 9.10
CA HIS A 25 -6.50 -1.08 8.17
C HIS A 25 -6.97 0.09 7.31
N GLU A 26 -6.07 1.05 7.10
CA GLU A 26 -6.37 2.22 6.28
C GLU A 26 -5.30 2.38 5.20
N PHE A 27 -5.40 1.55 4.17
CA PHE A 27 -4.45 1.58 3.06
C PHE A 27 -4.54 2.87 2.27
N ILE A 28 -3.49 3.17 1.53
CA ILE A 28 -3.44 4.38 0.74
C ILE A 28 -3.04 4.08 -0.70
N PRO A 29 -3.76 4.66 -1.68
CA PRO A 29 -3.49 4.45 -3.10
C PRO A 29 -2.20 5.10 -3.55
N THR A 30 -1.23 4.28 -3.95
CA THR A 30 0.05 4.78 -4.40
C THR A 30 0.71 3.79 -5.35
N LEU A 31 1.72 4.26 -6.10
CA LEU A 31 2.43 3.41 -7.05
C LEU A 31 3.86 3.17 -6.57
N TYR A 32 4.45 2.07 -7.05
CA TYR A 32 5.82 1.73 -6.67
C TYR A 32 6.63 1.29 -7.89
N HIS A 33 7.67 2.05 -8.20
CA HIS A 33 8.53 1.73 -9.33
C HIS A 33 9.71 0.84 -8.92
N PHE A 34 9.84 0.62 -7.62
CA PHE A 34 10.93 -0.22 -7.11
C PHE A 34 10.37 -1.53 -6.55
N PRO A 35 11.26 -2.48 -6.20
CA PRO A 35 10.86 -3.78 -5.66
C PRO A 35 10.10 -3.66 -4.34
N THR A 36 8.78 -3.69 -4.42
CA THR A 36 7.93 -3.60 -3.22
C THR A 36 7.25 -4.95 -2.97
N ASN A 37 7.39 -5.45 -1.75
CA ASN A 37 6.80 -6.73 -1.39
C ASN A 37 5.42 -6.54 -0.75
N CYS A 38 4.39 -7.06 -1.43
CA CYS A 38 3.03 -6.96 -0.93
C CYS A 38 2.92 -7.68 0.42
N GLU A 39 1.84 -7.41 1.14
CA GLU A 39 1.63 -8.02 2.45
C GLU A 39 0.61 -9.16 2.39
N ALA A 40 -0.36 -9.03 1.49
CA ALA A 40 -1.40 -10.05 1.34
C ALA A 40 -0.82 -11.39 0.90
N CYS A 41 -0.63 -11.55 -0.41
CA CYS A 41 -0.09 -12.80 -0.95
C CYS A 41 1.43 -12.84 -0.83
N MET A 42 2.04 -13.84 -1.46
CA MET A 42 3.49 -14.00 -1.42
C MET A 42 4.11 -13.75 -2.79
N LYS A 43 3.65 -12.70 -3.46
CA LYS A 43 4.16 -12.34 -4.78
C LYS A 43 4.76 -10.94 -4.77
N PRO A 44 5.68 -10.65 -5.70
CA PRO A 44 6.33 -9.34 -5.79
C PRO A 44 5.37 -8.24 -6.26
N LEU A 45 5.50 -7.06 -5.68
CA LEU A 45 4.66 -5.93 -6.03
C LEU A 45 5.50 -4.77 -6.58
N TRP A 46 5.41 -4.53 -7.88
CA TRP A 46 6.17 -3.46 -8.52
C TRP A 46 6.04 -3.52 -10.04
N HIS A 47 6.63 -2.54 -10.71
CA HIS A 47 6.59 -2.47 -12.17
C HIS A 47 7.30 -1.22 -12.67
N MET A 48 8.33 -1.43 -13.49
CA MET A 48 9.10 -0.32 -14.04
C MET A 48 8.33 0.40 -15.14
N PHE A 49 7.71 -0.39 -16.02
CA PHE A 49 6.95 0.17 -17.12
C PHE A 49 5.68 0.85 -16.62
N LYS A 50 4.73 0.05 -16.15
CA LYS A 50 3.47 0.57 -15.64
C LYS A 50 3.18 0.06 -14.24
N PRO A 51 3.58 0.83 -13.20
CA PRO A 51 3.35 0.44 -11.80
C PRO A 51 1.86 0.34 -11.47
N PRO A 52 1.40 -0.85 -11.05
CA PRO A 52 0.00 -1.09 -10.70
C PRO A 52 -0.42 -0.33 -9.45
N PRO A 53 -1.72 -0.01 -9.31
CA PRO A 53 -2.24 0.71 -8.15
C PRO A 53 -2.08 -0.06 -6.85
N ALA A 54 -0.98 0.20 -6.15
CA ALA A 54 -0.72 -0.48 -4.89
C ALA A 54 -1.31 0.31 -3.72
N LEU A 55 -1.55 -0.38 -2.61
CA LEU A 55 -2.11 0.26 -1.42
C LEU A 55 -1.15 0.16 -0.25
N GLU A 56 -0.68 1.32 0.22
CA GLU A 56 0.25 1.38 1.34
C GLU A 56 -0.46 1.79 2.63
N CYS A 57 -0.18 1.06 3.70
CA CYS A 57 -0.79 1.34 5.00
C CYS A 57 -0.16 2.60 5.62
N ARG A 58 -1.02 3.46 6.15
CA ARG A 58 -0.54 4.70 6.79
C ARG A 58 -0.39 4.50 8.29
N ARG A 59 -0.05 3.28 8.69
CA ARG A 59 0.13 2.95 10.10
C ARG A 59 1.37 2.08 10.29
N CYS A 60 1.25 0.79 10.00
CA CYS A 60 2.36 -0.15 10.15
C CYS A 60 3.27 -0.12 8.92
N HIS A 61 2.84 0.57 7.87
CA HIS A 61 3.61 0.68 6.64
C HIS A 61 3.67 -0.66 5.92
N ILE A 62 2.71 -0.90 5.03
CA ILE A 62 2.65 -2.14 4.26
C ILE A 62 1.95 -1.90 2.93
N LYS A 63 2.53 -2.43 1.86
CA LYS A 63 1.96 -2.25 0.53
C LYS A 63 1.22 -3.50 0.07
N CYS A 64 0.14 -3.28 -0.68
CA CYS A 64 -0.67 -4.38 -1.21
C CYS A 64 -1.44 -3.91 -2.44
N HIS A 65 -1.27 -4.63 -3.56
CA HIS A 65 -1.96 -4.28 -4.81
C HIS A 65 -3.42 -3.94 -4.56
N LYS A 66 -3.87 -2.85 -5.18
CA LYS A 66 -5.26 -2.45 -5.05
C LYS A 66 -6.16 -3.64 -5.39
N ASP A 67 -5.65 -4.50 -6.29
CA ASP A 67 -6.38 -5.68 -6.72
C ASP A 67 -6.88 -6.51 -5.54
N HIS A 68 -6.03 -6.73 -4.54
CA HIS A 68 -6.43 -7.52 -3.37
C HIS A 68 -7.70 -6.96 -2.75
N MET A 69 -7.72 -5.64 -2.53
CA MET A 69 -8.87 -4.98 -1.93
C MET A 69 -10.07 -5.01 -2.88
N ASP A 70 -9.83 -4.65 -4.14
CA ASP A 70 -10.89 -4.64 -5.15
C ASP A 70 -11.49 -6.02 -5.32
N LYS A 71 -10.67 -7.05 -5.11
CA LYS A 71 -11.14 -8.43 -5.23
C LYS A 71 -11.70 -8.95 -3.92
N LYS A 72 -11.37 -8.27 -2.82
CA LYS A 72 -11.84 -8.67 -1.50
C LYS A 72 -11.23 -10.01 -1.09
N GLU A 73 -9.97 -10.21 -1.43
CA GLU A 73 -9.26 -11.44 -1.11
C GLU A 73 -9.25 -11.66 0.40
N GLU A 74 -9.40 -12.92 0.79
CA GLU A 74 -9.39 -13.29 2.21
C GLU A 74 -7.98 -13.61 2.67
N ILE A 75 -7.02 -12.78 2.23
CA ILE A 75 -5.62 -12.96 2.58
C ILE A 75 -5.09 -11.78 3.40
N ILE A 76 -5.79 -10.64 3.31
CA ILE A 76 -5.38 -9.44 4.04
C ILE A 76 -5.77 -9.54 5.51
N ALA A 77 -4.86 -9.11 6.38
CA ALA A 77 -5.13 -9.13 7.82
C ALA A 77 -5.21 -7.72 8.39
N PRO A 78 -5.78 -7.58 9.60
CA PRO A 78 -5.92 -6.29 10.26
C PRO A 78 -4.57 -5.66 10.59
N CYS A 79 -4.54 -4.34 10.69
CA CYS A 79 -3.30 -3.63 11.01
C CYS A 79 -2.71 -4.15 12.31
N LYS A 80 -1.37 -4.15 12.39
CA LYS A 80 -0.67 -4.65 13.57
C LYS A 80 -0.36 -3.53 14.56
N VAL A 81 -0.16 -2.32 14.05
CA VAL A 81 0.16 -1.19 14.91
C VAL A 81 -1.09 -0.49 15.44
N TYR A 82 -2.24 -1.13 15.28
CA TYR A 82 -3.50 -0.57 15.74
C TYR A 82 -3.83 -1.04 17.16
N TYR A 83 -2.84 -0.97 18.04
CA TYR A 83 -3.01 -1.40 19.42
C TYR A 83 -1.73 -1.16 20.22
N ASP A 84 -0.59 -1.45 19.61
CA ASP A 84 0.70 -1.28 20.26
C ASP A 84 0.91 0.18 20.68
ZN ZN B . -1.07 -1.46 8.90
ZN ZN C . -0.24 -9.71 -3.10
N GLU A 1 -27.71 20.42 -13.76
CA GLU A 1 -27.07 19.20 -13.21
C GLU A 1 -25.71 19.53 -12.59
N SER A 2 -25.08 18.53 -11.97
CA SER A 2 -23.78 18.71 -11.35
C SER A 2 -22.67 18.73 -12.40
N LYS A 3 -22.77 17.82 -13.36
CA LYS A 3 -21.77 17.73 -14.42
C LYS A 3 -20.39 17.40 -13.85
N LYS A 4 -19.91 16.20 -14.12
CA LYS A 4 -18.60 15.77 -13.63
C LYS A 4 -17.97 14.77 -14.58
N GLU A 5 -16.65 14.82 -14.70
CA GLU A 5 -15.92 13.92 -15.58
C GLU A 5 -15.74 12.55 -14.94
N PRO A 6 -15.67 11.49 -15.75
CA PRO A 6 -15.50 10.12 -15.25
C PRO A 6 -14.07 9.83 -14.83
N GLU A 7 -13.89 8.75 -14.06
CA GLU A 7 -12.56 8.36 -13.59
C GLU A 7 -11.93 9.48 -12.76
N PHE A 8 -12.17 9.44 -11.45
CA PHE A 8 -11.62 10.43 -10.53
C PHE A 8 -10.60 9.81 -9.59
N PRO A 9 -9.39 9.52 -10.10
CA PRO A 9 -8.32 8.92 -9.30
C PRO A 9 -7.74 9.90 -8.28
N VAL A 10 -6.62 9.52 -7.68
CA VAL A 10 -5.96 10.37 -6.69
C VAL A 10 -4.44 10.33 -6.86
N GLU A 11 -3.80 11.48 -6.63
CA GLU A 11 -2.36 11.57 -6.76
C GLU A 11 -1.68 11.41 -5.38
N PRO A 12 -1.01 10.26 -5.16
CA PRO A 12 -0.32 9.98 -3.90
C PRO A 12 0.92 10.85 -3.72
N VAL A 13 1.67 10.58 -2.65
CA VAL A 13 2.89 11.33 -2.37
C VAL A 13 2.66 12.83 -2.47
N GLY A 14 1.44 13.27 -2.20
CA GLY A 14 1.11 14.68 -2.28
C GLY A 14 0.41 15.18 -1.03
N GLU A 15 -0.27 16.32 -1.16
CA GLU A 15 -0.99 16.90 -0.04
C GLU A 15 -2.29 16.16 0.22
N LYS A 16 -3.07 15.94 -0.84
CA LYS A 16 -4.35 15.23 -0.72
C LYS A 16 -4.21 13.79 -1.19
N SER A 17 -4.63 12.86 -0.35
CA SER A 17 -4.57 11.44 -0.68
C SER A 17 -5.73 10.68 -0.02
N ASN A 18 -6.24 9.68 -0.73
CA ASN A 18 -7.35 8.89 -0.22
C ASN A 18 -6.85 7.80 0.72
N TYR A 19 -7.78 7.09 1.35
CA TYR A 19 -7.43 6.02 2.28
C TYR A 19 -8.46 4.91 2.24
N ILE A 20 -8.03 3.72 1.81
CA ILE A 20 -8.91 2.57 1.73
C ILE A 20 -9.16 1.98 3.12
N CYS A 21 -10.38 2.17 3.62
CA CYS A 21 -10.76 1.67 4.93
C CYS A 21 -10.99 0.16 4.89
N HIS A 22 -10.57 -0.52 5.95
CA HIS A 22 -10.73 -1.97 6.03
C HIS A 22 -10.63 -2.44 7.48
N LYS A 23 -10.60 -3.76 7.67
CA LYS A 23 -10.51 -4.34 9.01
C LYS A 23 -9.30 -3.77 9.77
N GLY A 24 -9.52 -2.68 10.49
CA GLY A 24 -8.44 -2.08 11.25
C GLY A 24 -7.31 -1.58 10.37
N HIS A 25 -7.54 -1.53 9.05
CA HIS A 25 -6.51 -1.09 8.13
C HIS A 25 -6.97 0.08 7.27
N GLU A 26 -6.08 1.04 7.07
CA GLU A 26 -6.36 2.21 6.26
C GLU A 26 -5.30 2.39 5.19
N PHE A 27 -5.40 1.57 4.14
CA PHE A 27 -4.43 1.60 3.04
C PHE A 27 -4.54 2.90 2.26
N ILE A 28 -3.47 3.23 1.53
CA ILE A 28 -3.43 4.45 0.74
C ILE A 28 -3.08 4.14 -0.71
N PRO A 29 -3.84 4.71 -1.66
CA PRO A 29 -3.62 4.48 -3.10
C PRO A 29 -2.34 5.15 -3.59
N THR A 30 -1.39 4.34 -4.03
CA THR A 30 -0.12 4.86 -4.54
C THR A 30 0.54 3.85 -5.47
N LEU A 31 1.57 4.30 -6.17
CA LEU A 31 2.30 3.46 -7.10
C LEU A 31 3.71 3.17 -6.58
N TYR A 32 4.31 2.09 -7.07
CA TYR A 32 5.66 1.72 -6.66
C TYR A 32 6.50 1.29 -7.86
N HIS A 33 7.54 2.07 -8.15
CA HIS A 33 8.43 1.79 -9.27
C HIS A 33 9.53 0.81 -8.87
N PHE A 34 9.79 0.71 -7.57
CA PHE A 34 10.83 -0.19 -7.07
C PHE A 34 10.21 -1.46 -6.49
N PRO A 35 11.02 -2.53 -6.35
CA PRO A 35 10.55 -3.81 -5.80
C PRO A 35 9.93 -3.65 -4.42
N THR A 36 8.64 -3.90 -4.32
CA THR A 36 7.92 -3.80 -3.06
C THR A 36 7.20 -5.12 -2.76
N ASN A 37 7.45 -5.67 -1.58
CA ASN A 37 6.83 -6.93 -1.17
C ASN A 37 5.45 -6.69 -0.58
N CYS A 38 4.43 -7.30 -1.19
CA CYS A 38 3.07 -7.18 -0.71
C CYS A 38 2.86 -8.00 0.57
N GLU A 39 1.95 -7.54 1.42
CA GLU A 39 1.68 -8.24 2.68
C GLU A 39 0.68 -9.38 2.47
N ALA A 40 -0.18 -9.24 1.46
CA ALA A 40 -1.18 -10.27 1.18
C ALA A 40 -0.54 -11.54 0.62
N CYS A 41 -0.46 -11.66 -0.71
CA CYS A 41 0.13 -12.83 -1.35
C CYS A 41 1.65 -12.77 -1.32
N MET A 42 2.28 -13.86 -1.71
CA MET A 42 3.74 -13.94 -1.73
C MET A 42 4.30 -13.25 -2.97
N LYS A 43 3.49 -13.14 -4.02
CA LYS A 43 3.91 -12.50 -5.26
C LYS A 43 4.45 -11.10 -5.00
N PRO A 44 5.43 -10.65 -5.79
CA PRO A 44 6.03 -9.31 -5.64
C PRO A 44 5.08 -8.20 -6.07
N LEU A 45 5.29 -7.01 -5.50
CA LEU A 45 4.45 -5.86 -5.82
C LEU A 45 5.31 -4.71 -6.34
N TRP A 46 5.29 -4.50 -7.66
CA TRP A 46 6.06 -3.43 -8.27
C TRP A 46 5.95 -3.48 -9.79
N HIS A 47 6.65 -2.57 -10.47
CA HIS A 47 6.65 -2.50 -11.92
C HIS A 47 7.51 -1.34 -12.41
N MET A 48 8.36 -1.61 -13.39
CA MET A 48 9.25 -0.58 -13.95
C MET A 48 8.53 0.22 -15.03
N PHE A 49 7.80 -0.46 -15.89
CA PHE A 49 7.09 0.20 -16.97
C PHE A 49 5.84 0.91 -16.45
N LYS A 50 4.81 0.15 -16.15
CA LYS A 50 3.56 0.71 -15.65
C LYS A 50 3.23 0.18 -14.25
N PRO A 51 3.62 0.92 -13.19
CA PRO A 51 3.36 0.51 -11.81
C PRO A 51 1.87 0.42 -11.50
N PRO A 52 1.38 -0.76 -11.09
CA PRO A 52 -0.03 -0.97 -10.77
C PRO A 52 -0.46 -0.20 -9.52
N PRO A 53 -1.78 0.06 -9.38
CA PRO A 53 -2.31 0.78 -8.23
C PRO A 53 -2.13 0.02 -6.93
N ALA A 54 -1.05 0.30 -6.22
CA ALA A 54 -0.75 -0.37 -4.95
C ALA A 54 -1.35 0.40 -3.78
N LEU A 55 -1.51 -0.29 -2.65
CA LEU A 55 -2.06 0.33 -1.46
C LEU A 55 -1.10 0.22 -0.29
N GLU A 56 -0.63 1.36 0.20
CA GLU A 56 0.29 1.40 1.32
C GLU A 56 -0.42 1.78 2.60
N CYS A 57 -0.13 1.08 3.68
CA CYS A 57 -0.75 1.35 4.98
C CYS A 57 -0.12 2.60 5.61
N ARG A 58 -0.97 3.47 6.14
CA ARG A 58 -0.50 4.70 6.77
C ARG A 58 -0.36 4.51 8.28
N ARG A 59 -0.05 3.28 8.68
CA ARG A 59 0.11 2.96 10.09
C ARG A 59 1.36 2.09 10.31
N CYS A 60 1.25 0.80 9.97
CA CYS A 60 2.38 -0.13 10.13
C CYS A 60 3.27 -0.14 8.89
N HIS A 61 2.87 0.58 7.84
CA HIS A 61 3.63 0.66 6.61
C HIS A 61 3.67 -0.70 5.91
N ILE A 62 2.70 -0.91 5.01
CA ILE A 62 2.62 -2.15 4.24
C ILE A 62 1.95 -1.90 2.90
N LYS A 63 2.52 -2.45 1.84
CA LYS A 63 1.97 -2.26 0.51
C LYS A 63 1.18 -3.48 0.04
N CYS A 64 0.14 -3.22 -0.74
CA CYS A 64 -0.71 -4.28 -1.27
C CYS A 64 -1.46 -3.80 -2.51
N HIS A 65 -1.29 -4.52 -3.61
CA HIS A 65 -1.95 -4.16 -4.87
C HIS A 65 -3.42 -3.85 -4.65
N LYS A 66 -3.89 -2.80 -5.29
CA LYS A 66 -5.30 -2.43 -5.20
C LYS A 66 -6.16 -3.64 -5.52
N ASP A 67 -5.64 -4.51 -6.38
CA ASP A 67 -6.34 -5.72 -6.79
C ASP A 67 -6.82 -6.52 -5.58
N HIS A 68 -5.95 -6.70 -4.58
CA HIS A 68 -6.33 -7.47 -3.38
C HIS A 68 -7.59 -6.89 -2.75
N MET A 69 -7.64 -5.57 -2.65
CA MET A 69 -8.79 -4.90 -2.06
C MET A 69 -10.02 -4.99 -2.97
N ASP A 70 -9.85 -4.60 -4.23
CA ASP A 70 -10.94 -4.65 -5.19
C ASP A 70 -11.51 -6.05 -5.30
N LYS A 71 -10.67 -7.05 -5.08
CA LYS A 71 -11.09 -8.44 -5.15
C LYS A 71 -11.61 -8.94 -3.80
N LYS A 72 -11.21 -8.25 -2.73
CA LYS A 72 -11.63 -8.63 -1.39
C LYS A 72 -11.11 -10.02 -1.03
N GLU A 73 -9.79 -10.13 -0.94
CA GLU A 73 -9.15 -11.40 -0.60
C GLU A 73 -8.92 -11.52 0.90
N GLU A 74 -9.39 -12.62 1.48
CA GLU A 74 -9.24 -12.87 2.91
C GLU A 74 -7.77 -12.84 3.31
N ILE A 75 -6.89 -13.07 2.33
CA ILE A 75 -5.46 -13.09 2.57
C ILE A 75 -5.01 -11.86 3.36
N ILE A 76 -5.75 -10.76 3.21
CA ILE A 76 -5.42 -9.52 3.91
C ILE A 76 -5.79 -9.62 5.38
N ALA A 77 -4.94 -9.08 6.25
CA ALA A 77 -5.19 -9.11 7.69
C ALA A 77 -5.27 -7.69 8.25
N PRO A 78 -5.81 -7.57 9.47
CA PRO A 78 -5.94 -6.26 10.14
C PRO A 78 -4.60 -5.64 10.49
N CYS A 79 -4.57 -4.32 10.65
CA CYS A 79 -3.35 -3.62 10.99
C CYS A 79 -2.77 -4.14 12.30
N LYS A 80 -1.45 -4.15 12.41
CA LYS A 80 -0.78 -4.63 13.61
C LYS A 80 -0.52 -3.49 14.61
N VAL A 81 0.01 -2.38 14.11
CA VAL A 81 0.32 -1.25 14.97
C VAL A 81 -0.95 -0.65 15.58
N TYR A 82 -2.06 -0.74 14.86
CA TYR A 82 -3.34 -0.22 15.34
C TYR A 82 -3.75 -0.90 16.63
N TYR A 83 -3.34 -2.15 16.81
CA TYR A 83 -3.67 -2.91 18.00
C TYR A 83 -2.46 -3.05 18.92
N ASP A 84 -1.31 -3.32 18.33
CA ASP A 84 -0.07 -3.47 19.09
C ASP A 84 0.26 -2.20 19.86
ZN ZN B . -1.08 -1.46 8.88
ZN ZN C . -0.15 -9.68 -3.28
N GLU A 1 34.65 15.57 -8.15
CA GLU A 1 33.44 16.30 -7.70
C GLU A 1 32.19 15.43 -7.86
N SER A 2 31.48 15.24 -6.76
CA SER A 2 30.26 14.43 -6.76
C SER A 2 30.56 12.98 -7.15
N LYS A 3 30.72 12.74 -8.44
CA LYS A 3 31.01 11.40 -8.94
C LYS A 3 29.88 10.43 -8.57
N LYS A 4 28.66 10.94 -8.58
CA LYS A 4 27.49 10.13 -8.25
C LYS A 4 26.36 10.37 -9.25
N GLU A 5 25.63 9.30 -9.57
CA GLU A 5 24.53 9.40 -10.52
C GLU A 5 23.36 10.18 -9.91
N PRO A 6 22.38 10.58 -10.75
CA PRO A 6 21.20 11.34 -10.28
C PRO A 6 20.27 10.49 -9.43
N GLU A 7 19.11 11.04 -9.09
CA GLU A 7 18.13 10.33 -8.28
C GLU A 7 16.76 10.98 -8.40
N PHE A 8 15.92 10.43 -9.27
CA PHE A 8 14.58 10.97 -9.48
C PHE A 8 13.52 9.97 -9.02
N PRO A 9 13.21 9.95 -7.71
CA PRO A 9 12.22 9.03 -7.15
C PRO A 9 10.80 9.39 -7.58
N VAL A 10 9.82 8.67 -7.03
CA VAL A 10 8.43 8.90 -7.36
C VAL A 10 7.64 9.37 -6.14
N GLU A 11 7.22 10.63 -6.15
CA GLU A 11 6.46 11.20 -5.05
C GLU A 11 4.96 10.96 -5.24
N PRO A 12 4.33 10.17 -4.35
CA PRO A 12 2.89 9.87 -4.44
C PRO A 12 2.03 11.12 -4.22
N VAL A 13 0.75 11.00 -4.53
CA VAL A 13 -0.18 12.11 -4.35
C VAL A 13 -0.34 12.47 -2.88
N GLY A 14 0.02 13.70 -2.53
CA GLY A 14 -0.09 14.15 -1.15
C GLY A 14 -1.19 15.17 -0.97
N GLU A 15 -1.49 15.93 -2.02
CA GLU A 15 -2.53 16.94 -1.97
C GLU A 15 -3.90 16.31 -1.80
N LYS A 16 -4.16 15.24 -2.54
CA LYS A 16 -5.43 14.53 -2.47
C LYS A 16 -5.22 13.02 -2.43
N SER A 17 -4.89 12.50 -1.25
CA SER A 17 -4.67 11.07 -1.08
C SER A 17 -5.77 10.44 -0.24
N ASN A 18 -6.45 9.45 -0.83
CA ASN A 18 -7.53 8.76 -0.14
C ASN A 18 -6.99 7.66 0.77
N TYR A 19 -7.87 7.04 1.54
CA TYR A 19 -7.48 5.97 2.44
C TYR A 19 -8.50 4.83 2.44
N ILE A 20 -8.07 3.67 1.98
CA ILE A 20 -8.93 2.49 1.93
C ILE A 20 -9.12 1.89 3.32
N CYS A 21 -10.35 1.97 3.82
CA CYS A 21 -10.66 1.43 5.14
C CYS A 21 -10.91 -0.07 5.05
N HIS A 22 -10.30 -0.83 5.94
CA HIS A 22 -10.46 -2.28 5.95
C HIS A 22 -9.98 -2.87 7.27
N LYS A 23 -10.92 -3.34 8.08
CA LYS A 23 -10.63 -3.97 9.38
C LYS A 23 -9.36 -3.39 10.04
N GLY A 24 -9.50 -2.24 10.68
CA GLY A 24 -8.37 -1.63 11.36
C GLY A 24 -7.24 -1.23 10.41
N HIS A 25 -7.50 -1.27 9.11
CA HIS A 25 -6.48 -0.90 8.13
C HIS A 25 -6.94 0.24 7.23
N GLU A 26 -6.08 1.24 7.08
CA GLU A 26 -6.37 2.40 6.23
C GLU A 26 -5.33 2.52 5.13
N PHE A 27 -5.36 1.58 4.19
CA PHE A 27 -4.42 1.57 3.07
C PHE A 27 -4.51 2.86 2.27
N ILE A 28 -3.47 3.15 1.51
CA ILE A 28 -3.42 4.36 0.70
C ILE A 28 -3.06 4.03 -0.74
N PRO A 29 -3.82 4.57 -1.70
CA PRO A 29 -3.57 4.33 -3.13
C PRO A 29 -2.31 5.01 -3.62
N THR A 30 -1.34 4.20 -4.04
CA THR A 30 -0.08 4.72 -4.52
C THR A 30 0.61 3.71 -5.45
N LEU A 31 1.59 4.17 -6.21
CA LEU A 31 2.33 3.32 -7.12
C LEU A 31 3.76 3.11 -6.64
N TYR A 32 4.35 1.99 -7.02
CA TYR A 32 5.72 1.67 -6.63
C TYR A 32 6.56 1.27 -7.83
N HIS A 33 7.53 2.13 -8.18
CA HIS A 33 8.41 1.87 -9.31
C HIS A 33 9.55 0.92 -8.92
N PHE A 34 9.75 0.75 -7.62
CA PHE A 34 10.81 -0.13 -7.13
C PHE A 34 10.23 -1.42 -6.56
N PRO A 35 11.09 -2.40 -6.25
CA PRO A 35 10.65 -3.68 -5.70
C PRO A 35 9.94 -3.54 -4.36
N THR A 36 8.63 -3.78 -4.36
CA THR A 36 7.83 -3.69 -3.14
C THR A 36 7.18 -5.04 -2.85
N ASN A 37 7.44 -5.57 -1.66
CA ASN A 37 6.89 -6.86 -1.26
C ASN A 37 5.50 -6.69 -0.65
N CYS A 38 4.48 -7.21 -1.32
CA CYS A 38 3.12 -7.13 -0.83
C CYS A 38 2.97 -7.92 0.47
N GLU A 39 2.04 -7.50 1.31
CA GLU A 39 1.83 -8.16 2.60
C GLU A 39 0.82 -9.31 2.47
N ALA A 40 -0.09 -9.19 1.53
CA ALA A 40 -1.11 -10.23 1.32
C ALA A 40 -0.49 -11.52 0.79
N CYS A 41 -0.41 -11.66 -0.53
CA CYS A 41 0.16 -12.86 -1.15
C CYS A 41 1.69 -12.81 -1.14
N MET A 42 2.30 -13.80 -1.77
CA MET A 42 3.76 -13.89 -1.84
C MET A 42 4.27 -13.24 -3.13
N LYS A 43 3.40 -13.16 -4.14
CA LYS A 43 3.77 -12.56 -5.42
C LYS A 43 4.39 -11.18 -5.23
N PRO A 44 5.33 -10.78 -6.11
CA PRO A 44 5.98 -9.49 -6.02
C PRO A 44 5.06 -8.34 -6.39
N LEU A 45 5.28 -7.18 -5.78
CA LEU A 45 4.46 -6.00 -6.05
C LEU A 45 5.33 -4.82 -6.49
N TRP A 46 5.30 -4.51 -7.79
CA TRP A 46 6.09 -3.40 -8.34
C TRP A 46 6.08 -3.43 -9.86
N HIS A 47 6.80 -2.49 -10.46
CA HIS A 47 6.89 -2.39 -11.91
C HIS A 47 7.80 -1.23 -12.33
N MET A 48 8.28 -1.27 -13.57
CA MET A 48 9.16 -0.22 -14.07
C MET A 48 8.46 0.62 -15.13
N PHE A 49 7.89 -0.05 -16.13
CA PHE A 49 7.20 0.63 -17.22
C PHE A 49 5.85 1.17 -16.75
N LYS A 50 5.00 0.27 -16.25
CA LYS A 50 3.68 0.67 -15.78
C LYS A 50 3.40 0.12 -14.40
N PRO A 51 3.68 0.91 -13.34
CA PRO A 51 3.45 0.49 -11.95
C PRO A 51 1.97 0.34 -11.63
N PRO A 52 1.55 -0.85 -11.14
CA PRO A 52 0.15 -1.12 -10.79
C PRO A 52 -0.30 -0.36 -9.56
N PRO A 53 -1.62 -0.11 -9.43
CA PRO A 53 -2.18 0.62 -8.28
C PRO A 53 -2.03 -0.15 -6.98
N ALA A 54 -0.96 0.15 -6.24
CA ALA A 54 -0.70 -0.51 -4.97
C ALA A 54 -1.31 0.27 -3.81
N LEU A 55 -1.47 -0.41 -2.68
CA LEU A 55 -2.03 0.22 -1.48
C LEU A 55 -1.08 0.13 -0.31
N GLU A 56 -0.65 1.29 0.18
CA GLU A 56 0.29 1.34 1.31
C GLU A 56 -0.42 1.74 2.59
N CYS A 57 -0.09 1.04 3.68
CA CYS A 57 -0.68 1.33 4.99
C CYS A 57 -0.06 2.58 5.59
N ARG A 58 -0.90 3.45 6.13
CA ARG A 58 -0.42 4.67 6.75
C ARG A 58 -0.27 4.50 8.26
N ARG A 59 0.00 3.27 8.68
CA ARG A 59 0.16 2.96 10.10
C ARG A 59 1.38 2.06 10.33
N CYS A 60 1.25 0.78 9.95
CA CYS A 60 2.35 -0.18 10.12
C CYS A 60 3.26 -0.20 8.89
N HIS A 61 2.88 0.52 7.84
CA HIS A 61 3.66 0.59 6.61
C HIS A 61 3.70 -0.77 5.91
N ILE A 62 2.72 -1.00 5.04
CA ILE A 62 2.63 -2.24 4.28
C ILE A 62 1.97 -1.99 2.93
N LYS A 63 2.51 -2.59 1.88
CA LYS A 63 1.95 -2.39 0.55
C LYS A 63 1.17 -3.60 0.08
N CYS A 64 0.13 -3.35 -0.71
CA CYS A 64 -0.72 -4.41 -1.24
C CYS A 64 -1.45 -3.92 -2.49
N HIS A 65 -1.31 -4.65 -3.59
CA HIS A 65 -1.96 -4.28 -4.84
C HIS A 65 -3.42 -3.95 -4.61
N LYS A 66 -3.88 -2.88 -5.26
CA LYS A 66 -5.26 -2.48 -5.15
C LYS A 66 -6.16 -3.68 -5.46
N ASP A 67 -5.66 -4.57 -6.31
CA ASP A 67 -6.38 -5.76 -6.70
C ASP A 67 -6.87 -6.56 -5.49
N HIS A 68 -5.99 -6.76 -4.49
CA HIS A 68 -6.38 -7.51 -3.31
C HIS A 68 -7.63 -6.91 -2.65
N MET A 69 -7.66 -5.59 -2.57
CA MET A 69 -8.79 -4.90 -1.97
C MET A 69 -10.02 -4.98 -2.88
N ASP A 70 -9.85 -4.60 -4.14
CA ASP A 70 -10.95 -4.63 -5.11
C ASP A 70 -11.54 -6.03 -5.21
N LYS A 71 -10.69 -7.04 -5.02
CA LYS A 71 -11.13 -8.43 -5.10
C LYS A 71 -11.66 -8.90 -3.74
N LYS A 72 -11.27 -8.22 -2.67
CA LYS A 72 -11.70 -8.57 -1.33
C LYS A 72 -11.19 -9.95 -0.94
N GLU A 73 -9.95 -10.24 -1.30
CA GLU A 73 -9.34 -11.52 -1.00
C GLU A 73 -9.28 -11.76 0.51
N GLU A 74 -9.43 -13.01 0.91
CA GLU A 74 -9.39 -13.36 2.32
C GLU A 74 -7.95 -13.64 2.75
N ILE A 75 -7.04 -12.75 2.35
CA ILE A 75 -5.63 -12.88 2.67
C ILE A 75 -5.14 -11.70 3.50
N ILE A 76 -5.75 -10.53 3.29
CA ILE A 76 -5.38 -9.33 4.03
C ILE A 76 -5.86 -9.41 5.48
N ALA A 77 -5.04 -8.91 6.39
CA ALA A 77 -5.39 -8.92 7.81
C ALA A 77 -5.41 -7.51 8.38
N PRO A 78 -6.03 -7.33 9.56
CA PRO A 78 -6.12 -6.03 10.22
C PRO A 78 -4.75 -5.50 10.63
N CYS A 79 -4.66 -4.17 10.78
CA CYS A 79 -3.40 -3.54 11.18
C CYS A 79 -2.97 -4.01 12.56
N LYS A 80 -1.66 -4.10 12.76
CA LYS A 80 -1.12 -4.56 14.04
C LYS A 80 -0.73 -3.38 14.93
N VAL A 81 -0.31 -2.28 14.31
CA VAL A 81 0.10 -1.09 15.05
C VAL A 81 -1.09 -0.42 15.75
N TYR A 82 -2.30 -0.85 15.40
CA TYR A 82 -3.51 -0.27 15.99
C TYR A 82 -3.82 -0.91 17.34
N TYR A 83 -2.95 -1.80 17.80
CA TYR A 83 -3.16 -2.48 19.09
C TYR A 83 -2.39 -1.76 20.19
N ASP A 84 -1.16 -1.34 19.89
CA ASP A 84 -0.33 -0.64 20.86
C ASP A 84 -1.00 0.64 21.34
ZN ZN B . -1.09 -1.52 8.88
ZN ZN C . -0.19 -9.75 -3.18
N GLU A 1 16.94 6.27 26.56
CA GLU A 1 17.30 6.92 25.29
C GLU A 1 16.28 6.62 24.19
N SER A 2 16.18 7.51 23.21
CA SER A 2 15.23 7.34 22.11
C SER A 2 15.89 6.60 20.94
N LYS A 3 15.68 5.30 20.89
CA LYS A 3 16.26 4.48 19.82
C LYS A 3 15.22 3.48 19.29
N LYS A 4 15.37 3.11 18.02
CA LYS A 4 14.45 2.17 17.39
C LYS A 4 15.18 1.29 16.38
N GLU A 5 14.53 0.21 15.97
CA GLU A 5 15.11 -0.71 15.00
C GLU A 5 15.33 -0.02 13.66
N PRO A 6 16.28 -0.52 12.84
CA PRO A 6 16.58 0.05 11.53
C PRO A 6 15.44 -0.14 10.54
N GLU A 7 14.88 0.97 10.08
CA GLU A 7 13.77 0.95 9.12
C GLU A 7 13.72 2.23 8.31
N PHE A 8 14.07 2.13 7.03
CA PHE A 8 14.07 3.28 6.14
C PHE A 8 12.89 3.22 5.18
N PRO A 9 11.73 3.79 5.57
CA PRO A 9 10.53 3.80 4.74
C PRO A 9 10.69 4.70 3.52
N VAL A 10 9.60 4.88 2.78
CA VAL A 10 9.61 5.72 1.58
C VAL A 10 8.29 6.45 1.40
N GLU A 11 8.37 7.77 1.24
CA GLU A 11 7.16 8.59 1.06
C GLU A 11 6.67 8.51 -0.38
N PRO A 12 5.47 7.93 -0.60
CA PRO A 12 4.90 7.80 -1.94
C PRO A 12 4.52 9.15 -2.55
N VAL A 13 4.14 9.14 -3.81
CA VAL A 13 3.76 10.37 -4.50
C VAL A 13 2.26 10.61 -4.40
N GLY A 14 1.89 11.86 -4.11
CA GLY A 14 0.48 12.21 -3.99
C GLY A 14 0.21 13.13 -2.82
N GLU A 15 -0.06 14.39 -3.11
CA GLU A 15 -0.34 15.38 -2.07
C GLU A 15 -1.64 15.05 -1.35
N LYS A 16 -2.67 14.67 -2.12
CA LYS A 16 -3.97 14.32 -1.55
C LYS A 16 -4.42 12.95 -2.04
N SER A 17 -4.42 11.99 -1.13
CA SER A 17 -4.83 10.63 -1.47
C SER A 17 -5.80 10.07 -0.43
N ASN A 18 -6.80 9.33 -0.91
CA ASN A 18 -7.80 8.74 -0.03
C ASN A 18 -7.20 7.59 0.78
N TYR A 19 -7.99 7.04 1.70
CA TYR A 19 -7.52 5.94 2.53
C TYR A 19 -8.52 4.78 2.52
N ILE A 20 -8.07 3.63 2.03
CA ILE A 20 -8.91 2.45 1.97
C ILE A 20 -9.07 1.81 3.35
N CYS A 21 -10.28 1.88 3.88
CA CYS A 21 -10.57 1.31 5.19
C CYS A 21 -10.82 -0.20 5.07
N HIS A 22 -10.24 -0.97 5.96
CA HIS A 22 -10.40 -2.42 5.94
C HIS A 22 -9.93 -3.06 7.25
N LYS A 23 -10.88 -3.54 8.04
CA LYS A 23 -10.60 -4.19 9.32
C LYS A 23 -9.32 -3.66 9.99
N GLY A 24 -9.43 -2.50 10.63
CA GLY A 24 -8.28 -1.92 11.32
C GLY A 24 -7.17 -1.50 10.38
N HIS A 25 -7.44 -1.50 9.07
CA HIS A 25 -6.43 -1.10 8.10
C HIS A 25 -6.89 0.06 7.24
N GLU A 26 -5.99 1.03 7.06
CA GLU A 26 -6.29 2.21 6.24
C GLU A 26 -5.24 2.36 5.14
N PHE A 27 -5.29 1.46 4.16
CA PHE A 27 -4.35 1.50 3.04
C PHE A 27 -4.49 2.78 2.24
N ILE A 28 -3.45 3.10 1.48
CA ILE A 28 -3.44 4.32 0.68
C ILE A 28 -3.07 4.01 -0.77
N PRO A 29 -3.83 4.56 -1.73
CA PRO A 29 -3.58 4.34 -3.15
C PRO A 29 -2.30 5.03 -3.63
N THR A 30 -1.32 4.22 -4.01
CA THR A 30 -0.05 4.76 -4.49
C THR A 30 0.65 3.76 -5.42
N LEU A 31 1.65 4.24 -6.13
CA LEU A 31 2.41 3.39 -7.05
C LEU A 31 3.82 3.17 -6.55
N TYR A 32 4.44 2.09 -6.99
CA TYR A 32 5.81 1.76 -6.57
C TYR A 32 6.66 1.33 -7.76
N HIS A 33 7.56 2.20 -8.18
CA HIS A 33 8.44 1.90 -9.30
C HIS A 33 9.64 1.06 -8.86
N PHE A 34 9.80 0.88 -7.56
CA PHE A 34 10.90 0.10 -7.02
C PHE A 34 10.39 -1.23 -6.47
N PRO A 35 11.32 -2.16 -6.17
CA PRO A 35 10.97 -3.49 -5.65
C PRO A 35 10.26 -3.42 -4.30
N THR A 36 8.95 -3.59 -4.31
CA THR A 36 8.16 -3.57 -3.08
C THR A 36 7.45 -4.91 -2.89
N ASN A 37 7.36 -5.36 -1.64
CA ASN A 37 6.71 -6.63 -1.33
C ASN A 37 5.31 -6.42 -0.78
N CYS A 38 4.42 -7.37 -1.07
CA CYS A 38 3.05 -7.30 -0.60
C CYS A 38 2.88 -8.15 0.66
N GLU A 39 2.06 -7.67 1.59
CA GLU A 39 1.82 -8.38 2.85
C GLU A 39 0.77 -9.48 2.67
N ALA A 40 -0.24 -9.20 1.84
CA ALA A 40 -1.31 -10.16 1.58
C ALA A 40 -0.76 -11.49 1.08
N CYS A 41 -0.57 -11.60 -0.24
CA CYS A 41 -0.05 -12.82 -0.83
C CYS A 41 1.47 -12.88 -0.71
N MET A 42 2.09 -13.82 -1.43
CA MET A 42 3.53 -13.98 -1.40
C MET A 42 4.19 -13.28 -2.59
N LYS A 43 3.43 -13.13 -3.67
CA LYS A 43 3.93 -12.48 -4.87
C LYS A 43 4.49 -11.09 -4.55
N PRO A 44 5.42 -10.59 -5.39
CA PRO A 44 6.02 -9.27 -5.19
C PRO A 44 5.04 -8.13 -5.45
N LEU A 45 5.58 -6.91 -5.54
CA LEU A 45 4.74 -5.73 -5.78
C LEU A 45 5.59 -4.58 -6.33
N TRP A 46 5.48 -4.35 -7.64
CA TRP A 46 6.24 -3.28 -8.29
C TRP A 46 6.11 -3.37 -9.81
N HIS A 47 6.75 -2.43 -10.50
CA HIS A 47 6.71 -2.40 -11.96
C HIS A 47 7.52 -1.22 -12.50
N MET A 48 8.40 -1.48 -13.45
CA MET A 48 9.22 -0.44 -14.04
C MET A 48 8.48 0.29 -15.16
N PHE A 49 7.77 -0.48 -15.99
CA PHE A 49 7.02 0.10 -17.10
C PHE A 49 5.77 0.80 -16.60
N LYS A 50 4.77 0.02 -16.20
CA LYS A 50 3.51 0.57 -15.71
C LYS A 50 3.22 0.08 -14.29
N PRO A 51 3.60 0.85 -13.26
CA PRO A 51 3.37 0.48 -11.86
C PRO A 51 1.87 0.36 -11.54
N PRO A 52 1.42 -0.83 -11.10
CA PRO A 52 0.01 -1.05 -10.76
C PRO A 52 -0.41 -0.30 -9.51
N PRO A 53 -1.71 0.01 -9.37
CA PRO A 53 -2.24 0.74 -8.21
C PRO A 53 -2.07 -0.06 -6.93
N ALA A 54 -1.00 0.22 -6.20
CA ALA A 54 -0.73 -0.47 -4.93
C ALA A 54 -1.34 0.28 -3.76
N LEU A 55 -1.55 -0.42 -2.65
CA LEU A 55 -2.13 0.18 -1.47
C LEU A 55 -1.15 0.13 -0.30
N GLU A 56 -0.64 1.30 0.09
CA GLU A 56 0.31 1.39 1.19
C GLU A 56 -0.39 1.80 2.49
N CYS A 57 -0.13 1.05 3.55
CA CYS A 57 -0.73 1.34 4.85
C CYS A 57 -0.08 2.57 5.47
N ARG A 58 -0.90 3.44 6.04
CA ARG A 58 -0.41 4.66 6.67
C ARG A 58 -0.24 4.46 8.17
N ARG A 59 0.06 3.23 8.57
CA ARG A 59 0.24 2.89 9.98
C ARG A 59 1.48 2.01 10.17
N CYS A 60 1.37 0.73 9.81
CA CYS A 60 2.49 -0.20 9.95
C CYS A 60 3.39 -0.18 8.71
N HIS A 61 2.95 0.53 7.67
CA HIS A 61 3.72 0.64 6.44
C HIS A 61 3.76 -0.70 5.69
N ILE A 62 2.78 -0.92 4.84
CA ILE A 62 2.70 -2.16 4.06
C ILE A 62 1.98 -1.91 2.74
N LYS A 63 2.54 -2.41 1.65
CA LYS A 63 1.94 -2.23 0.35
C LYS A 63 1.19 -3.47 -0.10
N CYS A 64 0.10 -3.26 -0.82
CA CYS A 64 -0.72 -4.36 -1.32
C CYS A 64 -1.54 -3.92 -2.52
N HIS A 65 -1.30 -4.56 -3.67
CA HIS A 65 -2.01 -4.23 -4.92
C HIS A 65 -3.47 -3.90 -4.65
N LYS A 66 -3.93 -2.81 -5.24
CA LYS A 66 -5.31 -2.40 -5.12
C LYS A 66 -6.20 -3.58 -5.48
N ASP A 67 -5.70 -4.43 -6.39
CA ASP A 67 -6.42 -5.61 -6.84
C ASP A 67 -6.97 -6.42 -5.67
N HIS A 68 -6.13 -6.66 -4.66
CA HIS A 68 -6.57 -7.45 -3.49
C HIS A 68 -7.86 -6.87 -2.90
N MET A 69 -7.89 -5.55 -2.71
CA MET A 69 -9.06 -4.89 -2.16
C MET A 69 -10.24 -4.96 -3.12
N ASP A 70 -10.01 -4.51 -4.35
CA ASP A 70 -11.06 -4.51 -5.37
C ASP A 70 -11.65 -5.91 -5.55
N LYS A 71 -10.86 -6.93 -5.23
CA LYS A 71 -11.30 -8.31 -5.37
C LYS A 71 -11.80 -8.87 -4.03
N LYS A 72 -11.48 -8.18 -2.94
CA LYS A 72 -11.90 -8.62 -1.62
C LYS A 72 -11.32 -9.99 -1.30
N GLU A 73 -10.03 -10.02 -1.00
CA GLU A 73 -9.34 -11.28 -0.68
C GLU A 73 -9.13 -11.40 0.82
N GLU A 74 -9.60 -12.51 1.39
CA GLU A 74 -9.46 -12.76 2.82
C GLU A 74 -7.99 -12.74 3.24
N ILE A 75 -7.11 -12.99 2.28
CA ILE A 75 -5.67 -13.01 2.53
C ILE A 75 -5.23 -11.76 3.31
N ILE A 76 -5.93 -10.65 3.10
CA ILE A 76 -5.61 -9.41 3.78
C ILE A 76 -6.00 -9.47 5.25
N ALA A 77 -5.09 -9.04 6.12
CA ALA A 77 -5.34 -9.05 7.55
C ALA A 77 -5.34 -7.64 8.12
N PRO A 78 -5.88 -7.46 9.33
CA PRO A 78 -5.94 -6.17 9.99
C PRO A 78 -4.55 -5.60 10.30
N CYS A 79 -4.49 -4.29 10.57
CA CYS A 79 -3.23 -3.63 10.87
C CYS A 79 -2.65 -4.17 12.18
N LYS A 80 -1.32 -4.22 12.26
CA LYS A 80 -0.64 -4.73 13.45
C LYS A 80 -0.34 -3.61 14.44
N VAL A 81 0.06 -2.45 13.93
CA VAL A 81 0.39 -1.31 14.77
C VAL A 81 -0.87 -0.65 15.36
N TYR A 82 -2.05 -1.12 14.91
CA TYR A 82 -3.31 -0.57 15.40
C TYR A 82 -3.36 -0.57 16.93
N TYR A 83 -2.67 -1.52 17.54
CA TYR A 83 -2.63 -1.62 19.00
C TYR A 83 -1.32 -1.10 19.55
N ASP A 84 -0.24 -1.34 18.81
CA ASP A 84 1.09 -0.91 19.22
C ASP A 84 1.15 0.61 19.37
ZN ZN B . -1.00 -1.50 8.72
ZN ZN C . -0.39 -9.61 -2.95
N GLU A 1 8.04 -9.27 15.98
CA GLU A 1 8.59 -7.96 16.39
C GLU A 1 9.89 -7.65 15.65
N SER A 2 9.92 -6.51 14.96
CA SER A 2 11.10 -6.10 14.22
C SER A 2 11.70 -4.83 14.80
N LYS A 3 13.02 -4.80 14.90
CA LYS A 3 13.72 -3.64 15.44
C LYS A 3 14.13 -2.68 14.34
N LYS A 4 13.34 -1.63 14.14
CA LYS A 4 13.62 -0.63 13.11
C LYS A 4 12.80 0.63 13.34
N GLU A 5 13.47 1.68 13.79
CA GLU A 5 12.82 2.96 14.06
C GLU A 5 12.63 3.76 12.76
N PRO A 6 11.56 4.57 12.68
CA PRO A 6 11.28 5.39 11.50
C PRO A 6 12.14 6.64 11.45
N GLU A 7 12.64 6.96 10.26
CA GLU A 7 13.48 8.14 10.07
C GLU A 7 13.22 8.78 8.71
N PHE A 8 12.44 9.85 8.71
CA PHE A 8 12.11 10.55 7.47
C PHE A 8 11.42 9.63 6.48
N PRO A 9 10.08 9.55 6.54
CA PRO A 9 9.30 8.69 5.64
C PRO A 9 9.34 9.19 4.19
N VAL A 10 8.65 8.46 3.31
CA VAL A 10 8.61 8.82 1.90
C VAL A 10 7.26 9.44 1.53
N GLU A 11 7.31 10.52 0.76
CA GLU A 11 6.10 11.22 0.34
C GLU A 11 5.67 10.75 -1.05
N PRO A 12 4.58 9.96 -1.14
CA PRO A 12 4.08 9.46 -2.42
C PRO A 12 3.52 10.57 -3.30
N VAL A 13 3.02 10.21 -4.47
CA VAL A 13 2.46 11.17 -5.41
C VAL A 13 1.07 11.62 -4.96
N GLY A 14 0.89 12.93 -4.82
CA GLY A 14 -0.39 13.46 -4.41
C GLY A 14 -0.38 13.93 -2.97
N GLU A 15 -0.73 15.19 -2.74
CA GLU A 15 -0.76 15.75 -1.40
C GLU A 15 -1.90 15.14 -0.59
N LYS A 16 -3.11 15.17 -1.14
CA LYS A 16 -4.27 14.62 -0.47
C LYS A 16 -4.70 13.31 -1.12
N SER A 17 -4.19 12.20 -0.60
CA SER A 17 -4.53 10.89 -1.12
C SER A 17 -5.59 10.21 -0.26
N ASN A 18 -6.57 9.61 -0.92
CA ASN A 18 -7.65 8.91 -0.23
C ASN A 18 -7.10 7.79 0.64
N TYR A 19 -7.98 7.16 1.41
CA TYR A 19 -7.57 6.07 2.30
C TYR A 19 -8.57 4.93 2.27
N ILE A 20 -8.12 3.76 1.83
CA ILE A 20 -8.96 2.57 1.75
C ILE A 20 -9.20 1.98 3.14
N CYS A 21 -10.42 2.12 3.62
CA CYS A 21 -10.77 1.60 4.95
C CYS A 21 -10.99 0.09 4.90
N HIS A 22 -10.53 -0.60 5.93
CA HIS A 22 -10.67 -2.05 6.01
C HIS A 22 -10.55 -2.53 7.46
N LYS A 23 -10.53 -3.84 7.65
CA LYS A 23 -10.41 -4.43 8.98
C LYS A 23 -9.21 -3.85 9.73
N GLY A 24 -9.44 -2.78 10.48
CA GLY A 24 -8.36 -2.17 11.23
C GLY A 24 -7.23 -1.68 10.34
N HIS A 25 -7.49 -1.60 9.04
CA HIS A 25 -6.45 -1.15 8.10
C HIS A 25 -6.93 0.02 7.25
N GLU A 26 -6.04 0.99 7.06
CA GLU A 26 -6.33 2.17 6.25
C GLU A 26 -5.26 2.33 5.18
N PHE A 27 -5.39 1.56 4.10
CA PHE A 27 -4.43 1.60 3.00
C PHE A 27 -4.56 2.90 2.21
N ILE A 28 -3.50 3.22 1.47
CA ILE A 28 -3.48 4.44 0.67
C ILE A 28 -3.08 4.14 -0.77
N PRO A 29 -3.82 4.69 -1.74
CA PRO A 29 -3.54 4.48 -3.16
C PRO A 29 -2.25 5.14 -3.61
N THR A 30 -1.28 4.32 -3.99
CA THR A 30 0.02 4.82 -4.44
C THR A 30 0.68 3.83 -5.38
N LEU A 31 1.71 4.28 -6.09
CA LEU A 31 2.44 3.44 -7.02
C LEU A 31 3.85 3.16 -6.52
N TYR A 32 4.45 2.07 -6.98
CA TYR A 32 5.80 1.70 -6.57
C TYR A 32 6.63 1.24 -7.77
N HIS A 33 7.71 1.98 -8.04
CA HIS A 33 8.60 1.64 -9.15
C HIS A 33 9.68 0.65 -8.72
N PHE A 34 9.91 0.56 -7.41
CA PHE A 34 10.92 -0.35 -6.88
C PHE A 34 10.28 -1.64 -6.38
N PRO A 35 11.11 -2.65 -6.06
CA PRO A 35 10.63 -3.94 -5.57
C PRO A 35 9.95 -3.84 -4.22
N THR A 36 8.61 -3.86 -4.22
CA THR A 36 7.84 -3.78 -2.99
C THR A 36 7.14 -5.10 -2.71
N ASN A 37 7.40 -5.68 -1.54
CA ASN A 37 6.80 -6.94 -1.16
C ASN A 37 5.43 -6.74 -0.54
N CYS A 38 4.40 -7.24 -1.21
CA CYS A 38 3.03 -7.11 -0.72
C CYS A 38 2.85 -7.95 0.56
N GLU A 39 1.95 -7.51 1.43
CA GLU A 39 1.68 -8.22 2.67
C GLU A 39 0.70 -9.37 2.47
N ALA A 40 -0.20 -9.21 1.50
CA ALA A 40 -1.21 -10.23 1.22
C ALA A 40 -0.56 -11.50 0.67
N CYS A 41 -0.48 -11.62 -0.66
CA CYS A 41 0.11 -12.80 -1.29
C CYS A 41 1.63 -12.75 -1.22
N MET A 42 2.27 -13.77 -1.78
CA MET A 42 3.73 -13.85 -1.79
C MET A 42 4.30 -13.17 -3.03
N LYS A 43 3.52 -13.10 -4.10
CA LYS A 43 3.96 -12.46 -5.33
C LYS A 43 4.48 -11.05 -5.08
N PRO A 44 5.50 -10.63 -5.84
CA PRO A 44 6.10 -9.29 -5.68
C PRO A 44 5.16 -8.18 -6.13
N LEU A 45 5.27 -7.02 -5.48
CA LEU A 45 4.44 -5.87 -5.83
C LEU A 45 5.30 -4.72 -6.35
N TRP A 46 5.27 -4.51 -7.67
CA TRP A 46 6.04 -3.44 -8.29
C TRP A 46 5.93 -3.51 -9.82
N HIS A 47 6.59 -2.57 -10.49
CA HIS A 47 6.57 -2.51 -11.95
C HIS A 47 7.36 -1.31 -12.45
N MET A 48 8.31 -1.56 -13.35
CA MET A 48 9.14 -0.50 -13.90
C MET A 48 8.40 0.25 -15.01
N PHE A 49 7.75 -0.50 -15.90
CA PHE A 49 7.02 0.10 -17.01
C PHE A 49 5.76 0.80 -16.51
N LYS A 50 4.75 0.02 -16.13
CA LYS A 50 3.49 0.57 -15.65
C LYS A 50 3.18 0.07 -14.24
N PRO A 51 3.56 0.85 -13.20
CA PRO A 51 3.30 0.47 -11.81
C PRO A 51 1.81 0.38 -11.50
N PRO A 52 1.34 -0.81 -11.11
CA PRO A 52 -0.07 -1.03 -10.77
C PRO A 52 -0.50 -0.25 -9.53
N PRO A 53 -1.80 0.08 -9.42
CA PRO A 53 -2.33 0.82 -8.27
C PRO A 53 -2.17 0.03 -6.97
N ALA A 54 -1.08 0.30 -6.25
CA ALA A 54 -0.82 -0.38 -4.99
C ALA A 54 -1.42 0.39 -3.82
N LEU A 55 -1.54 -0.27 -2.68
CA LEU A 55 -2.11 0.35 -1.48
C LEU A 55 -1.14 0.27 -0.31
N GLU A 56 -0.66 1.43 0.14
CA GLU A 56 0.27 1.49 1.26
C GLU A 56 -0.44 1.86 2.56
N CYS A 57 -0.13 1.14 3.62
CA CYS A 57 -0.74 1.40 4.92
C CYS A 57 -0.13 2.64 5.57
N ARG A 58 -0.97 3.51 6.10
CA ARG A 58 -0.52 4.74 6.75
C ARG A 58 -0.39 4.54 8.26
N ARG A 59 -0.07 3.31 8.66
CA ARG A 59 0.08 2.98 10.07
C ARG A 59 1.33 2.13 10.29
N CYS A 60 1.24 0.84 9.98
CA CYS A 60 2.37 -0.08 10.13
C CYS A 60 3.29 -0.05 8.91
N HIS A 61 2.85 0.61 7.85
CA HIS A 61 3.63 0.70 6.61
C HIS A 61 3.67 -0.64 5.89
N ILE A 62 2.73 -0.84 4.97
CA ILE A 62 2.66 -2.08 4.20
C ILE A 62 1.97 -1.82 2.86
N LYS A 63 2.52 -2.38 1.79
CA LYS A 63 1.95 -2.19 0.48
C LYS A 63 1.15 -3.40 0.03
N CYS A 64 0.11 -3.16 -0.76
CA CYS A 64 -0.74 -4.23 -1.27
C CYS A 64 -1.51 -3.76 -2.51
N HIS A 65 -1.33 -4.48 -3.61
CA HIS A 65 -2.00 -4.13 -4.87
C HIS A 65 -3.47 -3.82 -4.64
N LYS A 66 -3.94 -2.76 -5.28
CA LYS A 66 -5.34 -2.39 -5.17
C LYS A 66 -6.21 -3.60 -5.50
N ASP A 67 -5.68 -4.46 -6.37
CA ASP A 67 -6.37 -5.68 -6.77
C ASP A 67 -6.87 -6.48 -5.56
N HIS A 68 -6.00 -6.66 -4.56
CA HIS A 68 -6.40 -7.42 -3.37
C HIS A 68 -7.65 -6.83 -2.73
N MET A 69 -7.69 -5.50 -2.65
CA MET A 69 -8.84 -4.81 -2.06
C MET A 69 -10.05 -4.90 -2.97
N ASP A 70 -9.89 -4.51 -4.23
CA ASP A 70 -10.98 -4.55 -5.20
C ASP A 70 -11.56 -5.95 -5.32
N LYS A 71 -10.72 -6.95 -5.10
CA LYS A 71 -11.16 -8.34 -5.18
C LYS A 71 -11.63 -8.86 -3.82
N LYS A 72 -11.21 -8.18 -2.76
CA LYS A 72 -11.59 -8.58 -1.40
C LYS A 72 -11.05 -9.97 -1.08
N GLU A 73 -9.75 -10.06 -0.88
CA GLU A 73 -9.12 -11.34 -0.57
C GLU A 73 -8.88 -11.48 0.92
N GLU A 74 -9.37 -12.57 1.50
CA GLU A 74 -9.21 -12.84 2.92
C GLU A 74 -7.73 -12.83 3.32
N ILE A 75 -6.86 -13.06 2.35
CA ILE A 75 -5.43 -13.09 2.58
C ILE A 75 -4.96 -11.85 3.35
N ILE A 76 -5.70 -10.75 3.20
CA ILE A 76 -5.37 -9.51 3.88
C ILE A 76 -5.74 -9.58 5.36
N ALA A 77 -4.82 -9.16 6.22
CA ALA A 77 -5.06 -9.17 7.66
C ALA A 77 -5.15 -7.76 8.22
N PRO A 78 -5.69 -7.62 9.44
CA PRO A 78 -5.84 -6.33 10.10
C PRO A 78 -4.49 -5.69 10.44
N CYS A 79 -4.48 -4.37 10.58
CA CYS A 79 -3.25 -3.66 10.92
C CYS A 79 -2.67 -4.18 12.23
N LYS A 80 -1.34 -4.18 12.34
CA LYS A 80 -0.68 -4.67 13.54
C LYS A 80 -0.46 -3.56 14.56
N VAL A 81 -0.04 -2.39 14.09
CA VAL A 81 0.21 -1.26 14.97
C VAL A 81 -1.08 -0.74 15.61
N TYR A 82 -2.22 -1.14 15.06
CA TYR A 82 -3.51 -0.72 15.59
C TYR A 82 -3.67 -1.14 17.04
N TYR A 83 -3.05 -2.25 17.41
CA TYR A 83 -3.13 -2.76 18.77
C TYR A 83 -1.80 -2.53 19.50
N ASP A 84 -0.70 -2.84 18.84
CA ASP A 84 0.62 -2.67 19.43
C ASP A 84 0.87 -1.21 19.79
ZN ZN B . -1.03 -1.45 8.80
ZN ZN C . -0.21 -9.63 -3.23
N GLU A 1 25.27 10.89 -4.07
CA GLU A 1 24.60 11.92 -3.21
C GLU A 1 23.56 11.28 -2.30
N SER A 2 23.55 11.69 -1.04
CA SER A 2 22.60 11.15 -0.07
C SER A 2 21.51 12.17 0.25
N LYS A 3 20.44 12.15 -0.56
CA LYS A 3 19.33 13.07 -0.37
C LYS A 3 18.16 12.37 0.31
N LYS A 4 17.54 13.05 1.27
CA LYS A 4 16.41 12.50 2.00
C LYS A 4 15.64 13.59 2.74
N GLU A 5 14.48 13.95 2.22
CA GLU A 5 13.65 14.98 2.84
C GLU A 5 12.90 14.43 4.05
N PRO A 6 13.07 15.04 5.23
CA PRO A 6 12.40 14.61 6.46
C PRO A 6 10.93 14.99 6.48
N GLU A 7 10.22 14.53 7.51
CA GLU A 7 8.80 14.83 7.65
C GLU A 7 8.00 14.23 6.50
N PHE A 8 7.06 13.35 6.82
CA PHE A 8 6.22 12.71 5.82
C PHE A 8 7.07 11.93 4.81
N PRO A 9 7.37 10.66 5.12
CA PRO A 9 8.19 9.81 4.23
C PRO A 9 7.42 9.38 2.99
N VAL A 10 8.13 8.75 2.05
CA VAL A 10 7.55 8.26 0.80
C VAL A 10 6.36 9.12 0.34
N GLU A 11 6.63 10.12 -0.47
CA GLU A 11 5.59 11.01 -0.97
C GLU A 11 5.02 10.47 -2.29
N PRO A 12 3.78 9.94 -2.27
CA PRO A 12 3.14 9.41 -3.47
C PRO A 12 2.79 10.51 -4.47
N VAL A 13 2.07 10.12 -5.53
CA VAL A 13 1.67 11.07 -6.57
C VAL A 13 0.20 11.43 -6.44
N GLY A 14 -0.09 12.73 -6.53
CA GLY A 14 -1.48 13.18 -6.43
C GLY A 14 -1.68 14.12 -5.26
N GLU A 15 -2.30 15.26 -5.53
CA GLU A 15 -2.57 16.26 -4.48
C GLU A 15 -3.45 15.67 -3.39
N LYS A 16 -4.56 15.05 -3.80
CA LYS A 16 -5.48 14.45 -2.86
C LYS A 16 -5.32 12.93 -2.82
N SER A 17 -5.19 12.38 -1.62
CA SER A 17 -5.02 10.94 -1.45
C SER A 17 -6.03 10.39 -0.45
N ASN A 18 -6.79 9.39 -0.89
CA ASN A 18 -7.80 8.77 -0.04
C ASN A 18 -7.19 7.62 0.76
N TYR A 19 -7.99 7.04 1.65
CA TYR A 19 -7.52 5.94 2.49
C TYR A 19 -8.52 4.78 2.47
N ILE A 20 -8.07 3.63 1.99
CA ILE A 20 -8.92 2.45 1.91
C ILE A 20 -9.09 1.80 3.29
N CYS A 21 -10.29 1.92 3.85
CA CYS A 21 -10.59 1.34 5.16
C CYS A 21 -10.85 -0.15 5.04
N HIS A 22 -10.25 -0.93 5.93
CA HIS A 22 -10.43 -2.38 5.90
C HIS A 22 -9.93 -3.02 7.19
N LYS A 23 -10.87 -3.52 8.00
CA LYS A 23 -10.56 -4.19 9.27
C LYS A 23 -9.28 -3.64 9.92
N GLY A 24 -9.41 -2.51 10.59
CA GLY A 24 -8.27 -1.91 11.28
C GLY A 24 -7.15 -1.50 10.33
N HIS A 25 -7.42 -1.48 9.03
CA HIS A 25 -6.41 -1.10 8.07
C HIS A 25 -6.87 0.05 7.18
N GLU A 26 -5.99 1.03 7.00
CA GLU A 26 -6.30 2.20 6.18
C GLU A 26 -5.24 2.35 5.08
N PHE A 27 -5.31 1.46 4.09
CA PHE A 27 -4.36 1.49 2.98
C PHE A 27 -4.49 2.77 2.18
N ILE A 28 -3.45 3.09 1.42
CA ILE A 28 -3.44 4.31 0.62
C ILE A 28 -3.05 4.01 -0.82
N PRO A 29 -3.82 4.56 -1.78
CA PRO A 29 -3.54 4.35 -3.20
C PRO A 29 -2.26 5.03 -3.66
N THR A 30 -1.27 4.22 -4.02
CA THR A 30 0.00 4.75 -4.48
C THR A 30 0.70 3.77 -5.41
N LEU A 31 1.72 4.25 -6.10
CA LEU A 31 2.48 3.42 -7.03
C LEU A 31 3.89 3.17 -6.49
N TYR A 32 4.51 2.09 -6.95
CA TYR A 32 5.86 1.75 -6.50
C TYR A 32 6.71 1.29 -7.69
N HIS A 33 7.71 2.10 -8.02
CA HIS A 33 8.60 1.78 -9.13
C HIS A 33 9.74 0.88 -8.67
N PHE A 34 9.98 0.85 -7.36
CA PHE A 34 11.05 0.02 -6.80
C PHE A 34 10.50 -1.32 -6.33
N PRO A 35 11.39 -2.27 -5.99
CA PRO A 35 10.99 -3.60 -5.52
C PRO A 35 10.27 -3.57 -4.18
N THR A 36 8.94 -3.62 -4.23
CA THR A 36 8.14 -3.61 -3.01
C THR A 36 7.42 -4.95 -2.85
N ASN A 37 7.39 -5.46 -1.61
CA ASN A 37 6.75 -6.73 -1.32
C ASN A 37 5.35 -6.53 -0.75
N CYS A 38 4.40 -7.36 -1.18
CA CYS A 38 3.03 -7.29 -0.71
C CYS A 38 2.86 -8.10 0.57
N GLU A 39 2.07 -7.58 1.51
CA GLU A 39 1.84 -8.26 2.77
C GLU A 39 0.80 -9.37 2.62
N ALA A 40 -0.22 -9.11 1.82
CA ALA A 40 -1.29 -10.09 1.60
C ALA A 40 -0.72 -11.42 1.09
N CYS A 41 -0.50 -11.52 -0.22
CA CYS A 41 0.03 -12.74 -0.80
C CYS A 41 1.56 -12.76 -0.73
N MET A 42 2.17 -13.70 -1.45
CA MET A 42 3.62 -13.83 -1.46
C MET A 42 4.22 -13.15 -2.70
N LYS A 43 3.41 -13.01 -3.75
CA LYS A 43 3.87 -12.38 -4.98
C LYS A 43 4.45 -11.00 -4.71
N PRO A 44 5.37 -10.53 -5.57
CA PRO A 44 6.01 -9.22 -5.43
C PRO A 44 5.04 -8.07 -5.71
N LEU A 45 5.54 -6.85 -5.56
CA LEU A 45 4.72 -5.66 -5.80
C LEU A 45 5.58 -4.50 -6.33
N TRP A 46 5.48 -4.24 -7.63
CA TRP A 46 6.23 -3.16 -8.26
C TRP A 46 6.13 -3.24 -9.78
N HIS A 47 6.82 -2.33 -10.46
CA HIS A 47 6.81 -2.29 -11.92
C HIS A 47 7.64 -1.12 -12.44
N MET A 48 8.47 -1.39 -13.45
CA MET A 48 9.31 -0.35 -14.02
C MET A 48 8.61 0.32 -15.20
N PHE A 49 7.78 -0.43 -15.90
CA PHE A 49 7.06 0.09 -17.05
C PHE A 49 5.76 0.77 -16.62
N LYS A 50 4.81 -0.02 -16.16
CA LYS A 50 3.52 0.50 -15.72
C LYS A 50 3.20 0.03 -14.30
N PRO A 51 3.54 0.85 -13.28
CA PRO A 51 3.29 0.51 -11.87
C PRO A 51 1.80 0.38 -11.58
N PRO A 52 1.35 -0.79 -11.10
CA PRO A 52 -0.06 -1.02 -10.78
C PRO A 52 -0.50 -0.27 -9.53
N PRO A 53 -1.81 0.03 -9.41
CA PRO A 53 -2.35 0.74 -8.25
C PRO A 53 -2.17 -0.04 -6.97
N ALA A 54 -1.09 0.24 -6.25
CA ALA A 54 -0.80 -0.45 -4.99
C ALA A 54 -1.41 0.31 -3.81
N LEU A 55 -1.61 -0.40 -2.70
CA LEU A 55 -2.18 0.20 -1.51
C LEU A 55 -1.20 0.13 -0.34
N GLU A 56 -0.67 1.28 0.05
CA GLU A 56 0.29 1.35 1.15
C GLU A 56 -0.41 1.76 2.45
N CYS A 57 -0.14 1.02 3.52
CA CYS A 57 -0.72 1.32 4.81
C CYS A 57 -0.05 2.54 5.44
N ARG A 58 -0.86 3.44 5.99
CA ARG A 58 -0.35 4.65 6.62
C ARG A 58 -0.20 4.46 8.13
N ARG A 59 0.07 3.22 8.55
CA ARG A 59 0.25 2.90 9.95
C ARG A 59 1.48 2.03 10.18
N CYS A 60 1.38 0.75 9.81
CA CYS A 60 2.49 -0.18 9.97
C CYS A 60 3.41 -0.16 8.74
N HIS A 61 2.93 0.43 7.66
CA HIS A 61 3.72 0.53 6.42
C HIS A 61 3.74 -0.81 5.69
N ILE A 62 2.75 -1.01 4.81
CA ILE A 62 2.65 -2.23 4.03
C ILE A 62 1.92 -1.99 2.72
N LYS A 63 2.47 -2.50 1.63
CA LYS A 63 1.86 -2.31 0.33
C LYS A 63 1.09 -3.56 -0.12
N CYS A 64 0.01 -3.35 -0.84
CA CYS A 64 -0.80 -4.46 -1.35
C CYS A 64 -1.65 -4.01 -2.53
N HIS A 65 -1.36 -4.56 -3.71
CA HIS A 65 -2.10 -4.22 -4.93
C HIS A 65 -3.55 -3.88 -4.66
N LYS A 66 -4.01 -2.81 -5.26
CA LYS A 66 -5.40 -2.39 -5.13
C LYS A 66 -6.29 -3.58 -5.50
N ASP A 67 -5.79 -4.41 -6.41
CA ASP A 67 -6.53 -5.59 -6.87
C ASP A 67 -7.05 -6.41 -5.70
N HIS A 68 -6.22 -6.64 -4.68
CA HIS A 68 -6.67 -7.41 -3.52
C HIS A 68 -7.95 -6.85 -2.92
N MET A 69 -7.96 -5.53 -2.72
CA MET A 69 -9.13 -4.86 -2.15
C MET A 69 -10.33 -4.98 -3.09
N ASP A 70 -10.14 -4.63 -4.35
CA ASP A 70 -11.21 -4.69 -5.34
C ASP A 70 -11.79 -6.11 -5.41
N LYS A 71 -10.97 -7.10 -5.11
CA LYS A 71 -11.40 -8.50 -5.15
C LYS A 71 -11.86 -8.97 -3.77
N LYS A 72 -11.47 -8.24 -2.73
CA LYS A 72 -11.84 -8.59 -1.37
C LYS A 72 -11.25 -9.94 -0.98
N GLU A 73 -9.93 -10.03 -0.97
CA GLU A 73 -9.24 -11.25 -0.62
C GLU A 73 -9.02 -11.35 0.89
N GLU A 74 -9.54 -12.41 1.49
CA GLU A 74 -9.40 -12.62 2.93
C GLU A 74 -7.93 -12.62 3.34
N ILE A 75 -7.06 -12.93 2.39
CA ILE A 75 -5.62 -12.97 2.65
C ILE A 75 -5.14 -11.72 3.38
N ILE A 76 -5.85 -10.62 3.17
CA ILE A 76 -5.50 -9.36 3.82
C ILE A 76 -5.96 -9.35 5.29
N ALA A 77 -5.01 -9.15 6.19
CA ALA A 77 -5.31 -9.11 7.62
C ALA A 77 -5.32 -7.69 8.15
N PRO A 78 -5.88 -7.48 9.34
CA PRO A 78 -5.94 -6.16 9.97
C PRO A 78 -4.56 -5.60 10.30
N CYS A 79 -4.49 -4.30 10.52
CA CYS A 79 -3.23 -3.64 10.84
C CYS A 79 -2.66 -4.20 12.14
N LYS A 80 -1.33 -4.29 12.21
CA LYS A 80 -0.66 -4.81 13.40
C LYS A 80 -0.36 -3.71 14.40
N VAL A 81 0.02 -2.53 13.90
CA VAL A 81 0.34 -1.40 14.76
C VAL A 81 -0.92 -0.79 15.37
N TYR A 82 -2.09 -1.18 14.86
CA TYR A 82 -3.35 -0.66 15.36
C TYR A 82 -3.96 -1.61 16.39
N TYR A 83 -3.11 -2.23 17.20
CA TYR A 83 -3.57 -3.16 18.22
C TYR A 83 -2.65 -3.12 19.44
N ASP A 84 -1.35 -3.16 19.21
CA ASP A 84 -0.37 -3.12 20.29
C ASP A 84 -0.50 -1.84 21.10
ZN ZN B . -0.98 -1.51 8.71
ZN ZN C . -0.47 -9.56 -2.96
N GLU A 1 23.55 8.95 21.09
CA GLU A 1 22.71 7.84 20.59
C GLU A 1 23.56 6.77 19.89
N SER A 2 22.95 5.61 19.65
CA SER A 2 23.65 4.51 18.99
C SER A 2 22.70 3.76 18.06
N LYS A 3 23.29 2.99 17.14
CA LYS A 3 22.51 2.22 16.19
C LYS A 3 21.62 3.13 15.33
N LYS A 4 22.06 3.39 14.11
CA LYS A 4 21.33 4.24 13.19
C LYS A 4 21.36 3.69 11.77
N GLU A 5 20.42 2.79 11.47
CA GLU A 5 20.35 2.18 10.14
C GLU A 5 19.65 3.11 9.15
N PRO A 6 19.90 2.93 7.85
CA PRO A 6 19.30 3.75 6.80
C PRO A 6 17.82 3.43 6.60
N GLU A 7 17.14 4.26 5.80
CA GLU A 7 15.73 4.08 5.52
C GLU A 7 15.22 5.13 4.55
N PHE A 8 14.82 4.68 3.36
CA PHE A 8 14.32 5.59 2.33
C PHE A 8 12.94 5.15 1.84
N PRO A 9 11.87 5.52 2.56
CA PRO A 9 10.51 5.14 2.19
C PRO A 9 10.02 5.90 0.95
N VAL A 10 8.78 5.62 0.55
CA VAL A 10 8.20 6.28 -0.61
C VAL A 10 7.10 7.26 -0.20
N GLU A 11 7.33 8.53 -0.46
CA GLU A 11 6.36 9.57 -0.13
C GLU A 11 5.49 9.92 -1.33
N PRO A 12 4.25 9.39 -1.37
CA PRO A 12 3.32 9.67 -2.48
C PRO A 12 2.84 11.11 -2.50
N VAL A 13 2.00 11.44 -3.47
CA VAL A 13 1.47 12.79 -3.60
C VAL A 13 0.70 13.20 -2.35
N GLY A 14 1.34 13.98 -1.50
CA GLY A 14 0.70 14.44 -0.27
C GLY A 14 -0.42 15.42 -0.53
N GLU A 15 -0.39 16.06 -1.69
CA GLU A 15 -1.41 17.03 -2.05
C GLU A 15 -2.81 16.42 -1.99
N LYS A 16 -2.91 15.17 -2.43
CA LYS A 16 -4.18 14.45 -2.42
C LYS A 16 -3.97 12.95 -2.36
N SER A 17 -4.41 12.33 -1.26
CA SER A 17 -4.26 10.90 -1.08
C SER A 17 -5.36 10.34 -0.16
N ASN A 18 -6.24 9.54 -0.73
CA ASN A 18 -7.33 8.94 0.02
C ASN A 18 -6.82 7.77 0.86
N TYR A 19 -7.70 7.20 1.69
CA TYR A 19 -7.32 6.08 2.53
C TYR A 19 -8.37 4.97 2.47
N ILE A 20 -7.95 3.81 1.99
CA ILE A 20 -8.84 2.65 1.87
C ILE A 20 -9.08 2.01 3.24
N CYS A 21 -10.29 2.15 3.75
CA CYS A 21 -10.65 1.58 5.04
C CYS A 21 -10.92 0.08 4.90
N HIS A 22 -10.37 -0.70 5.81
CA HIS A 22 -10.55 -2.14 5.79
C HIS A 22 -10.12 -2.79 7.10
N LYS A 23 -11.11 -3.27 7.86
CA LYS A 23 -10.87 -3.92 9.15
C LYS A 23 -9.62 -3.42 9.87
N GLY A 24 -9.75 -2.28 10.54
CA GLY A 24 -8.62 -1.72 11.26
C GLY A 24 -7.45 -1.35 10.37
N HIS A 25 -7.66 -1.34 9.05
CA HIS A 25 -6.60 -1.00 8.12
C HIS A 25 -6.99 0.16 7.21
N GLU A 26 -6.07 1.10 7.03
CA GLU A 26 -6.30 2.26 6.18
C GLU A 26 -5.21 2.37 5.12
N PHE A 27 -5.30 1.53 4.10
CA PHE A 27 -4.32 1.55 3.01
C PHE A 27 -4.39 2.85 2.24
N ILE A 28 -3.32 3.15 1.51
CA ILE A 28 -3.25 4.37 0.73
C ILE A 28 -2.86 4.08 -0.71
N PRO A 29 -3.60 4.65 -1.68
CA PRO A 29 -3.33 4.45 -3.10
C PRO A 29 -2.04 5.10 -3.56
N THR A 30 -1.08 4.27 -3.97
CA THR A 30 0.20 4.77 -4.44
C THR A 30 0.85 3.78 -5.39
N LEU A 31 1.87 4.24 -6.12
CA LEU A 31 2.58 3.39 -7.06
C LEU A 31 4.00 3.12 -6.58
N TYR A 32 4.60 2.03 -7.09
CA TYR A 32 5.95 1.66 -6.69
C TYR A 32 6.79 1.29 -7.92
N HIS A 33 7.79 2.11 -8.21
CA HIS A 33 8.66 1.87 -9.35
C HIS A 33 9.78 0.89 -8.99
N PHE A 34 9.98 0.67 -7.70
CA PHE A 34 11.02 -0.24 -7.23
C PHE A 34 10.40 -1.53 -6.69
N PRO A 35 11.24 -2.53 -6.40
CA PRO A 35 10.78 -3.83 -5.88
C PRO A 35 10.10 -3.70 -4.53
N THR A 36 8.77 -3.79 -4.52
CA THR A 36 7.99 -3.71 -3.29
C THR A 36 7.28 -5.02 -3.04
N ASN A 37 7.43 -5.55 -1.83
CA ASN A 37 6.81 -6.82 -1.46
C ASN A 37 5.44 -6.60 -0.81
N CYS A 38 4.40 -7.08 -1.48
CA CYS A 38 3.04 -6.95 -0.96
C CYS A 38 2.94 -7.63 0.41
N GLU A 39 1.88 -7.32 1.15
CA GLU A 39 1.69 -7.90 2.48
C GLU A 39 0.73 -9.09 2.43
N ALA A 40 -0.26 -9.02 1.55
CA ALA A 40 -1.24 -10.09 1.41
C ALA A 40 -0.58 -11.40 0.95
N CYS A 41 -0.45 -11.57 -0.36
CA CYS A 41 0.15 -12.77 -0.92
C CYS A 41 1.68 -12.71 -0.86
N MET A 42 2.34 -13.65 -1.52
CA MET A 42 3.79 -13.71 -1.54
C MET A 42 4.34 -13.10 -2.83
N LYS A 43 3.52 -13.06 -3.87
CA LYS A 43 3.93 -12.51 -5.16
C LYS A 43 4.50 -11.09 -4.98
N PRO A 44 5.43 -10.69 -5.87
CA PRO A 44 6.05 -9.36 -5.81
C PRO A 44 5.08 -8.24 -6.20
N LEU A 45 5.42 -7.02 -5.81
CA LEU A 45 4.59 -5.87 -6.11
C LEU A 45 5.45 -4.70 -6.62
N TRP A 46 5.40 -4.47 -7.92
CA TRP A 46 6.16 -3.38 -8.54
C TRP A 46 6.03 -3.41 -10.06
N HIS A 47 6.72 -2.47 -10.72
CA HIS A 47 6.69 -2.38 -12.17
C HIS A 47 7.59 -1.25 -12.66
N MET A 48 8.17 -1.41 -13.85
CA MET A 48 9.06 -0.40 -14.41
C MET A 48 8.30 0.50 -15.38
N PHE A 49 7.54 -0.12 -16.29
CA PHE A 49 6.78 0.63 -17.28
C PHE A 49 5.53 1.26 -16.66
N LYS A 50 4.52 0.44 -16.40
CA LYS A 50 3.27 0.91 -15.82
C LYS A 50 3.05 0.31 -14.43
N PRO A 51 3.44 1.05 -13.37
CA PRO A 51 3.27 0.59 -11.99
C PRO A 51 1.80 0.42 -11.61
N PRO A 52 1.40 -0.79 -11.17
CA PRO A 52 0.02 -1.07 -10.77
C PRO A 52 -0.38 -0.30 -9.52
N PRO A 53 -1.69 -0.02 -9.36
CA PRO A 53 -2.20 0.72 -8.20
C PRO A 53 -2.03 -0.06 -6.90
N ALA A 54 -0.92 0.20 -6.21
CA ALA A 54 -0.63 -0.48 -4.95
C ALA A 54 -1.19 0.31 -3.78
N LEU A 55 -1.42 -0.37 -2.66
CA LEU A 55 -1.97 0.28 -1.47
C LEU A 55 -1.01 0.13 -0.29
N GLU A 56 -0.58 1.25 0.26
CA GLU A 56 0.34 1.25 1.39
C GLU A 56 -0.38 1.67 2.67
N CYS A 57 -0.16 0.93 3.75
CA CYS A 57 -0.78 1.24 5.04
C CYS A 57 -0.14 2.48 5.66
N ARG A 58 -0.98 3.36 6.21
CA ARG A 58 -0.49 4.57 6.84
C ARG A 58 -0.36 4.39 8.35
N ARG A 59 -0.04 3.16 8.76
CA ARG A 59 0.12 2.84 10.16
C ARG A 59 1.34 1.94 10.38
N CYS A 60 1.20 0.66 10.03
CA CYS A 60 2.30 -0.30 10.20
C CYS A 60 3.19 -0.33 8.96
N HIS A 61 2.81 0.41 7.92
CA HIS A 61 3.59 0.46 6.69
C HIS A 61 3.60 -0.89 5.98
N ILE A 62 2.62 -1.09 5.11
CA ILE A 62 2.50 -2.33 4.35
C ILE A 62 1.88 -2.08 2.99
N LYS A 63 2.49 -2.62 1.95
CA LYS A 63 1.97 -2.41 0.60
C LYS A 63 1.14 -3.61 0.15
N CYS A 64 0.12 -3.32 -0.66
CA CYS A 64 -0.77 -4.36 -1.17
C CYS A 64 -1.48 -3.87 -2.44
N HIS A 65 -1.32 -4.63 -3.53
CA HIS A 65 -1.96 -4.26 -4.79
C HIS A 65 -3.42 -3.92 -4.59
N LYS A 66 -3.87 -2.85 -5.22
CA LYS A 66 -5.26 -2.45 -5.13
C LYS A 66 -6.14 -3.64 -5.46
N ASP A 67 -5.63 -4.52 -6.33
CA ASP A 67 -6.35 -5.71 -6.77
C ASP A 67 -6.85 -6.52 -5.57
N HIS A 68 -6.00 -6.73 -4.56
CA HIS A 68 -6.41 -7.53 -3.39
C HIS A 68 -7.70 -6.97 -2.77
N MET A 69 -7.71 -5.67 -2.53
CA MET A 69 -8.88 -5.02 -1.94
C MET A 69 -10.09 -5.14 -2.86
N ASP A 70 -9.89 -4.82 -4.14
CA ASP A 70 -10.97 -4.90 -5.12
C ASP A 70 -11.51 -6.32 -5.21
N LYS A 71 -10.65 -7.30 -4.97
CA LYS A 71 -11.04 -8.70 -5.05
C LYS A 71 -11.55 -9.20 -3.70
N LYS A 72 -11.18 -8.50 -2.63
CA LYS A 72 -11.60 -8.87 -1.29
C LYS A 72 -11.03 -10.23 -0.88
N GLU A 73 -9.71 -10.36 -1.00
CA GLU A 73 -9.03 -11.61 -0.65
C GLU A 73 -8.85 -11.72 0.86
N GLU A 74 -9.31 -12.83 1.42
CA GLU A 74 -9.20 -13.07 2.86
C GLU A 74 -7.75 -12.99 3.32
N ILE A 75 -6.83 -13.21 2.38
CA ILE A 75 -5.40 -13.18 2.67
C ILE A 75 -5.01 -11.90 3.42
N ILE A 76 -5.79 -10.84 3.22
CA ILE A 76 -5.54 -9.56 3.89
C ILE A 76 -6.01 -9.61 5.33
N ALA A 77 -5.26 -8.95 6.22
CA ALA A 77 -5.61 -8.92 7.64
C ALA A 77 -5.61 -7.49 8.17
N PRO A 78 -6.23 -7.28 9.33
CA PRO A 78 -6.31 -5.96 9.97
C PRO A 78 -4.94 -5.44 10.40
N CYS A 79 -4.87 -4.15 10.72
CA CYS A 79 -3.62 -3.52 11.15
C CYS A 79 -3.25 -4.01 12.55
N LYS A 80 -1.94 -4.12 12.80
CA LYS A 80 -1.46 -4.59 14.10
C LYS A 80 -0.97 -3.43 14.98
N VAL A 81 -0.32 -2.45 14.37
CA VAL A 81 0.19 -1.31 15.12
C VAL A 81 -0.93 -0.53 15.80
N TYR A 82 -2.11 -0.55 15.18
CA TYR A 82 -3.26 0.16 15.72
C TYR A 82 -3.75 -0.51 17.02
N TYR A 83 -3.50 -1.80 17.14
CA TYR A 83 -3.91 -2.55 18.33
C TYR A 83 -2.79 -2.60 19.36
N ASP A 84 -1.63 -3.09 18.94
CA ASP A 84 -0.47 -3.19 19.83
C ASP A 84 -0.07 -1.81 20.35
ZN ZN B . -1.20 -1.55 8.94
ZN ZN C . -0.22 -9.71 -3.07
N GLU A 1 29.52 21.68 -6.34
CA GLU A 1 28.85 22.83 -7.00
C GLU A 1 27.43 22.48 -7.43
N SER A 2 27.28 21.30 -8.04
CA SER A 2 25.98 20.85 -8.50
C SER A 2 25.15 20.28 -7.34
N LYS A 3 23.84 20.49 -7.40
CA LYS A 3 22.95 20.00 -6.36
C LYS A 3 21.67 19.44 -6.97
N LYS A 4 21.31 18.23 -6.55
CA LYS A 4 20.11 17.57 -7.05
C LYS A 4 19.83 16.30 -6.27
N GLU A 5 18.55 15.97 -6.11
CA GLU A 5 18.15 14.77 -5.39
C GLU A 5 18.55 13.50 -6.15
N PRO A 6 19.27 12.58 -5.49
CA PRO A 6 19.72 11.34 -6.12
C PRO A 6 18.59 10.31 -6.21
N GLU A 7 18.51 9.60 -7.33
CA GLU A 7 17.48 8.60 -7.54
C GLU A 7 16.12 9.25 -7.61
N PHE A 8 15.33 8.86 -8.61
CA PHE A 8 14.00 9.41 -8.80
C PHE A 8 12.94 8.49 -8.17
N PRO A 9 12.63 8.69 -6.88
CA PRO A 9 11.63 7.87 -6.17
C PRO A 9 10.25 8.00 -6.79
N VAL A 10 9.23 7.51 -6.07
CA VAL A 10 7.86 7.56 -6.55
C VAL A 10 6.96 8.31 -5.56
N GLU A 11 7.02 9.63 -5.59
CA GLU A 11 6.22 10.46 -4.69
C GLU A 11 4.74 10.38 -5.07
N PRO A 12 3.90 9.80 -4.20
CA PRO A 12 2.46 9.67 -4.46
C PRO A 12 1.75 11.02 -4.46
N VAL A 13 0.42 10.97 -4.45
CA VAL A 13 -0.38 12.20 -4.46
C VAL A 13 -0.52 12.76 -3.05
N GLY A 14 0.13 13.90 -2.81
CA GLY A 14 0.07 14.52 -1.50
C GLY A 14 -1.03 15.57 -1.41
N GLU A 15 -1.33 16.21 -2.54
CA GLU A 15 -2.37 17.24 -2.59
C GLU A 15 -3.72 16.66 -2.18
N LYS A 16 -3.94 15.39 -2.52
CA LYS A 16 -5.19 14.72 -2.20
C LYS A 16 -5.06 13.20 -2.36
N SER A 17 -5.11 12.49 -1.24
CA SER A 17 -5.00 11.03 -1.26
C SER A 17 -6.05 10.39 -0.35
N ASN A 18 -6.77 9.42 -0.88
CA ASN A 18 -7.80 8.73 -0.12
C ASN A 18 -7.19 7.60 0.72
N TYR A 19 -8.02 6.97 1.55
CA TYR A 19 -7.56 5.87 2.39
C TYR A 19 -8.55 4.72 2.36
N ILE A 20 -8.10 3.56 1.87
CA ILE A 20 -8.93 2.37 1.78
C ILE A 20 -9.09 1.73 3.17
N CYS A 21 -10.31 1.81 3.71
CA CYS A 21 -10.59 1.22 5.01
C CYS A 21 -10.77 -0.29 4.89
N HIS A 22 -10.21 -1.02 5.83
CA HIS A 22 -10.30 -2.48 5.83
C HIS A 22 -9.85 -3.07 7.16
N LYS A 23 -10.82 -3.52 7.96
CA LYS A 23 -10.56 -4.13 9.27
C LYS A 23 -9.30 -3.57 9.94
N GLY A 24 -9.42 -2.40 10.54
CA GLY A 24 -8.28 -1.80 11.22
C GLY A 24 -7.17 -1.36 10.28
N HIS A 25 -7.41 -1.44 8.97
CA HIS A 25 -6.40 -1.04 8.01
C HIS A 25 -6.90 0.07 7.09
N GLU A 26 -6.08 1.11 6.92
CA GLU A 26 -6.43 2.23 6.06
C GLU A 26 -5.39 2.39 4.97
N PHE A 27 -5.36 1.44 4.04
CA PHE A 27 -4.41 1.47 2.94
C PHE A 27 -4.54 2.76 2.13
N ILE A 28 -3.51 3.08 1.38
CA ILE A 28 -3.49 4.29 0.57
C ILE A 28 -3.08 4.00 -0.86
N PRO A 29 -3.83 4.55 -1.83
CA PRO A 29 -3.54 4.34 -3.26
C PRO A 29 -2.24 5.01 -3.68
N THR A 30 -1.26 4.20 -4.03
CA THR A 30 0.03 4.71 -4.46
C THR A 30 0.74 3.72 -5.39
N LEU A 31 1.77 4.19 -6.08
CA LEU A 31 2.52 3.34 -7.00
C LEU A 31 3.92 3.07 -6.47
N TYR A 32 4.54 2.00 -6.96
CA TYR A 32 5.88 1.64 -6.54
C TYR A 32 6.76 1.31 -7.74
N HIS A 33 7.86 2.05 -7.88
CA HIS A 33 8.77 1.84 -9.00
C HIS A 33 9.87 0.84 -8.64
N PHE A 34 10.05 0.60 -7.34
CA PHE A 34 11.06 -0.33 -6.87
C PHE A 34 10.42 -1.64 -6.40
N PRO A 35 11.24 -2.66 -6.10
CA PRO A 35 10.75 -3.96 -5.63
C PRO A 35 10.04 -3.88 -4.28
N THR A 36 8.72 -3.90 -4.31
CA THR A 36 7.92 -3.84 -3.09
C THR A 36 7.18 -5.16 -2.90
N ASN A 37 7.38 -5.78 -1.74
CA ASN A 37 6.74 -7.06 -1.43
C ASN A 37 5.40 -6.83 -0.73
N CYS A 38 4.32 -7.25 -1.38
CA CYS A 38 2.99 -7.10 -0.81
C CYS A 38 2.87 -7.88 0.49
N GLU A 39 1.94 -7.47 1.35
CA GLU A 39 1.74 -8.14 2.63
C GLU A 39 0.75 -9.29 2.52
N ALA A 40 -0.27 -9.11 1.68
CA ALA A 40 -1.28 -10.14 1.48
C ALA A 40 -0.67 -11.45 0.98
N CYS A 41 -0.57 -11.58 -0.33
CA CYS A 41 0.00 -12.79 -0.94
C CYS A 41 1.53 -12.74 -0.92
N MET A 42 2.15 -13.60 -1.72
CA MET A 42 3.60 -13.66 -1.82
C MET A 42 4.11 -13.01 -3.09
N LYS A 43 3.26 -12.97 -4.12
CA LYS A 43 3.63 -12.37 -5.40
C LYS A 43 4.29 -11.00 -5.20
N PRO A 44 5.10 -10.56 -6.18
CA PRO A 44 5.78 -9.27 -6.10
C PRO A 44 4.86 -8.08 -6.34
N LEU A 45 5.24 -6.93 -5.80
CA LEU A 45 4.47 -5.71 -5.94
C LEU A 45 5.35 -4.57 -6.45
N TRP A 46 5.32 -4.31 -7.76
CA TRP A 46 6.12 -3.25 -8.36
C TRP A 46 6.03 -3.28 -9.88
N HIS A 47 6.76 -2.38 -10.52
CA HIS A 47 6.78 -2.29 -11.97
C HIS A 47 7.58 -1.06 -12.43
N MET A 48 8.47 -1.27 -13.39
CA MET A 48 9.30 -0.18 -13.91
C MET A 48 8.55 0.63 -14.96
N PHE A 49 7.97 -0.08 -15.92
CA PHE A 49 7.22 0.58 -17.00
C PHE A 49 5.93 1.20 -16.49
N LYS A 50 4.94 0.36 -16.22
CA LYS A 50 3.65 0.83 -15.73
C LYS A 50 3.36 0.26 -14.34
N PRO A 51 3.68 1.01 -13.27
CA PRO A 51 3.44 0.57 -11.90
C PRO A 51 1.95 0.44 -11.58
N PRO A 52 1.52 -0.74 -11.11
CA PRO A 52 0.12 -0.99 -10.77
C PRO A 52 -0.32 -0.24 -9.51
N PRO A 53 -1.64 0.00 -9.36
CA PRO A 53 -2.17 0.71 -8.19
C PRO A 53 -2.02 -0.11 -6.90
N ALA A 54 -0.93 0.11 -6.20
CA ALA A 54 -0.66 -0.59 -4.95
C ALA A 54 -1.17 0.23 -3.77
N LEU A 55 -1.64 -0.46 -2.73
CA LEU A 55 -2.14 0.22 -1.55
C LEU A 55 -1.18 0.10 -0.38
N GLU A 56 -0.70 1.25 0.10
CA GLU A 56 0.23 1.29 1.22
C GLU A 56 -0.48 1.66 2.51
N CYS A 57 -0.08 1.01 3.60
CA CYS A 57 -0.69 1.30 4.90
C CYS A 57 -0.08 2.55 5.52
N ARG A 58 -0.94 3.43 6.01
CA ARG A 58 -0.48 4.68 6.63
C ARG A 58 -0.33 4.51 8.15
N ARG A 59 -0.03 3.28 8.58
CA ARG A 59 0.16 2.99 10.00
C ARG A 59 1.41 2.14 10.21
N CYS A 60 1.31 0.84 9.93
CA CYS A 60 2.44 -0.07 10.10
C CYS A 60 3.39 -0.01 8.91
N HIS A 61 2.98 0.70 7.85
CA HIS A 61 3.80 0.83 6.65
C HIS A 61 3.91 -0.50 5.90
N ILE A 62 2.95 -0.75 5.02
CA ILE A 62 2.93 -1.96 4.21
C ILE A 62 2.41 -1.64 2.81
N LYS A 63 2.29 -2.65 1.97
CA LYS A 63 1.79 -2.45 0.61
C LYS A 63 1.00 -3.65 0.12
N CYS A 64 -0.05 -3.39 -0.67
CA CYS A 64 -0.87 -4.45 -1.21
C CYS A 64 -1.63 -3.97 -2.44
N HIS A 65 -1.39 -4.62 -3.58
CA HIS A 65 -2.06 -4.24 -4.85
C HIS A 65 -3.51 -3.89 -4.62
N LYS A 66 -3.96 -2.81 -5.23
CA LYS A 66 -5.34 -2.40 -5.14
C LYS A 66 -6.24 -3.57 -5.48
N ASP A 67 -5.73 -4.44 -6.36
CA ASP A 67 -6.47 -5.62 -6.80
C ASP A 67 -7.00 -6.43 -5.61
N HIS A 68 -6.15 -6.66 -4.60
CA HIS A 68 -6.57 -7.43 -3.43
C HIS A 68 -7.85 -6.86 -2.83
N MET A 69 -7.89 -5.55 -2.67
CA MET A 69 -9.06 -4.87 -2.10
C MET A 69 -10.27 -5.03 -3.01
N ASP A 70 -10.11 -4.66 -4.28
CA ASP A 70 -11.19 -4.75 -5.25
C ASP A 70 -11.73 -6.17 -5.33
N LYS A 71 -10.87 -7.15 -5.09
CA LYS A 71 -11.26 -8.55 -5.13
C LYS A 71 -11.74 -9.03 -3.77
N LYS A 72 -11.33 -8.33 -2.71
CA LYS A 72 -11.72 -8.69 -1.36
C LYS A 72 -11.20 -10.09 -0.99
N GLU A 73 -9.89 -10.18 -0.78
CA GLU A 73 -9.26 -11.45 -0.43
C GLU A 73 -9.03 -11.55 1.08
N GLU A 74 -9.51 -12.62 1.68
CA GLU A 74 -9.36 -12.84 3.11
C GLU A 74 -7.87 -12.80 3.51
N ILE A 75 -7.01 -13.08 2.54
CA ILE A 75 -5.56 -13.08 2.78
C ILE A 75 -5.11 -11.80 3.48
N ILE A 76 -5.86 -10.73 3.28
CA ILE A 76 -5.54 -9.45 3.91
C ILE A 76 -5.96 -9.44 5.38
N ALA A 77 -5.03 -9.07 6.25
CA ALA A 77 -5.31 -9.02 7.68
C ALA A 77 -5.32 -7.58 8.20
N PRO A 78 -5.88 -7.37 9.39
CA PRO A 78 -5.94 -6.04 10.01
C PRO A 78 -4.58 -5.48 10.35
N CYS A 79 -4.53 -4.19 10.68
CA CYS A 79 -3.27 -3.54 11.03
C CYS A 79 -2.76 -4.04 12.38
N LYS A 80 -1.44 -4.10 12.52
CA LYS A 80 -0.82 -4.57 13.76
C LYS A 80 -0.53 -3.42 14.72
N VAL A 81 0.05 -2.35 14.20
CA VAL A 81 0.39 -1.20 15.02
C VAL A 81 -0.86 -0.56 15.62
N TYR A 82 -1.99 -0.73 14.96
CA TYR A 82 -3.25 -0.16 15.44
C TYR A 82 -3.52 -0.54 16.88
N TYR A 83 -2.98 -1.68 17.30
CA TYR A 83 -3.16 -2.16 18.67
C TYR A 83 -2.29 -1.36 19.64
N ASP A 84 -0.99 -1.38 19.42
CA ASP A 84 -0.05 -0.66 20.27
C ASP A 84 -0.35 0.84 20.26
ZN ZN B . -0.97 -1.48 8.82
ZN ZN C . -0.40 -9.66 -3.02
N GLU A 1 -10.49 2.66 -30.14
CA GLU A 1 -10.45 2.45 -28.66
C GLU A 1 -9.77 1.12 -28.32
N SER A 2 -8.45 1.15 -28.21
CA SER A 2 -7.69 -0.05 -27.89
C SER A 2 -7.26 -0.04 -26.43
N LYS A 3 -6.39 0.91 -26.08
CA LYS A 3 -5.89 1.03 -24.71
C LYS A 3 -6.99 1.56 -23.79
N LYS A 4 -6.67 1.64 -22.49
CA LYS A 4 -7.62 2.13 -21.51
C LYS A 4 -7.96 3.60 -21.77
N GLU A 5 -8.85 4.14 -20.95
CA GLU A 5 -9.26 5.54 -21.08
C GLU A 5 -8.24 6.47 -20.44
N PRO A 6 -8.10 7.69 -20.97
CA PRO A 6 -7.14 8.68 -20.45
C PRO A 6 -7.59 9.26 -19.12
N GLU A 7 -6.75 9.12 -18.10
CA GLU A 7 -7.05 9.64 -16.77
C GLU A 7 -5.82 9.62 -15.88
N PHE A 8 -5.36 10.81 -15.51
CA PHE A 8 -4.18 10.95 -14.65
C PHE A 8 -4.51 11.69 -13.36
N PRO A 9 -4.84 10.96 -12.29
CA PRO A 9 -5.20 11.57 -10.99
C PRO A 9 -3.99 12.23 -10.33
N VAL A 10 -4.16 12.61 -9.07
CA VAL A 10 -3.09 13.26 -8.31
C VAL A 10 -1.99 12.27 -7.94
N GLU A 11 -0.75 12.69 -8.12
CA GLU A 11 0.40 11.84 -7.80
C GLU A 11 0.41 11.46 -6.32
N PRO A 12 0.17 10.18 -6.00
CA PRO A 12 0.15 9.69 -4.62
C PRO A 12 1.31 10.21 -3.79
N VAL A 13 1.29 9.91 -2.50
CA VAL A 13 2.33 10.33 -1.59
C VAL A 13 2.36 11.85 -1.46
N GLY A 14 1.20 12.48 -1.57
CA GLY A 14 1.12 13.92 -1.46
C GLY A 14 -0.07 14.37 -0.63
N GLU A 15 -0.42 15.66 -0.75
CA GLU A 15 -1.53 16.21 -0.01
C GLU A 15 -2.84 15.52 -0.39
N LYS A 16 -3.13 15.45 -1.69
CA LYS A 16 -4.34 14.82 -2.17
C LYS A 16 -4.17 13.30 -2.23
N SER A 17 -4.90 12.61 -1.35
CA SER A 17 -4.83 11.15 -1.29
C SER A 17 -5.96 10.59 -0.43
N ASN A 18 -6.45 9.41 -0.81
CA ASN A 18 -7.53 8.75 -0.09
C ASN A 18 -6.99 7.64 0.80
N TYR A 19 -7.87 7.04 1.60
CA TYR A 19 -7.46 5.96 2.49
C TYR A 19 -8.48 4.82 2.47
N ILE A 20 -8.04 3.66 2.02
CA ILE A 20 -8.91 2.49 1.94
C ILE A 20 -9.12 1.88 3.33
N CYS A 21 -10.33 2.02 3.85
CA CYS A 21 -10.67 1.48 5.16
C CYS A 21 -10.97 -0.02 5.05
N HIS A 22 -10.37 -0.80 5.93
CA HIS A 22 -10.58 -2.24 5.93
C HIS A 22 -10.09 -2.88 7.23
N LYS A 23 -11.03 -3.38 8.02
CA LYS A 23 -10.73 -4.03 9.30
C LYS A 23 -9.47 -3.47 9.97
N GLY A 24 -9.61 -2.34 10.64
CA GLY A 24 -8.48 -1.73 11.33
C GLY A 24 -7.34 -1.34 10.41
N HIS A 25 -7.59 -1.34 9.10
CA HIS A 25 -6.55 -0.98 8.14
C HIS A 25 -6.98 0.16 7.23
N GLU A 26 -6.08 1.13 7.06
CA GLU A 26 -6.35 2.29 6.23
C GLU A 26 -5.28 2.42 5.15
N PHE A 27 -5.35 1.54 4.16
CA PHE A 27 -4.39 1.54 3.06
C PHE A 27 -4.47 2.84 2.26
N ILE A 28 -3.41 3.14 1.52
CA ILE A 28 -3.37 4.36 0.73
C ILE A 28 -2.98 4.04 -0.72
N PRO A 29 -3.74 4.57 -1.69
CA PRO A 29 -3.48 4.35 -3.11
C PRO A 29 -2.22 5.04 -3.58
N THR A 30 -1.23 4.25 -4.00
CA THR A 30 0.02 4.79 -4.48
C THR A 30 0.70 3.80 -5.44
N LEU A 31 1.70 4.28 -6.17
CA LEU A 31 2.44 3.45 -7.11
C LEU A 31 3.86 3.18 -6.63
N TYR A 32 4.47 2.13 -7.14
CA TYR A 32 5.82 1.76 -6.76
C TYR A 32 6.67 1.42 -7.98
N HIS A 33 7.74 2.19 -8.18
CA HIS A 33 8.64 1.97 -9.31
C HIS A 33 9.73 0.95 -8.96
N PHE A 34 9.93 0.71 -7.67
CA PHE A 34 10.94 -0.23 -7.21
C PHE A 34 10.30 -1.49 -6.65
N PRO A 35 11.10 -2.54 -6.42
CA PRO A 35 10.60 -3.82 -5.89
C PRO A 35 9.95 -3.66 -4.51
N THR A 36 8.64 -3.82 -4.47
CA THR A 36 7.89 -3.71 -3.22
C THR A 36 7.20 -5.04 -2.91
N ASN A 37 7.44 -5.54 -1.70
CA ASN A 37 6.85 -6.81 -1.28
C ASN A 37 5.47 -6.61 -0.66
N CYS A 38 4.45 -7.18 -1.30
CA CYS A 38 3.09 -7.08 -0.80
C CYS A 38 2.93 -7.89 0.49
N GLU A 39 1.97 -7.51 1.32
CA GLU A 39 1.73 -8.19 2.59
C GLU A 39 0.72 -9.31 2.44
N ALA A 40 -0.22 -9.15 1.51
CA ALA A 40 -1.26 -10.16 1.27
C ALA A 40 -0.67 -11.47 0.76
N CYS A 41 -0.53 -11.60 -0.55
CA CYS A 41 0.02 -12.81 -1.15
C CYS A 41 1.54 -12.84 -1.06
N MET A 42 2.16 -13.75 -1.81
CA MET A 42 3.62 -13.88 -1.80
C MET A 42 4.22 -13.24 -3.05
N LYS A 43 3.44 -13.18 -4.13
CA LYS A 43 3.92 -12.59 -5.38
C LYS A 43 4.46 -11.18 -5.15
N PRO A 44 5.41 -10.74 -6.00
CA PRO A 44 6.01 -9.41 -5.89
C PRO A 44 5.03 -8.30 -6.26
N LEU A 45 5.30 -7.10 -5.76
CA LEU A 45 4.46 -5.95 -6.03
C LEU A 45 5.30 -4.76 -6.52
N TRP A 46 5.26 -4.51 -7.83
CA TRP A 46 6.01 -3.39 -8.43
C TRP A 46 5.94 -3.44 -9.94
N HIS A 47 6.64 -2.51 -10.58
CA HIS A 47 6.67 -2.42 -12.04
C HIS A 47 7.60 -1.30 -12.51
N MET A 48 8.40 -1.58 -13.52
CA MET A 48 9.34 -0.59 -14.04
C MET A 48 8.66 0.29 -15.10
N PHE A 49 7.84 -0.32 -15.94
CA PHE A 49 7.14 0.42 -17.00
C PHE A 49 5.88 1.06 -16.46
N LYS A 50 4.83 0.26 -16.26
CA LYS A 50 3.56 0.76 -15.76
C LYS A 50 3.27 0.22 -14.36
N PRO A 51 3.60 1.00 -13.31
CA PRO A 51 3.37 0.60 -11.93
C PRO A 51 1.88 0.48 -11.60
N PRO A 52 1.44 -0.71 -11.14
CA PRO A 52 0.04 -0.94 -10.80
C PRO A 52 -0.39 -0.18 -9.55
N PRO A 53 -1.70 0.05 -9.37
CA PRO A 53 -2.23 0.77 -8.21
C PRO A 53 -2.07 -0.02 -6.92
N ALA A 54 -0.98 0.25 -6.20
CA ALA A 54 -0.70 -0.43 -4.94
C ALA A 54 -1.31 0.33 -3.77
N LEU A 55 -1.45 -0.35 -2.64
CA LEU A 55 -2.01 0.27 -1.44
C LEU A 55 -1.06 0.16 -0.26
N GLU A 56 -0.59 1.32 0.22
CA GLU A 56 0.33 1.35 1.34
C GLU A 56 -0.39 1.75 2.63
N CYS A 57 -0.12 1.04 3.71
CA CYS A 57 -0.74 1.32 4.99
C CYS A 57 -0.10 2.55 5.62
N ARG A 58 -0.93 3.45 6.15
CA ARG A 58 -0.45 4.67 6.79
C ARG A 58 -0.32 4.47 8.30
N ARG A 59 -0.03 3.24 8.71
CA ARG A 59 0.13 2.92 10.12
C ARG A 59 1.35 2.02 10.35
N CYS A 60 1.22 0.75 10.02
CA CYS A 60 2.33 -0.21 10.19
C CYS A 60 3.24 -0.22 8.97
N HIS A 61 2.84 0.50 7.91
CA HIS A 61 3.62 0.56 6.68
C HIS A 61 3.65 -0.79 5.96
N ILE A 62 2.68 -0.99 5.07
CA ILE A 62 2.59 -2.22 4.30
C ILE A 62 1.94 -1.96 2.96
N LYS A 63 2.52 -2.51 1.89
CA LYS A 63 1.99 -2.31 0.56
C LYS A 63 1.18 -3.52 0.10
N CYS A 64 0.15 -3.25 -0.70
CA CYS A 64 -0.71 -4.30 -1.23
C CYS A 64 -1.45 -3.83 -2.48
N HIS A 65 -1.29 -4.55 -3.58
CA HIS A 65 -1.95 -4.19 -4.84
C HIS A 65 -3.41 -3.87 -4.62
N LYS A 66 -3.87 -2.80 -5.25
CA LYS A 66 -5.26 -2.41 -5.15
C LYS A 66 -6.14 -3.60 -5.48
N ASP A 67 -5.62 -4.47 -6.35
CA ASP A 67 -6.35 -5.67 -6.77
C ASP A 67 -6.84 -6.48 -5.57
N HIS A 68 -5.98 -6.68 -4.57
CA HIS A 68 -6.39 -7.45 -3.39
C HIS A 68 -7.64 -6.86 -2.74
N MET A 69 -7.69 -5.54 -2.65
CA MET A 69 -8.84 -4.87 -2.06
C MET A 69 -10.08 -5.03 -2.93
N ASP A 70 -9.94 -4.77 -4.22
CA ASP A 70 -11.05 -4.89 -5.16
C ASP A 70 -11.54 -6.34 -5.25
N LYS A 71 -10.63 -7.28 -5.01
CA LYS A 71 -10.97 -8.70 -5.07
C LYS A 71 -11.52 -9.21 -3.73
N LYS A 72 -11.24 -8.46 -2.66
CA LYS A 72 -11.71 -8.85 -1.33
C LYS A 72 -11.09 -10.18 -0.91
N GLU A 73 -9.77 -10.27 -1.03
CA GLU A 73 -9.05 -11.49 -0.66
C GLU A 73 -8.86 -11.59 0.85
N GLU A 74 -9.32 -12.69 1.43
CA GLU A 74 -9.20 -12.91 2.86
C GLU A 74 -7.74 -12.84 3.31
N ILE A 75 -6.84 -13.06 2.37
CA ILE A 75 -5.40 -13.03 2.66
C ILE A 75 -5.01 -11.76 3.40
N ILE A 76 -5.79 -10.70 3.21
CA ILE A 76 -5.52 -9.43 3.86
C ILE A 76 -5.98 -9.46 5.31
N ALA A 77 -5.13 -8.97 6.21
CA ALA A 77 -5.46 -8.94 7.64
C ALA A 77 -5.47 -7.52 8.17
N PRO A 78 -6.07 -7.31 9.36
CA PRO A 78 -6.15 -5.99 9.98
C PRO A 78 -4.77 -5.45 10.37
N CYS A 79 -4.72 -4.16 10.68
CA CYS A 79 -3.47 -3.52 11.08
C CYS A 79 -3.00 -4.02 12.44
N LYS A 80 -1.69 -4.10 12.62
CA LYS A 80 -1.12 -4.58 13.88
C LYS A 80 -0.77 -3.43 14.81
N VAL A 81 -0.18 -2.37 14.26
CA VAL A 81 0.21 -1.22 15.07
C VAL A 81 -1.00 -0.53 15.67
N TYR A 82 -2.15 -0.67 15.01
CA TYR A 82 -3.39 -0.06 15.48
C TYR A 82 -3.70 -0.48 16.92
N TYR A 83 -3.28 -1.68 17.28
CA TYR A 83 -3.51 -2.21 18.63
C TYR A 83 -2.57 -1.55 19.63
N ASP A 84 -1.27 -1.78 19.45
CA ASP A 84 -0.25 -1.21 20.34
C ASP A 84 -0.64 -1.41 21.81
ZN ZN B . -1.12 -1.49 8.88
ZN ZN C . -0.20 -9.67 -3.18
N GLU A 1 1.95 3.95 14.33
CA GLU A 1 2.53 5.24 14.78
C GLU A 1 1.45 6.30 14.94
N SER A 2 1.53 7.07 16.03
CA SER A 2 0.55 8.12 16.31
C SER A 2 1.13 9.49 15.98
N LYS A 3 2.11 9.92 16.75
CA LYS A 3 2.75 11.21 16.55
C LYS A 3 4.11 11.27 17.22
N LYS A 4 5.17 11.14 16.41
CA LYS A 4 6.54 11.17 16.93
C LYS A 4 7.47 11.87 15.96
N GLU A 5 8.75 11.92 16.30
CA GLU A 5 9.75 12.56 15.45
C GLU A 5 9.87 11.82 14.12
N PRO A 6 9.80 12.56 12.99
CA PRO A 6 9.91 11.96 11.65
C PRO A 6 11.35 11.60 11.30
N GLU A 7 11.50 10.80 10.25
CA GLU A 7 12.82 10.37 9.80
C GLU A 7 12.81 10.08 8.29
N PHE A 8 12.89 11.14 7.50
CA PHE A 8 12.89 10.99 6.04
C PHE A 8 11.60 10.33 5.56
N PRO A 9 10.49 11.09 5.53
CA PRO A 9 9.19 10.57 5.09
C PRO A 9 9.15 10.33 3.58
N VAL A 10 8.01 9.84 3.10
CA VAL A 10 7.84 9.57 1.68
C VAL A 10 6.48 10.05 1.19
N GLU A 11 6.49 11.06 0.33
CA GLU A 11 5.25 11.63 -0.21
C GLU A 11 4.92 10.99 -1.56
N PRO A 12 3.83 10.21 -1.62
CA PRO A 12 3.41 9.55 -2.87
C PRO A 12 2.90 10.54 -3.91
N VAL A 13 2.37 10.02 -5.01
CA VAL A 13 1.85 10.87 -6.08
C VAL A 13 0.51 11.48 -5.69
N GLY A 14 0.45 12.81 -5.71
CA GLY A 14 -0.79 13.50 -5.37
C GLY A 14 -0.76 14.07 -3.96
N GLU A 15 -1.05 15.36 -3.85
CA GLU A 15 -1.06 16.03 -2.55
C GLU A 15 -2.20 15.52 -1.68
N LYS A 16 -3.36 15.34 -2.29
CA LYS A 16 -4.54 14.85 -1.58
C LYS A 16 -4.89 13.43 -2.01
N SER A 17 -4.56 12.46 -1.15
CA SER A 17 -4.83 11.06 -1.44
C SER A 17 -5.92 10.51 -0.52
N ASN A 18 -6.61 9.47 -0.98
CA ASN A 18 -7.68 8.86 -0.21
C ASN A 18 -7.14 7.72 0.65
N TYR A 19 -8.00 7.15 1.49
CA TYR A 19 -7.60 6.06 2.36
C TYR A 19 -8.61 4.92 2.31
N ILE A 20 -8.15 3.74 1.91
CA ILE A 20 -9.00 2.56 1.84
C ILE A 20 -9.25 2.00 3.23
N CYS A 21 -10.48 2.16 3.71
CA CYS A 21 -10.86 1.67 5.03
C CYS A 21 -11.09 0.16 5.01
N HIS A 22 -10.54 -0.54 6.00
CA HIS A 22 -10.68 -1.98 6.10
C HIS A 22 -10.54 -2.45 7.54
N LYS A 23 -10.59 -3.76 7.75
CA LYS A 23 -10.47 -4.34 9.08
C LYS A 23 -9.25 -3.78 9.82
N GLY A 24 -9.46 -2.71 10.56
CA GLY A 24 -8.36 -2.10 11.30
C GLY A 24 -7.22 -1.66 10.40
N HIS A 25 -7.48 -1.58 9.10
CA HIS A 25 -6.46 -1.17 8.15
C HIS A 25 -6.92 -0.01 7.26
N GLU A 26 -6.03 0.95 7.07
CA GLU A 26 -6.31 2.12 6.24
C GLU A 26 -5.25 2.25 5.16
N PHE A 27 -5.42 1.52 4.07
CA PHE A 27 -4.47 1.54 2.97
C PHE A 27 -4.57 2.83 2.17
N ILE A 28 -3.53 3.14 1.43
CA ILE A 28 -3.48 4.36 0.63
C ILE A 28 -3.09 4.06 -0.81
N PRO A 29 -3.83 4.61 -1.78
CA PRO A 29 -3.56 4.39 -3.20
C PRO A 29 -2.27 5.07 -3.65
N THR A 30 -1.31 4.27 -4.08
CA THR A 30 -0.03 4.78 -4.54
C THR A 30 0.65 3.79 -5.49
N LEU A 31 1.67 4.27 -6.20
CA LEU A 31 2.40 3.42 -7.14
C LEU A 31 3.81 3.15 -6.61
N TYR A 32 4.41 2.06 -7.09
CA TYR A 32 5.76 1.69 -6.68
C TYR A 32 6.62 1.31 -7.87
N HIS A 33 7.70 2.05 -8.08
CA HIS A 33 8.61 1.78 -9.18
C HIS A 33 9.76 0.88 -8.74
N PHE A 34 9.90 0.69 -7.43
CA PHE A 34 10.96 -0.17 -6.88
C PHE A 34 10.37 -1.49 -6.38
N PRO A 35 11.22 -2.51 -6.21
CA PRO A 35 10.78 -3.83 -5.74
C PRO A 35 10.07 -3.77 -4.39
N THR A 36 8.74 -3.79 -4.41
CA THR A 36 7.95 -3.75 -3.19
C THR A 36 7.24 -5.09 -2.99
N ASN A 37 7.37 -5.65 -1.79
CA ASN A 37 6.76 -6.93 -1.48
C ASN A 37 5.42 -6.74 -0.77
N CYS A 38 4.34 -7.14 -1.45
CA CYS A 38 3.00 -7.03 -0.88
C CYS A 38 2.92 -7.81 0.43
N GLU A 39 1.94 -7.49 1.26
CA GLU A 39 1.77 -8.16 2.54
C GLU A 39 0.77 -9.31 2.44
N ALA A 40 -0.26 -9.13 1.63
CA ALA A 40 -1.30 -10.14 1.45
C ALA A 40 -0.70 -11.47 0.97
N CYS A 41 -0.54 -11.61 -0.34
CA CYS A 41 0.01 -12.83 -0.92
C CYS A 41 1.53 -12.82 -0.85
N MET A 42 2.16 -13.77 -1.55
CA MET A 42 3.62 -13.88 -1.55
C MET A 42 4.19 -13.61 -2.94
N LYS A 43 3.66 -12.58 -3.61
CA LYS A 43 4.13 -12.23 -4.94
C LYS A 43 4.75 -10.84 -4.95
N PRO A 44 5.63 -10.56 -5.93
CA PRO A 44 6.30 -9.26 -6.04
C PRO A 44 5.35 -8.13 -6.45
N LEU A 45 5.41 -7.02 -5.72
CA LEU A 45 4.57 -5.87 -6.01
C LEU A 45 5.41 -4.70 -6.52
N TRP A 46 5.33 -4.44 -7.82
CA TRP A 46 6.08 -3.33 -8.42
C TRP A 46 6.02 -3.41 -9.95
N HIS A 47 6.70 -2.47 -10.61
CA HIS A 47 6.73 -2.43 -12.06
C HIS A 47 7.56 -1.25 -12.55
N MET A 48 8.48 -1.52 -13.47
CA MET A 48 9.35 -0.48 -14.01
C MET A 48 8.62 0.35 -15.06
N PHE A 49 7.94 -0.32 -15.96
CA PHE A 49 7.20 0.35 -17.03
C PHE A 49 5.94 1.02 -16.50
N LYS A 50 4.94 0.20 -16.19
CA LYS A 50 3.67 0.71 -15.67
C LYS A 50 3.37 0.16 -14.28
N PRO A 51 3.72 0.90 -13.21
CA PRO A 51 3.47 0.47 -11.83
C PRO A 51 1.98 0.36 -11.53
N PRO A 52 1.53 -0.84 -11.10
CA PRO A 52 0.12 -1.07 -10.77
C PRO A 52 -0.33 -0.30 -9.54
N PRO A 53 -1.63 -0.04 -9.41
CA PRO A 53 -2.17 0.71 -8.26
C PRO A 53 -2.05 -0.08 -6.96
N ALA A 54 -0.96 0.15 -6.23
CA ALA A 54 -0.72 -0.52 -4.97
C ALA A 54 -1.32 0.28 -3.81
N LEU A 55 -1.54 -0.40 -2.69
CA LEU A 55 -2.11 0.25 -1.51
C LEU A 55 -1.14 0.16 -0.33
N GLU A 56 -0.68 1.32 0.13
CA GLU A 56 0.24 1.38 1.26
C GLU A 56 -0.47 1.77 2.55
N CYS A 57 -0.17 1.05 3.62
CA CYS A 57 -0.78 1.32 4.91
C CYS A 57 -0.18 2.57 5.54
N ARG A 58 -1.03 3.43 6.06
CA ARG A 58 -0.58 4.67 6.69
C ARG A 58 -0.44 4.49 8.20
N ARG A 59 -0.08 3.28 8.61
CA ARG A 59 0.10 2.96 10.03
C ARG A 59 1.36 2.12 10.25
N CYS A 60 1.27 0.83 9.93
CA CYS A 60 2.39 -0.09 10.09
C CYS A 60 3.29 -0.09 8.85
N HIS A 61 2.86 0.58 7.79
CA HIS A 61 3.62 0.65 6.55
C HIS A 61 3.67 -0.70 5.85
N ILE A 62 2.72 -0.91 4.94
CA ILE A 62 2.64 -2.15 4.18
C ILE A 62 1.95 -1.92 2.85
N LYS A 63 2.51 -2.47 1.78
CA LYS A 63 1.93 -2.29 0.46
C LYS A 63 1.11 -3.51 0.04
N CYS A 64 0.06 -3.25 -0.75
CA CYS A 64 -0.81 -4.31 -1.23
C CYS A 64 -1.56 -3.86 -2.49
N HIS A 65 -1.37 -4.59 -3.59
CA HIS A 65 -2.03 -4.24 -4.85
C HIS A 65 -3.49 -3.89 -4.63
N LYS A 66 -3.92 -2.81 -5.27
CA LYS A 66 -5.31 -2.38 -5.17
C LYS A 66 -6.22 -3.57 -5.49
N ASP A 67 -5.73 -4.46 -6.34
CA ASP A 67 -6.47 -5.65 -6.75
C ASP A 67 -6.98 -6.43 -5.54
N HIS A 68 -6.12 -6.64 -4.55
CA HIS A 68 -6.54 -7.40 -3.35
C HIS A 68 -7.79 -6.79 -2.72
N MET A 69 -7.77 -5.48 -2.51
CA MET A 69 -8.91 -4.78 -1.92
C MET A 69 -10.13 -4.87 -2.83
N ASP A 70 -9.94 -4.54 -4.11
CA ASP A 70 -11.03 -4.59 -5.08
C ASP A 70 -11.60 -5.99 -5.19
N LYS A 71 -10.75 -7.00 -4.97
CA LYS A 71 -11.18 -8.39 -5.05
C LYS A 71 -11.70 -8.88 -3.70
N LYS A 72 -11.32 -8.20 -2.62
CA LYS A 72 -11.75 -8.58 -1.29
C LYS A 72 -11.20 -9.95 -0.91
N GLU A 73 -9.87 -10.09 -0.93
CA GLU A 73 -9.23 -11.34 -0.59
C GLU A 73 -9.02 -11.46 0.92
N GLU A 74 -9.51 -12.57 1.48
CA GLU A 74 -9.37 -12.80 2.92
C GLU A 74 -7.91 -12.82 3.34
N ILE A 75 -7.02 -13.06 2.38
CA ILE A 75 -5.59 -13.11 2.65
C ILE A 75 -5.13 -11.88 3.43
N ILE A 76 -5.84 -10.77 3.25
CA ILE A 76 -5.50 -9.52 3.95
C ILE A 76 -5.87 -9.61 5.42
N ALA A 77 -4.98 -9.13 6.28
CA ALA A 77 -5.22 -9.14 7.72
C ALA A 77 -5.29 -7.72 8.28
N PRO A 78 -5.80 -7.58 9.51
CA PRO A 78 -5.91 -6.28 10.17
C PRO A 78 -4.55 -5.68 10.50
N CYS A 79 -4.52 -4.35 10.65
CA CYS A 79 -3.27 -3.66 10.98
C CYS A 79 -2.71 -4.17 12.30
N LYS A 80 -1.39 -4.29 12.36
CA LYS A 80 -0.72 -4.79 13.57
C LYS A 80 -0.46 -3.67 14.57
N VAL A 81 -0.01 -2.52 14.08
CA VAL A 81 0.29 -1.38 14.95
C VAL A 81 -0.97 -0.89 15.67
N TYR A 82 -2.13 -1.28 15.18
CA TYR A 82 -3.40 -0.87 15.78
C TYR A 82 -3.39 -1.10 17.30
N TYR A 83 -2.64 -2.12 17.73
CA TYR A 83 -2.55 -2.43 19.15
C TYR A 83 -1.44 -1.63 19.82
N ASP A 84 -0.22 -1.77 19.30
CA ASP A 84 0.92 -1.05 19.86
C ASP A 84 0.72 0.46 19.76
ZN ZN B . -1.02 -1.50 8.83
ZN ZN C . -0.37 -9.67 -3.02
N GLU A 1 -5.76 12.93 25.09
CA GLU A 1 -7.10 12.50 24.62
C GLU A 1 -7.04 11.17 23.89
N SER A 2 -5.90 10.91 23.25
CA SER A 2 -5.71 9.67 22.51
C SER A 2 -4.28 9.15 22.67
N LYS A 3 -3.31 10.04 22.50
CA LYS A 3 -1.91 9.68 22.64
C LYS A 3 -1.52 8.64 21.60
N LYS A 4 -0.73 9.05 20.62
CA LYS A 4 -0.28 8.15 19.56
C LYS A 4 1.20 7.85 19.69
N GLU A 5 1.60 6.64 19.26
CA GLU A 5 3.00 6.23 19.32
C GLU A 5 3.84 6.97 18.28
N PRO A 6 5.15 7.09 18.52
CA PRO A 6 6.06 7.77 17.59
C PRO A 6 6.22 7.02 16.28
N GLU A 7 5.83 7.67 15.19
CA GLU A 7 5.92 7.06 13.86
C GLU A 7 5.68 8.10 12.78
N PHE A 8 6.65 8.24 11.88
CA PHE A 8 6.56 9.21 10.79
C PHE A 8 6.23 8.50 9.48
N PRO A 9 4.93 8.38 9.14
CA PRO A 9 4.50 7.72 7.90
C PRO A 9 4.80 8.55 6.66
N VAL A 10 4.55 7.98 5.49
CA VAL A 10 4.80 8.67 4.22
C VAL A 10 3.56 8.62 3.34
N GLU A 11 2.67 9.58 3.51
CA GLU A 11 1.44 9.65 2.72
C GLU A 11 1.74 10.18 1.31
N PRO A 12 1.66 9.30 0.29
CA PRO A 12 1.92 9.69 -1.10
C PRO A 12 0.82 10.59 -1.66
N VAL A 13 0.99 11.01 -2.91
CA VAL A 13 0.01 11.86 -3.57
C VAL A 13 -0.27 13.12 -2.76
N GLY A 14 0.64 14.09 -2.85
CA GLY A 14 0.49 15.33 -2.12
C GLY A 14 -0.79 16.06 -2.48
N GLU A 15 -1.27 15.85 -3.70
CA GLU A 15 -2.49 16.50 -4.16
C GLU A 15 -3.69 16.05 -3.34
N LYS A 16 -3.97 14.76 -3.36
CA LYS A 16 -5.08 14.19 -2.61
C LYS A 16 -5.01 12.67 -2.59
N SER A 17 -4.59 12.12 -1.45
CA SER A 17 -4.46 10.68 -1.29
C SER A 17 -5.53 10.13 -0.34
N ASN A 18 -6.45 9.36 -0.89
CA ASN A 18 -7.53 8.76 -0.09
C ASN A 18 -6.99 7.63 0.76
N TYR A 19 -7.84 7.07 1.62
CA TYR A 19 -7.44 5.97 2.49
C TYR A 19 -8.46 4.85 2.48
N ILE A 20 -8.04 3.68 2.00
CA ILE A 20 -8.91 2.52 1.93
C ILE A 20 -9.11 1.90 3.32
N CYS A 21 -10.32 2.02 3.85
CA CYS A 21 -10.64 1.46 5.15
C CYS A 21 -10.92 -0.04 5.04
N HIS A 22 -10.34 -0.81 5.93
CA HIS A 22 -10.53 -2.26 5.93
C HIS A 22 -10.05 -2.90 7.24
N LYS A 23 -11.01 -3.38 8.03
CA LYS A 23 -10.72 -4.04 9.30
C LYS A 23 -9.46 -3.48 9.98
N GLY A 24 -9.60 -2.34 10.64
CA GLY A 24 -8.46 -1.74 11.34
C GLY A 24 -7.33 -1.36 10.41
N HIS A 25 -7.56 -1.36 9.10
CA HIS A 25 -6.53 -1.00 8.14
C HIS A 25 -6.96 0.14 7.24
N GLU A 26 -6.07 1.11 7.07
CA GLU A 26 -6.34 2.27 6.23
C GLU A 26 -5.29 2.39 5.13
N PHE A 27 -5.35 1.49 4.16
CA PHE A 27 -4.40 1.49 3.06
C PHE A 27 -4.48 2.79 2.25
N ILE A 28 -3.43 3.07 1.50
CA ILE A 28 -3.37 4.29 0.70
C ILE A 28 -2.99 3.98 -0.74
N PRO A 29 -3.75 4.53 -1.71
CA PRO A 29 -3.48 4.30 -3.13
C PRO A 29 -2.22 4.99 -3.61
N THR A 30 -1.25 4.20 -4.05
CA THR A 30 0.01 4.73 -4.53
C THR A 30 0.70 3.74 -5.47
N LEU A 31 1.71 4.21 -6.19
CA LEU A 31 2.45 3.36 -7.11
C LEU A 31 3.87 3.12 -6.61
N TYR A 32 4.49 2.06 -7.10
CA TYR A 32 5.86 1.72 -6.69
C TYR A 32 6.71 1.33 -7.90
N HIS A 33 7.75 2.10 -8.15
CA HIS A 33 8.65 1.83 -9.28
C HIS A 33 9.74 0.84 -8.89
N PHE A 34 9.99 0.71 -7.59
CA PHE A 34 11.02 -0.20 -7.09
C PHE A 34 10.39 -1.50 -6.60
N PRO A 35 11.23 -2.52 -6.30
CA PRO A 35 10.76 -3.81 -5.81
C PRO A 35 10.10 -3.72 -4.44
N THR A 36 8.78 -3.83 -4.41
CA THR A 36 8.04 -3.76 -3.15
C THR A 36 7.31 -5.08 -2.91
N ASN A 37 7.53 -5.68 -1.74
CA ASN A 37 6.90 -6.95 -1.39
C ASN A 37 5.55 -6.72 -0.74
N CYS A 38 4.48 -7.13 -1.42
CA CYS A 38 3.13 -6.97 -0.89
C CYS A 38 2.99 -7.74 0.43
N GLU A 39 1.93 -7.44 1.18
CA GLU A 39 1.69 -8.10 2.46
C GLU A 39 0.68 -9.24 2.32
N ALA A 40 -0.32 -9.03 1.48
CA ALA A 40 -1.36 -10.04 1.27
C ALA A 40 -0.76 -11.38 0.81
N CYS A 41 -0.53 -11.51 -0.50
CA CYS A 41 0.03 -12.74 -1.05
C CYS A 41 1.55 -12.75 -0.94
N MET A 42 2.19 -13.74 -1.55
CA MET A 42 3.63 -13.87 -1.52
C MET A 42 4.28 -13.19 -2.73
N LYS A 43 3.53 -13.12 -3.82
CA LYS A 43 4.03 -12.50 -5.05
C LYS A 43 4.53 -11.08 -4.79
N PRO A 44 5.49 -10.60 -5.60
CA PRO A 44 6.06 -9.26 -5.44
C PRO A 44 5.07 -8.16 -5.82
N LEU A 45 5.50 -6.91 -5.68
CA LEU A 45 4.66 -5.77 -6.00
C LEU A 45 5.49 -4.60 -6.52
N TRP A 46 5.48 -4.41 -7.84
CA TRP A 46 6.24 -3.32 -8.47
C TRP A 46 6.10 -3.37 -9.98
N HIS A 47 6.75 -2.41 -10.65
CA HIS A 47 6.71 -2.33 -12.10
C HIS A 47 7.50 -1.11 -12.59
N MET A 48 8.26 -1.30 -13.65
CA MET A 48 9.07 -0.21 -14.22
C MET A 48 8.32 0.52 -15.32
N PHE A 49 7.68 -0.25 -16.20
CA PHE A 49 6.94 0.33 -17.31
C PHE A 49 5.65 0.96 -16.83
N LYS A 50 4.73 0.14 -16.32
CA LYS A 50 3.45 0.64 -15.83
C LYS A 50 3.17 0.13 -14.42
N PRO A 51 3.53 0.90 -13.39
CA PRO A 51 3.31 0.52 -11.99
C PRO A 51 1.83 0.40 -11.65
N PRO A 52 1.40 -0.75 -11.11
CA PRO A 52 -0.01 -0.97 -10.75
C PRO A 52 -0.41 -0.22 -9.48
N PRO A 53 -1.71 0.08 -9.32
CA PRO A 53 -2.22 0.80 -8.15
C PRO A 53 -2.07 -0.01 -6.86
N ALA A 54 -0.99 0.24 -6.14
CA ALA A 54 -0.73 -0.47 -4.89
C ALA A 54 -1.33 0.28 -3.71
N LEU A 55 -1.55 -0.44 -2.61
CA LEU A 55 -2.12 0.16 -1.41
C LEU A 55 -1.16 0.06 -0.23
N GLU A 56 -0.64 1.20 0.20
CA GLU A 56 0.30 1.25 1.32
C GLU A 56 -0.41 1.66 2.61
N CYS A 57 -0.11 0.97 3.70
CA CYS A 57 -0.71 1.27 4.99
C CYS A 57 -0.06 2.49 5.61
N ARG A 58 -0.87 3.41 6.11
CA ARG A 58 -0.37 4.63 6.74
C ARG A 58 -0.24 4.44 8.26
N ARG A 59 0.02 3.21 8.67
CA ARG A 59 0.17 2.89 10.09
C ARG A 59 1.38 2.00 10.33
N CYS A 60 1.24 0.72 10.00
CA CYS A 60 2.33 -0.25 10.19
C CYS A 60 3.24 -0.30 8.96
N HIS A 61 2.87 0.43 7.90
CA HIS A 61 3.65 0.46 6.67
C HIS A 61 3.64 -0.90 5.97
N ILE A 62 2.69 -1.07 5.06
CA ILE A 62 2.55 -2.31 4.30
C ILE A 62 1.88 -2.04 2.96
N LYS A 63 2.45 -2.58 1.89
CA LYS A 63 1.88 -2.37 0.57
C LYS A 63 1.11 -3.59 0.08
N CYS A 64 0.07 -3.34 -0.69
CA CYS A 64 -0.76 -4.41 -1.25
C CYS A 64 -1.53 -3.91 -2.47
N HIS A 65 -1.32 -4.58 -3.60
CA HIS A 65 -1.99 -4.20 -4.86
C HIS A 65 -3.45 -3.86 -4.62
N LYS A 66 -3.90 -2.79 -5.24
CA LYS A 66 -5.29 -2.39 -5.13
C LYS A 66 -6.17 -3.58 -5.46
N ASP A 67 -5.67 -4.44 -6.35
CA ASP A 67 -6.39 -5.63 -6.77
C ASP A 67 -6.90 -6.44 -5.58
N HIS A 68 -6.03 -6.66 -4.59
CA HIS A 68 -6.43 -7.44 -3.41
C HIS A 68 -7.69 -6.85 -2.78
N MET A 69 -7.74 -5.52 -2.72
CA MET A 69 -8.90 -4.83 -2.15
C MET A 69 -10.12 -4.97 -3.04
N ASP A 70 -9.97 -4.62 -4.31
CA ASP A 70 -11.07 -4.70 -5.26
C ASP A 70 -11.58 -6.13 -5.38
N LYS A 71 -10.70 -7.09 -5.18
CA LYS A 71 -11.06 -8.50 -5.26
C LYS A 71 -11.56 -9.02 -3.92
N LYS A 72 -11.19 -8.34 -2.85
CA LYS A 72 -11.60 -8.74 -1.50
C LYS A 72 -11.07 -10.12 -1.16
N GLU A 73 -9.77 -10.21 -0.90
CA GLU A 73 -9.14 -11.48 -0.57
C GLU A 73 -8.91 -11.59 0.94
N GLU A 74 -9.35 -12.70 1.52
CA GLU A 74 -9.19 -12.94 2.95
C GLU A 74 -7.73 -12.87 3.35
N ILE A 75 -6.84 -13.08 2.38
CA ILE A 75 -5.40 -13.04 2.62
C ILE A 75 -4.99 -11.77 3.37
N ILE A 76 -5.78 -10.72 3.20
CA ILE A 76 -5.50 -9.45 3.87
C ILE A 76 -5.98 -9.49 5.32
N ALA A 77 -5.13 -8.99 6.22
CA ALA A 77 -5.48 -8.95 7.64
C ALA A 77 -5.48 -7.53 8.18
N PRO A 78 -6.07 -7.33 9.36
CA PRO A 78 -6.14 -6.01 10.00
C PRO A 78 -4.77 -5.47 10.37
N CYS A 79 -4.71 -4.18 10.69
CA CYS A 79 -3.46 -3.53 11.07
C CYS A 79 -2.98 -4.05 12.43
N LYS A 80 -1.67 -4.14 12.60
CA LYS A 80 -1.08 -4.62 13.84
C LYS A 80 -0.78 -3.46 14.79
N VAL A 81 -0.15 -2.42 14.26
CA VAL A 81 0.21 -1.24 15.05
C VAL A 81 -1.04 -0.58 15.64
N TYR A 82 -2.19 -0.81 15.02
CA TYR A 82 -3.44 -0.22 15.49
C TYR A 82 -3.67 -0.52 16.97
N TYR A 83 -3.16 -1.66 17.43
CA TYR A 83 -3.31 -2.05 18.82
C TYR A 83 -2.27 -1.34 19.70
N ASP A 84 -1.01 -1.35 19.25
CA ASP A 84 0.07 -0.71 19.99
C ASP A 84 -0.20 0.78 20.16
ZN ZN B . -1.11 -1.52 8.91
ZN ZN C . -0.20 -9.60 -3.15
N GLU A 1 -4.58 19.25 7.17
CA GLU A 1 -3.15 19.46 7.54
C GLU A 1 -2.26 18.44 6.84
N SER A 2 -0.95 18.60 7.02
CA SER A 2 0.02 17.69 6.41
C SER A 2 1.00 17.15 7.45
N LYS A 3 0.74 15.94 7.93
CA LYS A 3 1.60 15.33 8.93
C LYS A 3 2.17 14.01 8.41
N LYS A 4 3.45 13.78 8.66
CA LYS A 4 4.11 12.55 8.22
C LYS A 4 5.10 12.05 9.28
N GLU A 5 5.33 10.75 9.29
CA GLU A 5 6.25 10.15 10.25
C GLU A 5 7.70 10.54 9.93
N PRO A 6 8.49 10.87 10.97
CA PRO A 6 9.89 11.25 10.80
C PRO A 6 10.79 10.07 10.49
N GLU A 7 12.10 10.31 10.44
CA GLU A 7 13.07 9.26 10.16
C GLU A 7 12.81 8.63 8.79
N PHE A 8 13.34 9.27 7.75
CA PHE A 8 13.16 8.78 6.39
C PHE A 8 11.69 8.69 6.01
N PRO A 9 11.07 9.83 5.67
CA PRO A 9 9.66 9.88 5.28
C PRO A 9 9.40 9.25 3.92
N VAL A 10 8.13 9.19 3.53
CA VAL A 10 7.75 8.61 2.24
C VAL A 10 6.62 9.40 1.61
N GLU A 11 6.94 10.12 0.54
CA GLU A 11 5.93 10.92 -0.17
C GLU A 11 5.39 10.16 -1.37
N PRO A 12 4.14 9.66 -1.28
CA PRO A 12 3.50 8.91 -2.37
C PRO A 12 3.22 9.79 -3.59
N VAL A 13 2.43 9.26 -4.52
CA VAL A 13 2.08 10.01 -5.72
C VAL A 13 0.89 10.92 -5.48
N GLY A 14 1.13 12.23 -5.55
CA GLY A 14 0.06 13.19 -5.34
C GLY A 14 -0.07 13.61 -3.89
N GLU A 15 -0.14 14.91 -3.65
CA GLU A 15 -0.27 15.43 -2.30
C GLU A 15 -1.54 14.93 -1.63
N LYS A 16 -2.61 14.85 -2.40
CA LYS A 16 -3.89 14.37 -1.89
C LYS A 16 -4.13 12.92 -2.28
N SER A 17 -4.49 12.10 -1.29
CA SER A 17 -4.74 10.69 -1.53
C SER A 17 -5.72 10.12 -0.51
N ASN A 18 -6.79 9.49 -1.01
CA ASN A 18 -7.81 8.90 -0.15
C ASN A 18 -7.22 7.76 0.67
N TYR A 19 -8.01 7.21 1.58
CA TYR A 19 -7.57 6.11 2.42
C TYR A 19 -8.56 4.95 2.41
N ILE A 20 -8.11 3.79 1.97
CA ILE A 20 -8.95 2.60 1.92
C ILE A 20 -9.15 2.02 3.31
N CYS A 21 -10.36 2.19 3.84
CA CYS A 21 -10.68 1.69 5.17
C CYS A 21 -11.02 0.20 5.12
N HIS A 22 -10.44 -0.56 6.04
CA HIS A 22 -10.67 -1.99 6.11
C HIS A 22 -10.52 -2.49 7.54
N LYS A 23 -10.46 -3.81 7.71
CA LYS A 23 -10.32 -4.41 9.03
C LYS A 23 -9.12 -3.84 9.77
N GLY A 24 -9.35 -2.78 10.54
CA GLY A 24 -8.27 -2.15 11.27
C GLY A 24 -7.15 -1.66 10.38
N HIS A 25 -7.41 -1.59 9.08
CA HIS A 25 -6.40 -1.13 8.14
C HIS A 25 -6.87 0.03 7.29
N GLU A 26 -5.98 1.00 7.08
CA GLU A 26 -6.28 2.18 6.27
C GLU A 26 -5.23 2.34 5.18
N PHE A 27 -5.36 1.53 4.13
CA PHE A 27 -4.43 1.56 3.01
C PHE A 27 -4.55 2.85 2.22
N ILE A 28 -3.51 3.16 1.46
CA ILE A 28 -3.49 4.39 0.66
C ILE A 28 -3.09 4.08 -0.78
N PRO A 29 -3.83 4.65 -1.75
CA PRO A 29 -3.56 4.44 -3.17
C PRO A 29 -2.26 5.11 -3.62
N THR A 30 -1.29 4.30 -3.99
CA THR A 30 -0.01 4.80 -4.44
C THR A 30 0.67 3.82 -5.39
N LEU A 31 1.70 4.29 -6.09
CA LEU A 31 2.44 3.45 -7.01
C LEU A 31 3.85 3.17 -6.50
N TYR A 32 4.44 2.09 -6.99
CA TYR A 32 5.79 1.70 -6.56
C TYR A 32 6.63 1.24 -7.76
N HIS A 33 7.58 2.06 -8.15
CA HIS A 33 8.45 1.74 -9.28
C HIS A 33 9.56 0.77 -8.86
N PHE A 34 9.81 0.68 -7.55
CA PHE A 34 10.84 -0.20 -7.03
C PHE A 34 10.22 -1.50 -6.49
N PRO A 35 11.07 -2.48 -6.15
CA PRO A 35 10.60 -3.77 -5.63
C PRO A 35 9.93 -3.65 -4.26
N THR A 36 8.62 -3.83 -4.23
CA THR A 36 7.86 -3.75 -2.99
C THR A 36 7.15 -5.08 -2.74
N ASN A 37 7.39 -5.64 -1.55
CA ASN A 37 6.78 -6.92 -1.19
C ASN A 37 5.42 -6.72 -0.54
N CYS A 38 4.37 -7.16 -1.22
CA CYS A 38 3.01 -7.05 -0.69
C CYS A 38 2.87 -7.88 0.59
N GLU A 39 1.92 -7.50 1.43
CA GLU A 39 1.69 -8.21 2.69
C GLU A 39 0.66 -9.33 2.53
N ALA A 40 -0.29 -9.14 1.62
CA ALA A 40 -1.32 -10.14 1.38
C ALA A 40 -0.73 -11.45 0.88
N CYS A 41 -0.59 -11.57 -0.45
CA CYS A 41 -0.03 -12.79 -1.04
C CYS A 41 1.49 -12.81 -0.93
N MET A 42 2.11 -13.81 -1.57
CA MET A 42 3.56 -13.94 -1.55
C MET A 42 4.18 -13.28 -2.77
N LYS A 43 3.42 -13.18 -3.86
CA LYS A 43 3.90 -12.57 -5.08
C LYS A 43 4.41 -11.14 -4.82
N PRO A 44 5.40 -10.69 -5.61
CA PRO A 44 5.97 -9.35 -5.46
C PRO A 44 5.01 -8.25 -5.88
N LEU A 45 5.31 -7.02 -5.48
CA LEU A 45 4.47 -5.87 -5.81
C LEU A 45 5.32 -4.72 -6.33
N TRP A 46 5.31 -4.50 -7.64
CA TRP A 46 6.08 -3.43 -8.26
C TRP A 46 5.97 -3.48 -9.78
N HIS A 47 6.70 -2.58 -10.44
CA HIS A 47 6.70 -2.50 -11.89
C HIS A 47 7.68 -1.44 -12.38
N MET A 48 8.37 -1.73 -13.48
CA MET A 48 9.34 -0.80 -14.04
C MET A 48 8.70 0.14 -15.04
N PHE A 49 7.80 -0.39 -15.86
CA PHE A 49 7.12 0.42 -16.87
C PHE A 49 5.87 1.09 -16.29
N LYS A 50 4.80 0.32 -16.17
CA LYS A 50 3.54 0.84 -15.63
C LYS A 50 3.25 0.27 -14.25
N PRO A 51 3.59 1.01 -13.18
CA PRO A 51 3.35 0.56 -11.81
C PRO A 51 1.85 0.43 -11.50
N PRO A 52 1.40 -0.76 -11.09
CA PRO A 52 -0.01 -1.00 -10.77
C PRO A 52 -0.46 -0.23 -9.54
N PRO A 53 -1.77 0.03 -9.42
CA PRO A 53 -2.33 0.76 -8.26
C PRO A 53 -2.16 -0.02 -6.96
N ALA A 54 -1.08 0.26 -6.25
CA ALA A 54 -0.80 -0.41 -4.99
C ALA A 54 -1.41 0.36 -3.82
N LEU A 55 -1.58 -0.33 -2.70
CA LEU A 55 -2.14 0.30 -1.50
C LEU A 55 -1.18 0.20 -0.33
N GLU A 56 -0.70 1.36 0.12
CA GLU A 56 0.24 1.41 1.25
C GLU A 56 -0.47 1.80 2.54
N CYS A 57 -0.15 1.09 3.61
CA CYS A 57 -0.74 1.38 4.91
C CYS A 57 -0.12 2.61 5.54
N ARG A 58 -0.94 3.49 6.07
CA ARG A 58 -0.47 4.71 6.70
C ARG A 58 -0.33 4.53 8.20
N ARG A 59 0.00 3.31 8.62
CA ARG A 59 0.17 2.99 10.03
C ARG A 59 1.42 2.13 10.25
N CYS A 60 1.33 0.84 9.93
CA CYS A 60 2.44 -0.08 10.10
C CYS A 60 3.38 -0.05 8.90
N HIS A 61 2.91 0.55 7.80
CA HIS A 61 3.71 0.65 6.57
C HIS A 61 3.75 -0.69 5.83
N ILE A 62 2.78 -0.89 4.94
CA ILE A 62 2.70 -2.12 4.15
C ILE A 62 1.97 -1.87 2.84
N LYS A 63 2.52 -2.39 1.75
CA LYS A 63 1.90 -2.20 0.44
C LYS A 63 1.11 -3.43 0.02
N CYS A 64 0.07 -3.19 -0.77
CA CYS A 64 -0.79 -4.25 -1.28
C CYS A 64 -1.54 -3.81 -2.52
N HIS A 65 -1.35 -4.54 -3.63
CA HIS A 65 -2.01 -4.20 -4.89
C HIS A 65 -3.48 -3.89 -4.68
N LYS A 66 -3.95 -2.83 -5.31
CA LYS A 66 -5.35 -2.46 -5.22
C LYS A 66 -6.21 -3.67 -5.56
N ASP A 67 -5.68 -4.52 -6.43
CA ASP A 67 -6.38 -5.73 -6.86
C ASP A 67 -6.88 -6.53 -5.68
N HIS A 68 -6.04 -6.72 -4.65
CA HIS A 68 -6.46 -7.50 -3.47
C HIS A 68 -7.75 -6.94 -2.88
N MET A 69 -7.75 -5.64 -2.61
CA MET A 69 -8.93 -4.98 -2.05
C MET A 69 -10.10 -5.02 -3.02
N ASP A 70 -9.85 -4.64 -4.27
CA ASP A 70 -10.88 -4.64 -5.29
C ASP A 70 -11.46 -6.04 -5.50
N LYS A 71 -10.63 -7.05 -5.30
CA LYS A 71 -11.06 -8.44 -5.46
C LYS A 71 -11.66 -8.98 -4.17
N LYS A 72 -11.41 -8.31 -3.05
CA LYS A 72 -11.93 -8.73 -1.76
C LYS A 72 -11.33 -10.08 -1.36
N GLU A 73 -10.01 -10.11 -1.24
CA GLU A 73 -9.31 -11.33 -0.87
C GLU A 73 -9.29 -11.51 0.65
N GLU A 74 -9.39 -12.76 1.08
CA GLU A 74 -9.37 -13.07 2.50
C GLU A 74 -7.94 -13.39 2.97
N ILE A 75 -6.99 -12.67 2.39
CA ILE A 75 -5.58 -12.86 2.72
C ILE A 75 -5.02 -11.67 3.49
N ILE A 76 -5.68 -10.52 3.35
CA ILE A 76 -5.25 -9.31 4.04
C ILE A 76 -5.65 -9.36 5.51
N ALA A 77 -4.68 -9.19 6.40
CA ALA A 77 -4.94 -9.20 7.83
C ALA A 77 -5.04 -7.79 8.38
N PRO A 78 -5.61 -7.64 9.59
CA PRO A 78 -5.76 -6.34 10.24
C PRO A 78 -4.41 -5.69 10.54
N CYS A 79 -4.39 -4.36 10.63
CA CYS A 79 -3.16 -3.64 10.91
C CYS A 79 -2.50 -4.15 12.19
N LYS A 80 -1.18 -4.14 12.22
CA LYS A 80 -0.43 -4.62 13.38
C LYS A 80 -0.22 -3.52 14.41
N VAL A 81 -0.02 -2.29 13.94
CA VAL A 81 0.21 -1.16 14.84
C VAL A 81 -1.10 -0.54 15.32
N TYR A 82 -2.22 -1.20 15.03
CA TYR A 82 -3.53 -0.71 15.43
C TYR A 82 -3.55 -0.36 16.91
N TYR A 83 -2.76 -1.08 17.70
CA TYR A 83 -2.68 -0.85 19.14
C TYR A 83 -1.27 -0.50 19.56
N ASP A 84 -0.29 -1.20 18.99
CA ASP A 84 1.11 -0.96 19.31
C ASP A 84 1.51 0.47 19.00
ZN ZN B . -0.97 -1.45 8.82
ZN ZN C . -0.25 -9.64 -3.10
#